data_4IHG
#
_entry.id   4IHG
#
_cell.length_a   84.180
_cell.length_b   89.310
_cell.length_c   111.933
_cell.angle_alpha   104.09
_cell.angle_beta   92.58
_cell.angle_gamma   118.64
#
_symmetry.space_group_name_H-M   'P 1'
#
loop_
_entity.id
_entity.type
_entity.pdbx_description
1 polymer 'UDP-3-O-(3-hydroxymyristoyl)glucosamine N-acyltransferase'
2 polymer 'Acyl carrier protein'
3 non-polymer '3-HYDROXY-TETRADECANOIC ACID'
4 non-polymer "4'-PHOSPHOPANTETHEINE"
5 water water
#
loop_
_entity_poly.entity_id
_entity_poly.type
_entity_poly.pdbx_seq_one_letter_code
_entity_poly.pdbx_strand_id
1 'polypeptide(L)'
;MGHHHHHHASIRLADLAQQLDAELHGDGDIVITGVASMQSAQTGHITFMVNPKYREHLGLCQASAVVMTQDDLPFAKSAA
LVVKNPYLTYARMAQILDTTPQPAQNIAPSAVIDATAKLGNNVSIGANAVIESGVELGDNVIIGAGCFVGKNSKIGAGSR
LWANVTIYHEIQIGQNCLIQSGTVVGADGFGYANDRGNWVKIPQIGRVIIGDRVEIGACTTIDRGALDDTIIGNGVIIDN
QCQIAHNVVIGDNTAVAGGVIMAGSLKIGRYCMIGGASVINGHMEICDKVTVTGMGMVMRPITEPGVYSSGIPLQPNKVW
RKTAALVMNIDDMSKRLKSLERKVNQQD
;
A,B,C,D,E,F
2 'polypeptide(L)' SHMSTIEERVKKIIGEQLGVKQEEVTNNASFVEDLGADSLDTVELVMALEEEFDTEIPDEEAEKITTVQAAIDYINGHQA G,H,I,J,K,L
#
# COMPACT_ATOMS: atom_id res chain seq x y z
N HIS A 8 -16.98 -60.56 -15.65
CA HIS A 8 -16.16 -61.46 -16.52
C HIS A 8 -16.81 -61.73 -17.86
N ALA A 9 -15.99 -61.80 -18.91
CA ALA A 9 -16.45 -62.21 -20.23
C ALA A 9 -15.72 -63.45 -20.67
N SER A 10 -16.21 -64.07 -21.75
CA SER A 10 -15.59 -65.28 -22.28
C SER A 10 -16.13 -65.51 -23.68
N ILE A 11 -15.23 -65.77 -24.62
CA ILE A 11 -15.61 -65.86 -26.02
C ILE A 11 -14.60 -66.66 -26.84
N ARG A 12 -15.09 -67.43 -27.80
CA ARG A 12 -14.22 -68.21 -28.67
C ARG A 12 -13.49 -67.30 -29.63
N LEU A 13 -12.21 -67.56 -29.81
CA LEU A 13 -11.37 -66.73 -30.66
C LEU A 13 -11.95 -66.60 -32.06
N ALA A 14 -12.64 -67.66 -32.49
CA ALA A 14 -13.28 -67.69 -33.80
C ALA A 14 -14.42 -66.69 -33.88
N ASP A 15 -15.33 -66.76 -32.90
CA ASP A 15 -16.46 -65.82 -32.80
C ASP A 15 -15.97 -64.38 -32.85
N LEU A 16 -14.94 -64.10 -32.07
CA LEU A 16 -14.36 -62.77 -31.98
C LEU A 16 -13.79 -62.34 -33.33
N ALA A 17 -13.07 -63.25 -33.99
CA ALA A 17 -12.48 -62.96 -35.28
C ALA A 17 -13.57 -62.60 -36.28
N GLN A 18 -14.72 -63.25 -36.13
CA GLN A 18 -15.86 -63.02 -37.00
C GLN A 18 -16.51 -61.68 -36.69
N GLN A 19 -16.63 -61.37 -35.40
CA GLN A 19 -17.20 -60.08 -34.96
C GLN A 19 -16.31 -58.90 -35.36
N LEU A 20 -15.02 -59.17 -35.55
CA LEU A 20 -14.05 -58.16 -35.94
C LEU A 20 -13.70 -58.22 -37.42
N ASP A 21 -14.22 -59.21 -38.13
CA ASP A 21 -13.92 -59.43 -39.54
C ASP A 21 -12.41 -59.59 -39.76
N ALA A 22 -11.84 -60.61 -39.10
CA ALA A 22 -10.40 -60.83 -39.10
C ALA A 22 -10.04 -62.18 -39.69
N GLU A 23 -8.88 -62.25 -40.34
CA GLU A 23 -8.34 -63.52 -40.82
C GLU A 23 -7.67 -64.26 -39.66
N LEU A 24 -8.32 -65.31 -39.19
CA LEU A 24 -7.82 -66.06 -38.05
C LEU A 24 -6.75 -67.06 -38.46
N HIS A 25 -5.53 -66.85 -37.98
CA HIS A 25 -4.44 -67.81 -38.11
C HIS A 25 -4.19 -68.50 -36.77
N GLY A 26 -4.90 -69.58 -36.49
CA GLY A 26 -4.67 -70.34 -35.27
C GLY A 26 -5.90 -71.05 -34.76
N ASP A 27 -5.78 -71.64 -33.58
CA ASP A 27 -6.85 -72.42 -32.99
C ASP A 27 -8.08 -71.55 -32.69
N GLY A 28 -9.16 -71.77 -33.44
CA GLY A 28 -10.38 -71.00 -33.26
C GLY A 28 -11.15 -71.37 -32.01
N ASP A 29 -10.71 -72.43 -31.33
CA ASP A 29 -11.39 -72.90 -30.13
C ASP A 29 -10.80 -72.27 -28.87
N ILE A 30 -9.76 -71.45 -29.05
CA ILE A 30 -9.18 -70.71 -27.93
C ILE A 30 -10.25 -69.80 -27.34
N VAL A 31 -10.35 -69.80 -26.01
CA VAL A 31 -11.30 -68.93 -25.32
C VAL A 31 -10.59 -67.67 -24.84
N ILE A 32 -11.14 -66.52 -25.24
CA ILE A 32 -10.59 -65.22 -24.85
C ILE A 32 -11.40 -64.66 -23.68
N THR A 33 -10.71 -64.20 -22.65
CA THR A 33 -11.36 -63.70 -21.44
C THR A 33 -11.26 -62.18 -21.34
N GLY A 34 -10.35 -61.60 -22.11
CA GLY A 34 -10.16 -60.17 -22.10
C GLY A 34 -9.01 -59.72 -22.97
N VAL A 35 -8.69 -58.44 -22.85
CA VAL A 35 -7.70 -57.79 -23.70
C VAL A 35 -6.64 -57.15 -22.82
N ALA A 36 -5.39 -57.21 -23.27
CA ALA A 36 -4.26 -56.77 -22.47
C ALA A 36 -3.13 -56.26 -23.35
N SER A 37 -2.12 -55.67 -22.70
CA SER A 37 -0.92 -55.22 -23.38
C SER A 37 0.01 -56.40 -23.61
N MET A 38 0.92 -56.26 -24.57
CA MET A 38 1.90 -57.30 -24.89
C MET A 38 2.78 -57.64 -23.68
N GLN A 39 3.19 -56.60 -22.95
CA GLN A 39 4.09 -56.73 -21.82
C GLN A 39 3.44 -57.55 -20.72
N SER A 40 2.14 -57.36 -20.56
CA SER A 40 1.42 -57.85 -19.40
C SER A 40 0.41 -58.96 -19.73
N ALA A 41 0.28 -59.28 -21.01
CA ALA A 41 -0.73 -60.26 -21.44
C ALA A 41 -0.54 -61.61 -20.77
N GLN A 42 -1.64 -62.31 -20.54
CA GLN A 42 -1.63 -63.65 -20.00
C GLN A 42 -2.28 -64.63 -20.96
N THR A 43 -2.32 -65.89 -20.58
CA THR A 43 -3.06 -66.89 -21.34
C THR A 43 -4.55 -66.60 -21.15
N GLY A 44 -5.26 -66.48 -22.27
CA GLY A 44 -6.67 -66.18 -22.26
C GLY A 44 -6.91 -64.76 -22.75
N HIS A 45 -5.83 -64.02 -22.93
CA HIS A 45 -5.90 -62.63 -23.33
C HIS A 45 -5.53 -62.46 -24.79
N ILE A 46 -6.13 -61.46 -25.41
CA ILE A 46 -5.75 -61.04 -26.76
C ILE A 46 -5.11 -59.66 -26.67
N THR A 47 -4.15 -59.40 -27.55
CA THR A 47 -3.52 -58.09 -27.64
C THR A 47 -3.43 -57.70 -29.09
N PHE A 48 -2.65 -56.66 -29.37
CA PHE A 48 -2.55 -56.11 -30.71
C PHE A 48 -1.17 -55.52 -30.93
N MET A 49 -0.84 -55.25 -32.19
CA MET A 49 0.47 -54.71 -32.54
C MET A 49 0.34 -53.76 -33.72
N VAL A 50 0.81 -52.53 -33.52
CA VAL A 50 0.74 -51.49 -34.53
C VAL A 50 2.14 -51.08 -34.98
N ASN A 51 3.05 -51.00 -34.02
CA ASN A 51 4.41 -50.58 -34.32
C ASN A 51 5.25 -51.80 -34.72
N PRO A 52 5.87 -51.76 -35.92
CA PRO A 52 6.64 -52.93 -36.38
C PRO A 52 7.91 -53.17 -35.57
N LYS A 53 8.22 -52.29 -34.62
CA LYS A 53 9.37 -52.49 -33.75
C LYS A 53 9.11 -53.62 -32.76
N TYR A 54 7.84 -53.82 -32.41
CA TYR A 54 7.44 -54.88 -31.48
C TYR A 54 7.42 -56.26 -32.14
N ARG A 55 7.73 -56.32 -33.43
CA ARG A 55 7.67 -57.58 -34.17
C ARG A 55 8.61 -58.63 -33.60
N GLU A 56 9.88 -58.27 -33.54
CA GLU A 56 10.93 -59.18 -33.10
C GLU A 56 10.69 -59.64 -31.65
N HIS A 57 9.95 -58.84 -30.89
CA HIS A 57 9.65 -59.16 -29.50
C HIS A 57 8.46 -60.10 -29.32
N LEU A 58 7.67 -60.26 -30.37
CA LEU A 58 6.42 -61.03 -30.29
C LEU A 58 6.55 -62.38 -29.58
N GLY A 59 7.73 -62.97 -29.60
CA GLY A 59 7.96 -64.26 -28.95
C GLY A 59 7.92 -64.17 -27.44
N LEU A 60 8.24 -62.98 -26.91
CA LEU A 60 8.22 -62.74 -25.47
C LEU A 60 6.81 -62.70 -24.89
N CYS A 61 5.82 -62.59 -25.77
CA CYS A 61 4.45 -62.33 -25.34
C CYS A 61 3.75 -63.63 -24.92
N GLN A 62 2.90 -63.54 -23.90
CA GLN A 62 2.20 -64.68 -23.34
C GLN A 62 0.72 -64.66 -23.72
N ALA A 63 0.37 -63.74 -24.62
CA ALA A 63 -1.00 -63.64 -25.09
C ALA A 63 -1.39 -64.83 -25.95
N SER A 64 -2.65 -65.22 -25.85
CA SER A 64 -3.18 -66.34 -26.63
C SER A 64 -3.35 -65.95 -28.09
N ALA A 65 -3.46 -64.65 -28.34
CA ALA A 65 -3.64 -64.16 -29.70
C ALA A 65 -3.17 -62.71 -29.84
N VAL A 66 -2.68 -62.39 -31.03
CA VAL A 66 -2.19 -61.05 -31.36
C VAL A 66 -2.87 -60.55 -32.62
N VAL A 67 -3.43 -59.35 -32.52
CA VAL A 67 -4.04 -58.68 -33.66
C VAL A 67 -2.96 -57.91 -34.39
N MET A 68 -2.80 -58.17 -35.68
CA MET A 68 -1.73 -57.58 -36.48
C MET A 68 -2.12 -57.45 -37.94
N THR A 69 -1.12 -57.22 -38.79
CA THR A 69 -1.32 -57.09 -40.23
C THR A 69 -0.81 -58.31 -41.00
N GLN A 70 -0.94 -58.25 -42.32
CA GLN A 70 -0.47 -59.34 -43.19
C GLN A 70 1.06 -59.41 -43.15
N ASP A 71 1.69 -58.25 -43.20
CA ASP A 71 3.15 -58.17 -43.20
C ASP A 71 3.74 -58.52 -41.84
N ASP A 72 2.88 -58.62 -40.82
CA ASP A 72 3.30 -58.98 -39.47
C ASP A 72 3.26 -60.49 -39.27
N LEU A 73 2.45 -61.17 -40.07
CA LEU A 73 2.17 -62.59 -39.88
C LEU A 73 3.43 -63.47 -39.82
N PRO A 74 4.44 -63.19 -40.67
CA PRO A 74 5.67 -63.99 -40.62
C PRO A 74 6.34 -64.02 -39.24
N PHE A 75 6.28 -62.91 -38.50
CA PHE A 75 6.97 -62.79 -37.21
C PHE A 75 6.10 -63.27 -36.06
N ALA A 76 4.87 -63.68 -36.37
CA ALA A 76 3.94 -64.13 -35.35
C ALA A 76 4.46 -65.38 -34.65
N LYS A 77 4.16 -65.48 -33.36
CA LYS A 77 4.56 -66.62 -32.53
C LYS A 77 3.41 -66.97 -31.61
N SER A 78 2.20 -66.88 -32.16
CA SER A 78 0.97 -67.08 -31.44
C SER A 78 -0.15 -67.22 -32.47
N ALA A 79 -1.38 -67.37 -32.02
CA ALA A 79 -2.51 -67.29 -32.94
C ALA A 79 -2.63 -65.82 -33.38
N ALA A 80 -3.00 -65.60 -34.63
CA ALA A 80 -3.02 -64.24 -35.18
C ALA A 80 -4.36 -63.88 -35.79
N LEU A 81 -4.81 -62.66 -35.49
CA LEU A 81 -5.99 -62.08 -36.13
C LEU A 81 -5.53 -60.99 -37.08
N VAL A 82 -5.42 -61.34 -38.35
CA VAL A 82 -4.92 -60.40 -39.35
C VAL A 82 -6.03 -59.48 -39.83
N VAL A 83 -5.74 -58.19 -39.79
CA VAL A 83 -6.63 -57.15 -40.26
C VAL A 83 -5.78 -56.07 -40.92
N LYS A 84 -6.43 -55.00 -41.35
CA LYS A 84 -5.73 -53.94 -42.08
C LYS A 84 -5.43 -52.77 -41.14
N ASN A 85 -6.26 -52.61 -40.11
CA ASN A 85 -6.09 -51.55 -39.13
C ASN A 85 -6.25 -52.07 -37.70
N PRO A 86 -5.16 -52.58 -37.10
CA PRO A 86 -5.17 -53.17 -35.76
C PRO A 86 -5.70 -52.24 -34.66
N TYR A 87 -5.29 -50.98 -34.67
CA TYR A 87 -5.67 -50.04 -33.63
C TYR A 87 -7.18 -49.86 -33.58
N LEU A 88 -7.82 -50.04 -34.73
CA LEU A 88 -9.27 -49.90 -34.82
C LEU A 88 -9.95 -51.16 -34.28
N THR A 89 -9.44 -52.34 -34.66
CA THR A 89 -10.05 -53.59 -34.20
C THR A 89 -9.73 -53.78 -32.73
N TYR A 90 -8.60 -53.25 -32.28
CA TYR A 90 -8.31 -53.22 -30.86
C TYR A 90 -9.43 -52.45 -30.17
N ALA A 91 -9.78 -51.29 -30.72
CA ALA A 91 -10.82 -50.47 -30.15
C ALA A 91 -12.16 -51.22 -30.13
N ARG A 92 -12.41 -52.00 -31.17
CA ARG A 92 -13.66 -52.76 -31.26
C ARG A 92 -13.70 -53.89 -30.25
N MET A 93 -12.63 -54.68 -30.19
CA MET A 93 -12.61 -55.85 -29.33
C MET A 93 -12.48 -55.44 -27.86
N ALA A 94 -11.93 -54.25 -27.63
CA ALA A 94 -11.87 -53.69 -26.29
C ALA A 94 -13.29 -53.39 -25.80
N GLN A 95 -14.17 -53.04 -26.73
CA GLN A 95 -15.57 -52.77 -26.41
C GLN A 95 -16.34 -54.06 -26.13
N ILE A 96 -16.07 -55.10 -26.92
CA ILE A 96 -16.74 -56.38 -26.72
C ILE A 96 -16.33 -57.02 -25.39
N LEU A 97 -15.10 -56.73 -24.96
CA LEU A 97 -14.58 -57.28 -23.71
C LEU A 97 -14.44 -56.19 -22.65
N ASP A 98 -15.26 -55.15 -22.76
CA ASP A 98 -15.24 -54.05 -21.80
C ASP A 98 -15.64 -54.59 -20.42
N THR A 99 -14.97 -54.07 -19.38
CA THR A 99 -15.24 -54.45 -18.00
C THR A 99 -15.84 -53.27 -17.25
N THR A 100 -15.78 -52.09 -17.86
CA THR A 100 -16.19 -50.86 -17.21
C THR A 100 -17.62 -50.95 -16.65
N PRO A 101 -17.78 -50.77 -15.32
CA PRO A 101 -19.14 -50.80 -14.76
C PRO A 101 -19.98 -49.61 -15.20
N GLN A 102 -21.21 -49.53 -14.69
CA GLN A 102 -22.13 -48.45 -15.03
C GLN A 102 -22.09 -47.38 -13.94
N PRO A 103 -22.34 -46.11 -14.31
CA PRO A 103 -22.42 -45.04 -13.30
C PRO A 103 -23.47 -45.33 -12.24
N ALA A 104 -24.51 -46.07 -12.62
CA ALA A 104 -25.57 -46.46 -11.69
C ALA A 104 -26.51 -47.47 -12.33
N GLN A 105 -27.31 -48.12 -11.50
CA GLN A 105 -28.37 -49.02 -11.94
C GLN A 105 -29.63 -48.76 -11.14
N ASN A 106 -30.76 -48.69 -11.84
CA ASN A 106 -32.05 -48.38 -11.23
C ASN A 106 -32.07 -47.00 -10.58
N ILE A 107 -33.20 -46.65 -9.99
CA ILE A 107 -33.36 -45.38 -9.30
C ILE A 107 -32.95 -45.51 -7.85
N ALA A 108 -32.02 -44.67 -7.41
CA ALA A 108 -31.57 -44.68 -6.02
C ALA A 108 -32.61 -43.97 -5.13
N PRO A 109 -32.86 -44.50 -3.92
CA PRO A 109 -33.74 -43.81 -2.97
C PRO A 109 -33.21 -42.45 -2.53
N SER A 110 -31.90 -42.37 -2.27
CA SER A 110 -31.30 -41.14 -1.75
C SER A 110 -31.35 -40.00 -2.77
N ALA A 111 -31.57 -40.36 -4.04
CA ALA A 111 -31.62 -39.38 -5.10
C ALA A 111 -32.83 -38.46 -4.89
N VAL A 112 -32.73 -37.26 -5.45
CA VAL A 112 -33.78 -36.27 -5.34
C VAL A 112 -34.27 -35.90 -6.73
N ILE A 113 -35.43 -36.45 -7.10
CA ILE A 113 -36.01 -36.24 -8.42
C ILE A 113 -37.32 -35.49 -8.29
N ASP A 114 -37.39 -34.30 -8.88
CA ASP A 114 -38.62 -33.52 -8.85
C ASP A 114 -39.71 -34.24 -9.63
N ALA A 115 -40.96 -34.09 -9.20
CA ALA A 115 -42.07 -34.84 -9.78
C ALA A 115 -42.40 -34.36 -11.20
N THR A 116 -41.99 -33.15 -11.54
CA THR A 116 -42.17 -32.64 -12.89
C THR A 116 -41.19 -33.28 -13.87
N ALA A 117 -40.18 -33.95 -13.33
CA ALA A 117 -39.18 -34.60 -14.15
C ALA A 117 -39.79 -35.71 -15.00
N LYS A 118 -39.53 -35.66 -16.30
CA LYS A 118 -39.99 -36.68 -17.22
C LYS A 118 -38.89 -37.73 -17.43
N LEU A 119 -39.10 -38.91 -16.86
CA LEU A 119 -38.13 -40.01 -16.94
C LEU A 119 -38.55 -41.05 -17.97
N GLY A 120 -37.65 -41.33 -18.91
CA GLY A 120 -37.90 -42.32 -19.93
C GLY A 120 -37.76 -43.74 -19.40
N ASN A 121 -37.66 -44.69 -20.31
CA ASN A 121 -37.66 -46.10 -19.96
C ASN A 121 -36.26 -46.64 -19.66
N ASN A 122 -36.18 -47.54 -18.69
CA ASN A 122 -34.92 -48.13 -18.24
C ASN A 122 -33.88 -47.04 -17.95
N VAL A 123 -34.27 -46.04 -17.20
CA VAL A 123 -33.36 -44.97 -16.78
C VAL A 123 -32.85 -45.26 -15.38
N SER A 124 -31.57 -45.00 -15.16
CA SER A 124 -30.94 -45.27 -13.87
C SER A 124 -30.34 -43.99 -13.30
N ILE A 125 -30.53 -43.80 -11.99
CA ILE A 125 -30.03 -42.62 -11.30
C ILE A 125 -29.35 -43.04 -10.00
N GLY A 126 -28.11 -42.61 -9.85
CA GLY A 126 -27.28 -43.04 -8.73
C GLY A 126 -27.63 -42.34 -7.43
N ALA A 127 -26.87 -42.65 -6.39
CA ALA A 127 -27.13 -42.17 -5.03
C ALA A 127 -26.90 -40.67 -4.90
N ASN A 128 -27.80 -40.01 -4.17
CA ASN A 128 -27.68 -38.60 -3.86
C ASN A 128 -27.55 -37.69 -5.09
N ALA A 129 -27.96 -38.19 -6.24
CA ALA A 129 -28.03 -37.35 -7.43
C ALA A 129 -29.23 -36.42 -7.30
N VAL A 130 -29.22 -35.32 -8.05
CA VAL A 130 -30.25 -34.29 -7.92
C VAL A 130 -30.79 -33.86 -9.27
N ILE A 131 -32.04 -34.23 -9.55
CA ILE A 131 -32.71 -33.85 -10.79
C ILE A 131 -33.69 -32.71 -10.52
N GLU A 132 -33.54 -31.61 -11.25
CA GLU A 132 -34.33 -30.41 -11.01
C GLU A 132 -35.69 -30.55 -11.71
N SER A 133 -36.41 -29.44 -11.83
CA SER A 133 -37.72 -29.41 -12.48
C SER A 133 -37.63 -29.46 -13.99
N GLY A 134 -38.71 -29.90 -14.62
CA GLY A 134 -38.84 -29.82 -16.07
C GLY A 134 -37.82 -30.65 -16.84
N VAL A 135 -37.04 -31.46 -16.12
CA VAL A 135 -35.97 -32.23 -16.75
C VAL A 135 -36.54 -33.37 -17.59
N GLU A 136 -35.86 -33.67 -18.69
CA GLU A 136 -36.23 -34.81 -19.51
C GLU A 136 -35.04 -35.73 -19.73
N LEU A 137 -35.18 -36.98 -19.28
CA LEU A 137 -34.14 -37.99 -19.46
C LEU A 137 -34.67 -39.10 -20.37
N GLY A 138 -34.07 -39.22 -21.55
CA GLY A 138 -34.46 -40.23 -22.51
C GLY A 138 -34.21 -41.65 -22.04
N ASP A 139 -34.53 -42.63 -22.88
CA ASP A 139 -34.39 -44.03 -22.51
C ASP A 139 -32.94 -44.47 -22.37
N ASN A 140 -32.70 -45.40 -21.46
CA ASN A 140 -31.37 -46.00 -21.25
C ASN A 140 -30.33 -45.01 -20.74
N VAL A 141 -30.76 -43.82 -20.34
CA VAL A 141 -29.85 -42.82 -19.79
C VAL A 141 -29.42 -43.21 -18.39
N ILE A 142 -28.15 -42.99 -18.08
CA ILE A 142 -27.61 -43.26 -16.74
C ILE A 142 -27.03 -42.01 -16.10
N ILE A 143 -27.61 -41.58 -14.98
CA ILE A 143 -27.09 -40.44 -14.25
C ILE A 143 -26.25 -40.89 -13.06
N GLY A 144 -24.96 -40.54 -13.09
CA GLY A 144 -24.04 -40.94 -12.04
C GLY A 144 -24.41 -40.33 -10.70
N ALA A 145 -23.95 -40.97 -9.63
CA ALA A 145 -24.23 -40.53 -8.26
C ALA A 145 -23.67 -39.14 -7.99
N GLY A 146 -24.46 -38.31 -7.29
CA GLY A 146 -24.00 -37.00 -6.86
C GLY A 146 -24.06 -35.97 -7.96
N CYS A 147 -24.73 -36.31 -9.06
CA CYS A 147 -24.87 -35.39 -10.18
C CYS A 147 -25.93 -34.35 -9.87
N PHE A 148 -25.88 -33.27 -10.64
CA PHE A 148 -26.94 -32.26 -10.61
C PHE A 148 -27.31 -31.91 -12.05
N VAL A 149 -28.61 -31.96 -12.35
CA VAL A 149 -29.10 -31.57 -13.67
C VAL A 149 -30.11 -30.43 -13.53
N GLY A 150 -29.74 -29.26 -14.04
CA GLY A 150 -30.53 -28.04 -13.88
C GLY A 150 -31.91 -28.09 -14.50
N LYS A 151 -32.67 -27.00 -14.31
CA LYS A 151 -34.04 -26.90 -14.77
C LYS A 151 -34.18 -27.04 -16.28
N ASN A 152 -35.16 -27.83 -16.70
CA ASN A 152 -35.59 -27.88 -18.09
C ASN A 152 -34.54 -28.39 -19.06
N SER A 153 -33.55 -29.12 -18.53
CA SER A 153 -32.49 -29.65 -19.38
C SER A 153 -32.87 -31.02 -19.89
N LYS A 154 -32.48 -31.33 -21.12
CA LYS A 154 -32.75 -32.64 -21.71
C LYS A 154 -31.50 -33.40 -22.09
N ILE A 155 -31.45 -34.66 -21.71
CA ILE A 155 -30.35 -35.55 -22.05
C ILE A 155 -30.89 -36.70 -22.91
N GLY A 156 -30.40 -36.78 -24.14
CA GLY A 156 -30.85 -37.78 -25.09
C GLY A 156 -30.64 -39.21 -24.61
N ALA A 157 -31.33 -40.15 -25.25
CA ALA A 157 -31.27 -41.56 -24.86
C ALA A 157 -29.85 -42.13 -24.94
N GLY A 158 -29.55 -43.11 -24.10
CA GLY A 158 -28.26 -43.77 -24.15
C GLY A 158 -27.12 -42.98 -23.53
N SER A 159 -27.30 -41.67 -23.38
CA SER A 159 -26.26 -40.81 -22.82
C SER A 159 -26.01 -41.11 -21.34
N ARG A 160 -24.77 -40.93 -20.92
CA ARG A 160 -24.34 -41.37 -19.59
C ARG A 160 -23.49 -40.32 -18.87
N LEU A 161 -23.83 -40.07 -17.62
CA LEU A 161 -23.05 -39.21 -16.75
C LEU A 161 -22.40 -40.04 -15.65
N TRP A 162 -21.11 -39.84 -15.45
CA TRP A 162 -20.43 -40.46 -14.32
C TRP A 162 -20.73 -39.64 -13.07
N ALA A 163 -20.14 -40.02 -11.95
CA ALA A 163 -20.45 -39.41 -10.66
C ALA A 163 -20.06 -37.95 -10.63
N ASN A 164 -20.82 -37.17 -9.86
CA ASN A 164 -20.50 -35.76 -9.63
C ASN A 164 -20.25 -35.00 -10.92
N VAL A 165 -21.25 -34.99 -11.79
CA VAL A 165 -21.25 -34.12 -12.96
C VAL A 165 -22.30 -33.04 -12.72
N THR A 166 -22.02 -31.85 -13.21
CA THR A 166 -22.92 -30.72 -13.06
C THR A 166 -23.44 -30.25 -14.41
N ILE A 167 -24.76 -30.33 -14.59
CA ILE A 167 -25.44 -29.79 -15.75
C ILE A 167 -26.36 -28.64 -15.31
N TYR A 168 -26.21 -27.49 -15.93
CA TYR A 168 -27.03 -26.33 -15.58
C TYR A 168 -28.40 -26.42 -16.28
N HIS A 169 -29.15 -25.32 -16.20
CA HIS A 169 -30.48 -25.21 -16.79
C HIS A 169 -30.47 -25.05 -18.31
N GLU A 170 -31.58 -25.41 -18.95
CA GLU A 170 -31.77 -25.20 -20.38
C GLU A 170 -30.66 -25.82 -21.23
N ILE A 171 -29.93 -26.77 -20.67
CA ILE A 171 -28.88 -27.44 -21.41
C ILE A 171 -29.46 -28.64 -22.14
N GLN A 172 -29.05 -28.80 -23.39
CA GLN A 172 -29.53 -29.89 -24.24
C GLN A 172 -28.39 -30.76 -24.70
N ILE A 173 -28.45 -32.03 -24.32
CA ILE A 173 -27.46 -33.02 -24.73
C ILE A 173 -28.12 -34.05 -25.64
N GLY A 174 -27.45 -34.39 -26.73
CA GLY A 174 -27.94 -35.39 -27.65
C GLY A 174 -27.91 -36.77 -27.04
N GLN A 175 -27.82 -37.81 -27.87
CA GLN A 175 -27.87 -39.18 -27.39
C GLN A 175 -26.53 -39.91 -27.54
N ASN A 176 -26.35 -40.96 -26.73
CA ASN A 176 -25.13 -41.75 -26.72
C ASN A 176 -23.91 -40.92 -26.34
N CYS A 177 -24.13 -39.91 -25.49
CA CYS A 177 -23.05 -39.07 -25.01
C CYS A 177 -22.45 -39.63 -23.73
N LEU A 178 -21.25 -39.19 -23.39
CA LEU A 178 -20.58 -39.64 -22.18
C LEU A 178 -19.80 -38.51 -21.56
N ILE A 179 -20.03 -38.26 -20.27
CA ILE A 179 -19.33 -37.18 -19.57
C ILE A 179 -18.69 -37.70 -18.29
N GLN A 180 -17.39 -37.46 -18.17
CA GLN A 180 -16.65 -37.90 -16.99
C GLN A 180 -16.90 -36.96 -15.81
N SER A 181 -16.53 -37.42 -14.63
CA SER A 181 -16.79 -36.71 -13.38
C SER A 181 -16.11 -35.34 -13.31
N GLY A 182 -16.64 -34.46 -12.46
CA GLY A 182 -16.03 -33.18 -12.20
C GLY A 182 -16.36 -32.14 -13.26
N THR A 183 -16.94 -32.59 -14.36
CA THR A 183 -17.21 -31.72 -15.50
C THR A 183 -18.45 -30.86 -15.25
N VAL A 184 -18.38 -29.61 -15.71
CA VAL A 184 -19.47 -28.65 -15.59
C VAL A 184 -19.94 -28.22 -16.97
N VAL A 185 -21.25 -28.29 -17.20
CA VAL A 185 -21.83 -27.86 -18.47
C VAL A 185 -22.95 -26.85 -18.23
N GLY A 186 -22.77 -25.63 -18.73
CA GLY A 186 -23.83 -24.66 -18.78
C GLY A 186 -23.72 -23.55 -17.74
N ALA A 187 -22.51 -23.38 -17.19
CA ALA A 187 -22.26 -22.31 -16.21
C ALA A 187 -22.20 -20.96 -16.92
N ASP A 188 -22.36 -19.88 -16.16
CA ASP A 188 -22.30 -18.53 -16.72
C ASP A 188 -20.99 -18.30 -17.46
N GLY A 189 -21.08 -17.87 -18.72
CA GLY A 189 -19.91 -17.44 -19.45
C GLY A 189 -19.29 -16.25 -18.77
N PHE A 190 -18.05 -15.95 -19.09
CA PHE A 190 -17.34 -14.84 -18.46
C PHE A 190 -17.80 -13.52 -19.10
N GLY A 191 -19.02 -13.11 -18.76
CA GLY A 191 -19.63 -11.93 -19.37
C GLY A 191 -19.86 -10.81 -18.37
N TYR A 192 -19.09 -9.74 -18.51
CA TYR A 192 -19.15 -8.58 -17.61
C TYR A 192 -18.91 -7.28 -18.37
N ALA A 193 -19.72 -6.28 -18.08
CA ALA A 193 -19.55 -4.94 -18.64
C ALA A 193 -18.80 -4.07 -17.64
N ASN A 194 -17.93 -3.21 -18.15
CA ASN A 194 -17.14 -2.33 -17.30
C ASN A 194 -17.76 -0.94 -17.16
N ASP A 195 -18.02 -0.52 -15.93
CA ASP A 195 -18.53 0.81 -15.63
C ASP A 195 -17.53 1.58 -14.78
N ARG A 196 -16.65 2.33 -15.42
CA ARG A 196 -15.69 3.17 -14.72
C ARG A 196 -14.90 2.40 -13.66
N GLY A 197 -14.32 1.28 -14.08
CA GLY A 197 -13.48 0.48 -13.20
C GLY A 197 -14.19 -0.75 -12.69
N ASN A 198 -15.47 -0.60 -12.34
CA ASN A 198 -16.24 -1.72 -11.76
C ASN A 198 -16.82 -2.65 -12.82
N TRP A 199 -17.03 -3.91 -12.45
CA TRP A 199 -17.55 -4.91 -13.38
C TRP A 199 -19.03 -5.18 -13.15
N VAL A 200 -19.85 -4.82 -14.12
CA VAL A 200 -21.27 -5.11 -14.09
C VAL A 200 -21.56 -6.41 -14.84
N LYS A 201 -22.26 -7.33 -14.19
CA LYS A 201 -22.49 -8.65 -14.75
C LYS A 201 -23.41 -8.62 -15.97
N ILE A 202 -23.11 -9.50 -16.92
CA ILE A 202 -23.98 -9.73 -18.07
C ILE A 202 -24.60 -11.12 -17.93
N PRO A 203 -25.87 -11.18 -17.51
CA PRO A 203 -26.53 -12.49 -17.37
C PRO A 203 -26.47 -13.30 -18.65
N GLN A 204 -26.09 -14.57 -18.53
CA GLN A 204 -25.96 -15.43 -19.69
C GLN A 204 -27.24 -16.26 -19.84
N ILE A 205 -28.06 -15.88 -20.81
CA ILE A 205 -29.39 -16.47 -20.99
C ILE A 205 -29.42 -17.44 -22.18
N GLY A 206 -28.26 -17.62 -22.81
CA GLY A 206 -28.10 -18.59 -23.87
C GLY A 206 -27.98 -19.99 -23.27
N ARG A 207 -27.48 -20.94 -24.06
CA ARG A 207 -27.40 -22.33 -23.61
C ARG A 207 -26.17 -23.05 -24.11
N VAL A 208 -26.08 -24.32 -23.76
CA VAL A 208 -25.14 -25.25 -24.35
C VAL A 208 -25.93 -26.35 -25.08
N ILE A 209 -25.74 -26.45 -26.39
CA ILE A 209 -26.31 -27.54 -27.19
C ILE A 209 -25.23 -28.56 -27.52
N ILE A 210 -25.35 -29.77 -26.97
CA ILE A 210 -24.38 -30.82 -27.21
C ILE A 210 -25.00 -31.90 -28.10
N GLY A 211 -24.28 -32.26 -29.16
CA GLY A 211 -24.80 -33.15 -30.17
C GLY A 211 -24.88 -34.60 -29.74
N ASP A 212 -24.75 -35.52 -30.71
CA ASP A 212 -24.80 -36.95 -30.45
C ASP A 212 -23.40 -37.58 -30.38
N ARG A 213 -23.27 -38.68 -29.65
CA ARG A 213 -22.01 -39.43 -29.57
C ARG A 213 -20.84 -38.53 -29.16
N VAL A 214 -21.14 -37.55 -28.31
CA VAL A 214 -20.13 -36.63 -27.80
C VAL A 214 -19.57 -37.13 -26.48
N GLU A 215 -18.24 -37.16 -26.36
CA GLU A 215 -17.59 -37.59 -25.13
C GLU A 215 -16.78 -36.46 -24.50
N ILE A 216 -17.05 -36.18 -23.23
CA ILE A 216 -16.38 -35.10 -22.52
C ILE A 216 -15.61 -35.61 -21.30
N GLY A 217 -14.38 -35.11 -21.15
CA GLY A 217 -13.49 -35.54 -20.10
C GLY A 217 -13.83 -34.95 -18.74
N ALA A 218 -12.94 -35.10 -17.77
CA ALA A 218 -13.20 -34.72 -16.39
C ALA A 218 -12.73 -33.30 -16.06
N CYS A 219 -13.44 -32.64 -15.15
CA CYS A 219 -13.12 -31.26 -14.73
C CYS A 219 -12.94 -30.34 -15.94
N THR A 220 -13.82 -30.48 -16.92
CA THR A 220 -13.85 -29.59 -18.07
C THR A 220 -15.07 -28.68 -17.90
N THR A 221 -14.96 -27.45 -18.39
CA THR A 221 -16.04 -26.49 -18.25
C THR A 221 -16.48 -25.98 -19.62
N ILE A 222 -17.77 -26.14 -19.91
CA ILE A 222 -18.37 -25.64 -21.13
C ILE A 222 -19.47 -24.65 -20.76
N ASP A 223 -19.19 -23.36 -20.98
CA ASP A 223 -20.11 -22.31 -20.55
C ASP A 223 -21.27 -22.09 -21.53
N ARG A 224 -22.40 -21.66 -20.99
CA ARG A 224 -23.55 -21.29 -21.80
C ARG A 224 -23.27 -19.99 -22.54
N GLY A 225 -23.87 -19.83 -23.71
CA GLY A 225 -23.78 -18.59 -24.46
C GLY A 225 -24.42 -17.42 -23.72
N ALA A 226 -24.02 -16.21 -24.11
CA ALA A 226 -24.56 -14.99 -23.52
C ALA A 226 -26.02 -14.79 -23.94
N LEU A 227 -26.26 -14.90 -25.25
CA LEU A 227 -27.60 -14.76 -25.80
C LEU A 227 -27.90 -15.92 -26.72
N ASP A 228 -27.07 -16.08 -27.75
CA ASP A 228 -27.11 -17.27 -28.59
C ASP A 228 -26.46 -18.43 -27.85
N ASP A 229 -26.22 -19.54 -28.53
CA ASP A 229 -25.86 -20.77 -27.86
C ASP A 229 -24.42 -21.23 -28.09
N THR A 230 -23.91 -21.92 -27.08
CA THR A 230 -22.65 -22.64 -27.17
C THR A 230 -22.96 -24.01 -27.76
N ILE A 231 -22.31 -24.38 -28.86
CA ILE A 231 -22.70 -25.58 -29.61
C ILE A 231 -21.56 -26.58 -29.79
N ILE A 232 -21.81 -27.80 -29.34
CA ILE A 232 -20.85 -28.88 -29.52
C ILE A 232 -21.41 -29.88 -30.54
N GLY A 233 -20.74 -29.98 -31.69
CA GLY A 233 -21.17 -30.87 -32.76
C GLY A 233 -21.12 -32.35 -32.39
N ASN A 234 -21.56 -33.19 -33.32
CA ASN A 234 -21.63 -34.63 -33.11
C ASN A 234 -20.29 -35.33 -33.24
N GLY A 235 -20.08 -36.37 -32.44
CA GLY A 235 -18.89 -37.18 -32.53
C GLY A 235 -17.68 -36.48 -31.95
N VAL A 236 -17.89 -35.30 -31.38
CA VAL A 236 -16.81 -34.52 -30.80
C VAL A 236 -16.31 -35.19 -29.52
N ILE A 237 -15.00 -35.17 -29.32
CA ILE A 237 -14.37 -35.69 -28.10
C ILE A 237 -13.54 -34.61 -27.43
N ILE A 238 -13.77 -34.40 -26.14
CA ILE A 238 -13.06 -33.37 -25.39
C ILE A 238 -12.44 -33.98 -24.14
N ASP A 239 -11.15 -33.71 -23.95
CA ASP A 239 -10.40 -34.29 -22.84
C ASP A 239 -10.60 -33.47 -21.57
N ASN A 240 -9.82 -33.78 -20.53
CA ASN A 240 -9.92 -33.13 -19.22
C ASN A 240 -9.35 -31.72 -19.16
N GLN A 241 -9.77 -30.98 -18.14
CA GLN A 241 -9.21 -29.68 -17.79
C GLN A 241 -9.36 -28.64 -18.90
N CYS A 242 -10.32 -28.85 -19.80
CA CYS A 242 -10.56 -27.92 -20.90
C CYS A 242 -11.52 -26.81 -20.50
N GLN A 243 -11.40 -25.67 -21.16
CA GLN A 243 -12.32 -24.56 -20.95
C GLN A 243 -12.91 -24.14 -22.29
N ILE A 244 -14.20 -24.44 -22.47
CA ILE A 244 -14.94 -24.01 -23.64
C ILE A 244 -15.77 -22.78 -23.28
N ALA A 245 -15.35 -21.63 -23.80
CA ALA A 245 -15.99 -20.36 -23.49
C ALA A 245 -17.44 -20.32 -23.98
N HIS A 246 -18.13 -19.24 -23.63
CA HIS A 246 -19.49 -19.03 -24.12
C HIS A 246 -19.47 -18.76 -25.62
N ASN A 247 -20.49 -19.30 -26.30
CA ASN A 247 -20.71 -19.08 -27.73
C ASN A 247 -19.61 -19.68 -28.57
N VAL A 248 -19.00 -20.75 -28.07
CA VAL A 248 -18.08 -21.51 -28.88
C VAL A 248 -18.86 -22.52 -29.72
N VAL A 249 -18.50 -22.61 -30.98
CA VAL A 249 -19.07 -23.62 -31.88
C VAL A 249 -17.97 -24.56 -32.31
N ILE A 250 -18.15 -25.85 -32.05
CA ILE A 250 -17.19 -26.86 -32.48
C ILE A 250 -17.85 -27.85 -33.44
N GLY A 251 -17.21 -28.03 -34.59
CA GLY A 251 -17.74 -28.87 -35.65
C GLY A 251 -17.69 -30.35 -35.33
N ASP A 252 -18.45 -31.12 -36.11
CA ASP A 252 -18.53 -32.57 -35.92
C ASP A 252 -17.16 -33.23 -35.95
N ASN A 253 -16.97 -34.25 -35.11
CA ASN A 253 -15.80 -35.12 -35.15
C ASN A 253 -14.47 -34.43 -34.80
N THR A 254 -14.54 -33.20 -34.33
CA THR A 254 -13.33 -32.50 -33.90
C THR A 254 -12.90 -33.03 -32.54
N ALA A 255 -11.59 -33.03 -32.30
CA ALA A 255 -11.03 -33.52 -31.05
C ALA A 255 -10.31 -32.38 -30.32
N VAL A 256 -10.51 -32.31 -29.01
CA VAL A 256 -9.85 -31.33 -28.17
C VAL A 256 -9.16 -32.04 -27.02
N ALA A 257 -7.83 -32.06 -27.05
CA ALA A 257 -7.06 -32.74 -26.00
C ALA A 257 -7.01 -31.90 -24.73
N GLY A 258 -6.38 -32.45 -23.68
CA GLY A 258 -6.50 -31.87 -22.36
C GLY A 258 -5.92 -30.48 -22.19
N GLY A 259 -6.57 -29.67 -21.35
CA GLY A 259 -6.00 -28.43 -20.89
C GLY A 259 -6.06 -27.30 -21.89
N VAL A 260 -6.95 -27.41 -22.87
CA VAL A 260 -7.09 -26.37 -23.88
C VAL A 260 -7.98 -25.23 -23.39
N ILE A 261 -7.54 -24.00 -23.62
CA ILE A 261 -8.29 -22.81 -23.21
C ILE A 261 -8.89 -22.12 -24.42
N MET A 262 -10.20 -22.26 -24.61
CA MET A 262 -10.89 -21.63 -25.73
C MET A 262 -11.54 -20.33 -25.34
N ALA A 263 -11.39 -19.31 -26.19
CA ALA A 263 -11.99 -18.01 -25.93
C ALA A 263 -13.42 -18.00 -26.43
N GLY A 264 -14.13 -16.92 -26.10
CA GLY A 264 -15.54 -16.77 -26.48
C GLY A 264 -15.72 -16.54 -27.97
N SER A 265 -16.83 -17.04 -28.51
CA SER A 265 -17.19 -16.85 -29.91
C SER A 265 -16.13 -17.41 -30.86
N LEU A 266 -15.54 -18.52 -30.45
CA LEU A 266 -14.59 -19.23 -31.29
C LEU A 266 -15.35 -20.28 -32.08
N LYS A 267 -15.08 -20.36 -33.39
CA LYS A 267 -15.71 -21.38 -34.22
C LYS A 267 -14.64 -22.34 -34.75
N ILE A 268 -14.77 -23.62 -34.39
CA ILE A 268 -13.89 -24.67 -34.90
C ILE A 268 -14.67 -25.55 -35.87
N GLY A 269 -14.09 -25.79 -37.05
CA GLY A 269 -14.74 -26.57 -38.09
C GLY A 269 -14.82 -28.04 -37.76
N ARG A 270 -15.00 -28.86 -38.78
CA ARG A 270 -15.10 -30.31 -38.61
C ARG A 270 -13.73 -30.98 -38.71
N TYR A 271 -13.60 -32.15 -38.10
CA TYR A 271 -12.40 -32.98 -38.24
C TYR A 271 -11.11 -32.24 -37.87
N CYS A 272 -11.15 -31.44 -36.82
CA CYS A 272 -9.95 -30.75 -36.35
C CYS A 272 -9.36 -31.48 -35.15
N MET A 273 -8.09 -31.25 -34.89
CA MET A 273 -7.43 -31.82 -33.72
C MET A 273 -6.67 -30.74 -32.98
N ILE A 274 -7.24 -30.30 -31.85
CA ILE A 274 -6.62 -29.28 -31.05
C ILE A 274 -5.77 -29.93 -29.96
N GLY A 275 -4.45 -29.77 -30.11
CA GLY A 275 -3.49 -30.33 -29.18
C GLY A 275 -3.62 -29.78 -27.78
N GLY A 276 -3.25 -30.59 -26.80
CA GLY A 276 -3.43 -30.22 -25.41
C GLY A 276 -2.67 -28.97 -25.04
N ALA A 277 -3.14 -28.28 -24.00
CA ALA A 277 -2.50 -27.06 -23.48
C ALA A 277 -2.43 -25.95 -24.54
N SER A 278 -3.20 -26.08 -25.61
CA SER A 278 -3.26 -25.03 -26.62
C SER A 278 -4.17 -23.91 -26.11
N VAL A 279 -3.93 -22.70 -26.60
CA VAL A 279 -4.67 -21.53 -26.15
C VAL A 279 -5.16 -20.78 -27.36
N ILE A 280 -6.48 -20.75 -27.52
CA ILE A 280 -7.09 -20.22 -28.74
C ILE A 280 -7.87 -18.94 -28.48
N ASN A 281 -7.57 -17.93 -29.29
CA ASN A 281 -8.22 -16.63 -29.17
C ASN A 281 -9.67 -16.70 -29.64
N GLY A 282 -10.44 -15.64 -29.38
CA GLY A 282 -11.87 -15.65 -29.63
C GLY A 282 -12.30 -14.82 -30.82
N HIS A 283 -13.61 -14.83 -31.09
CA HIS A 283 -14.21 -14.07 -32.17
C HIS A 283 -13.46 -14.30 -33.48
N MET A 284 -13.30 -15.57 -33.83
CA MET A 284 -12.59 -15.97 -35.04
C MET A 284 -12.98 -17.39 -35.43
N GLU A 285 -12.38 -17.89 -36.50
CA GLU A 285 -12.79 -19.15 -37.09
C GLU A 285 -11.59 -20.00 -37.47
N ILE A 286 -11.70 -21.29 -37.18
CA ILE A 286 -10.74 -22.29 -37.64
C ILE A 286 -11.47 -23.17 -38.64
N CYS A 287 -10.86 -23.35 -39.82
CA CYS A 287 -11.52 -24.10 -40.90
C CYS A 287 -11.46 -25.60 -40.63
N ASP A 288 -11.91 -26.39 -41.61
CA ASP A 288 -11.94 -27.84 -41.47
C ASP A 288 -10.55 -28.46 -41.60
N LYS A 289 -10.41 -29.66 -41.04
CA LYS A 289 -9.19 -30.46 -41.19
C LYS A 289 -7.95 -29.70 -40.71
N VAL A 290 -8.09 -28.96 -39.61
CA VAL A 290 -6.94 -28.26 -39.01
C VAL A 290 -6.44 -28.99 -37.78
N THR A 291 -5.12 -29.13 -37.70
CA THR A 291 -4.46 -29.77 -36.57
C THR A 291 -3.54 -28.77 -35.89
N VAL A 292 -3.81 -28.49 -34.62
CA VAL A 292 -2.97 -27.59 -33.84
C VAL A 292 -2.14 -28.40 -32.85
N THR A 293 -0.82 -28.36 -33.01
CA THR A 293 0.07 -29.10 -32.12
C THR A 293 0.03 -28.53 -30.71
N GLY A 294 0.52 -29.31 -29.75
CA GLY A 294 0.44 -28.97 -28.34
C GLY A 294 1.04 -27.63 -27.99
N MET A 295 0.49 -27.03 -26.93
CA MET A 295 0.93 -25.72 -26.44
C MET A 295 0.77 -24.64 -27.51
N GLY A 296 -0.18 -24.87 -28.42
CA GLY A 296 -0.43 -23.94 -29.51
C GLY A 296 -0.89 -22.59 -29.02
N MET A 297 -0.40 -21.55 -29.67
CA MET A 297 -0.77 -20.18 -29.35
C MET A 297 -1.58 -19.63 -30.52
N VAL A 298 -2.84 -20.04 -30.60
CA VAL A 298 -3.68 -19.73 -31.75
C VAL A 298 -4.22 -18.30 -31.61
N MET A 299 -3.39 -17.34 -32.02
CA MET A 299 -3.71 -15.93 -31.90
C MET A 299 -4.63 -15.43 -33.00
N ARG A 300 -4.62 -16.11 -34.14
CA ARG A 300 -5.32 -15.63 -35.34
C ARG A 300 -6.14 -16.73 -36.01
N PRO A 301 -7.04 -16.35 -36.92
CA PRO A 301 -7.84 -17.35 -37.63
C PRO A 301 -7.02 -18.26 -38.54
N ILE A 302 -7.53 -19.46 -38.78
CA ILE A 302 -6.94 -20.41 -39.72
C ILE A 302 -7.92 -20.65 -40.86
N THR A 303 -7.46 -20.43 -42.08
CA THR A 303 -8.34 -20.44 -43.24
C THR A 303 -8.10 -21.68 -44.13
N GLU A 304 -6.90 -22.23 -44.07
CA GLU A 304 -6.54 -23.39 -44.86
C GLU A 304 -6.26 -24.60 -43.97
N PRO A 305 -6.70 -25.79 -44.39
CA PRO A 305 -6.41 -26.99 -43.60
C PRO A 305 -4.91 -27.25 -43.50
N GLY A 306 -4.51 -28.03 -42.50
CA GLY A 306 -3.12 -28.38 -42.32
C GLY A 306 -2.70 -28.36 -40.86
N VAL A 307 -1.41 -28.60 -40.64
CA VAL A 307 -0.83 -28.64 -39.30
C VAL A 307 -0.21 -27.29 -38.97
N TYR A 308 -0.46 -26.80 -37.76
CA TYR A 308 0.07 -25.52 -37.32
C TYR A 308 0.67 -25.66 -35.92
N SER A 309 1.78 -24.97 -35.68
CA SER A 309 2.52 -25.14 -34.45
C SER A 309 3.12 -23.84 -33.92
N SER A 310 3.47 -23.83 -32.64
CA SER A 310 4.16 -22.72 -32.02
C SER A 310 4.84 -23.18 -30.74
N GLY A 311 5.86 -22.44 -30.31
CA GLY A 311 6.54 -22.73 -29.05
C GLY A 311 7.97 -23.17 -29.25
N ILE A 312 8.85 -22.63 -28.41
CA ILE A 312 10.27 -23.01 -28.41
C ILE A 312 10.49 -23.98 -27.24
N PRO A 313 10.92 -25.22 -27.52
CA PRO A 313 10.98 -26.21 -26.44
C PRO A 313 12.08 -25.96 -25.43
N LEU A 314 12.26 -26.91 -24.51
CA LEU A 314 13.21 -26.77 -23.42
C LEU A 314 14.66 -26.74 -23.87
N GLN A 315 15.46 -26.08 -23.05
CA GLN A 315 16.90 -26.10 -23.14
C GLN A 315 17.43 -26.18 -21.71
N PRO A 316 18.70 -26.57 -21.53
CA PRO A 316 19.26 -26.42 -20.19
C PRO A 316 19.15 -24.97 -19.72
N ASN A 317 18.81 -24.79 -18.44
CA ASN A 317 18.49 -23.48 -17.89
C ASN A 317 19.49 -22.39 -18.28
N LYS A 318 20.78 -22.64 -18.06
CA LYS A 318 21.82 -21.66 -18.38
C LYS A 318 21.79 -21.26 -19.85
N VAL A 319 21.43 -22.21 -20.71
CA VAL A 319 21.35 -21.94 -22.15
C VAL A 319 20.13 -21.08 -22.46
N TRP A 320 19.02 -21.37 -21.78
CA TRP A 320 17.77 -20.68 -21.98
C TRP A 320 17.85 -19.22 -21.53
N ARG A 321 18.57 -18.97 -20.45
CA ARG A 321 18.76 -17.61 -19.95
C ARG A 321 19.30 -16.71 -21.05
N LYS A 322 20.21 -17.27 -21.85
CA LYS A 322 20.88 -16.53 -22.90
C LYS A 322 20.04 -16.50 -24.17
N THR A 323 19.34 -17.60 -24.43
CA THR A 323 18.42 -17.68 -25.55
C THR A 323 17.30 -16.66 -25.33
N ALA A 324 16.73 -16.67 -24.14
CA ALA A 324 15.65 -15.75 -23.78
C ALA A 324 16.08 -14.29 -23.94
N ALA A 325 17.14 -13.93 -23.23
CA ALA A 325 17.65 -12.57 -23.22
C ALA A 325 17.91 -12.04 -24.63
N LEU A 326 18.33 -12.94 -25.52
CA LEU A 326 18.64 -12.57 -26.89
C LEU A 326 17.38 -12.29 -27.71
N VAL A 327 16.36 -13.12 -27.54
CA VAL A 327 15.12 -12.95 -28.28
C VAL A 327 14.46 -11.65 -27.86
N MET A 328 14.64 -11.26 -26.60
CA MET A 328 14.12 -9.99 -26.13
C MET A 328 14.76 -8.83 -26.89
N ASN A 329 16.06 -8.97 -27.14
CA ASN A 329 16.85 -7.92 -27.78
C ASN A 329 16.94 -8.13 -29.29
N ILE A 330 15.88 -8.69 -29.89
CA ILE A 330 15.90 -9.06 -31.29
C ILE A 330 15.76 -7.86 -32.22
N ASP A 331 15.07 -6.82 -31.76
CA ASP A 331 14.94 -5.60 -32.54
C ASP A 331 16.31 -4.94 -32.64
N ASP A 332 17.15 -5.16 -31.63
CA ASP A 332 18.52 -4.65 -31.61
C ASP A 332 19.34 -5.31 -32.71
N MET A 333 19.17 -6.63 -32.84
CA MET A 333 19.85 -7.40 -33.87
C MET A 333 19.58 -6.89 -35.27
N SER A 334 18.30 -6.72 -35.58
CA SER A 334 17.87 -6.36 -36.93
C SER A 334 18.27 -4.93 -37.29
N LYS A 335 18.62 -4.13 -36.29
CA LYS A 335 19.09 -2.76 -36.53
C LYS A 335 20.59 -2.76 -36.82
N ARG A 336 21.31 -3.66 -36.17
CA ARG A 336 22.74 -3.84 -36.41
C ARG A 336 22.97 -4.45 -37.78
N LEU A 337 22.19 -5.48 -38.09
CA LEU A 337 22.30 -6.18 -39.37
C LEU A 337 22.01 -5.24 -40.53
N LYS A 338 20.95 -4.46 -40.40
CA LYS A 338 20.53 -3.54 -41.45
C LYS A 338 21.59 -2.46 -41.66
N SER A 339 22.23 -2.04 -40.58
CA SER A 339 23.31 -1.05 -40.65
C SER A 339 24.55 -1.69 -41.27
N LEU A 340 24.56 -3.01 -41.33
CA LEU A 340 25.65 -3.76 -41.95
C LEU A 340 25.35 -3.97 -43.43
N GLU A 341 24.46 -3.15 -43.98
CA GLU A 341 24.07 -3.25 -45.40
C GLU A 341 24.10 -1.88 -46.06
N ALA B 9 -3.51 -28.12 20.86
CA ALA B 9 -3.43 -26.66 20.82
C ALA B 9 -2.30 -26.18 21.73
N SER B 10 -2.64 -25.33 22.71
CA SER B 10 -1.66 -24.73 23.62
C SER B 10 -0.64 -25.73 24.12
N ILE B 11 0.64 -25.36 24.07
CA ILE B 11 1.72 -26.23 24.50
C ILE B 11 2.82 -25.42 25.18
N ARG B 12 3.76 -26.12 25.80
CA ARG B 12 4.87 -25.48 26.51
C ARG B 12 6.12 -25.46 25.62
N LEU B 13 6.76 -24.30 25.54
CA LEU B 13 7.87 -24.07 24.62
C LEU B 13 8.98 -25.10 24.78
N ALA B 14 9.29 -25.45 26.03
CA ALA B 14 10.38 -26.37 26.31
C ALA B 14 10.05 -27.78 25.84
N ASP B 15 8.82 -28.21 26.09
CA ASP B 15 8.32 -29.49 25.61
C ASP B 15 8.31 -29.52 24.08
N LEU B 16 7.84 -28.43 23.48
CA LEU B 16 7.81 -28.31 22.03
C LEU B 16 9.22 -28.43 21.46
N ALA B 17 10.19 -27.80 22.13
CA ALA B 17 11.57 -27.80 21.66
C ALA B 17 12.15 -29.22 21.65
N GLN B 18 11.65 -30.04 22.57
CA GLN B 18 12.09 -31.43 22.67
C GLN B 18 11.59 -32.23 21.47
N GLN B 19 10.31 -32.05 21.16
CA GLN B 19 9.67 -32.80 20.08
C GLN B 19 10.25 -32.44 18.73
N LEU B 20 10.87 -31.27 18.64
CA LEU B 20 11.51 -30.82 17.42
C LEU B 20 13.03 -31.01 17.45
N ASP B 21 13.53 -31.60 18.52
CA ASP B 21 14.98 -31.79 18.68
C ASP B 21 15.68 -30.44 18.51
N ALA B 22 15.21 -29.44 19.25
CA ALA B 22 15.69 -28.08 19.13
C ALA B 22 16.45 -27.62 20.37
N GLU B 23 17.21 -26.54 20.24
CA GLU B 23 18.02 -26.01 21.34
C GLU B 23 17.31 -24.85 22.01
N LEU B 24 16.56 -25.14 23.08
CA LEU B 24 15.81 -24.11 23.79
C LEU B 24 16.72 -23.05 24.38
N HIS B 25 16.59 -21.82 23.91
CA HIS B 25 17.32 -20.67 24.46
C HIS B 25 16.33 -19.61 24.91
N GLY B 26 16.00 -19.63 26.20
CA GLY B 26 15.02 -18.71 26.77
C GLY B 26 14.05 -19.45 27.66
N ASP B 27 13.11 -18.71 28.25
CA ASP B 27 12.14 -19.28 29.17
C ASP B 27 11.41 -20.45 28.52
N GLY B 28 11.46 -21.61 29.17
CA GLY B 28 10.80 -22.80 28.67
C GLY B 28 9.36 -22.90 29.14
N ASP B 29 8.97 -22.04 30.06
CA ASP B 29 7.60 -22.02 30.58
C ASP B 29 6.70 -21.18 29.68
N ILE B 30 7.29 -20.56 28.65
CA ILE B 30 6.50 -19.82 27.67
C ILE B 30 5.45 -20.73 27.06
N VAL B 31 4.20 -20.27 27.10
CA VAL B 31 3.08 -21.04 26.56
C VAL B 31 2.78 -20.61 25.13
N ILE B 32 2.86 -21.59 24.22
CA ILE B 32 2.62 -21.34 22.80
C ILE B 32 1.20 -21.73 22.42
N THR B 33 0.44 -20.75 21.91
CA THR B 33 -0.95 -20.97 21.51
C THR B 33 -1.08 -21.34 20.03
N GLY B 34 -0.05 -21.08 19.24
CA GLY B 34 -0.13 -21.35 17.81
C GLY B 34 1.05 -20.86 17.00
N VAL B 35 0.90 -20.97 15.68
CA VAL B 35 1.95 -20.62 14.72
C VAL B 35 1.53 -19.39 13.93
N ALA B 36 2.52 -18.62 13.47
CA ALA B 36 2.25 -17.40 12.74
C ALA B 36 3.49 -16.87 12.05
N SER B 37 3.29 -15.87 11.20
CA SER B 37 4.38 -15.24 10.48
C SER B 37 5.06 -14.18 11.33
N MET B 38 6.28 -13.79 10.95
CA MET B 38 6.99 -12.73 11.64
C MET B 38 6.15 -11.46 11.62
N GLN B 39 5.68 -11.11 10.43
CA GLN B 39 4.88 -9.92 10.21
C GLN B 39 3.73 -9.85 11.21
N SER B 40 3.13 -11.00 11.51
CA SER B 40 1.82 -11.05 12.18
C SER B 40 1.83 -11.65 13.57
N ALA B 41 2.86 -12.42 13.91
CA ALA B 41 2.89 -13.13 15.19
C ALA B 41 2.84 -12.17 16.37
N GLN B 42 2.13 -12.57 17.42
CA GLN B 42 2.05 -11.83 18.67
C GLN B 42 2.48 -12.75 19.83
N THR B 43 1.81 -12.65 20.98
CA THR B 43 2.19 -13.45 22.14
C THR B 43 1.48 -14.80 22.13
N GLY B 44 2.24 -15.86 22.44
CA GLY B 44 1.74 -17.21 22.37
C GLY B 44 2.11 -17.82 21.02
N HIS B 45 2.65 -16.98 20.14
CA HIS B 45 2.96 -17.41 18.78
C HIS B 45 4.45 -17.70 18.62
N ILE B 46 4.73 -18.84 17.99
CA ILE B 46 6.07 -19.17 17.55
C ILE B 46 6.14 -19.01 16.04
N THR B 47 7.26 -18.45 15.57
CA THR B 47 7.47 -18.25 14.15
C THR B 47 8.87 -18.75 13.80
N PHE B 48 9.37 -18.34 12.64
CA PHE B 48 10.65 -18.85 12.15
C PHE B 48 11.23 -17.91 11.11
N MET B 49 12.45 -18.22 10.68
CA MET B 49 13.21 -17.34 9.81
C MET B 49 14.21 -18.15 9.00
N VAL B 50 14.10 -18.08 7.67
CA VAL B 50 14.90 -18.92 6.78
C VAL B 50 15.96 -18.10 6.07
N ASN B 51 15.64 -16.84 5.78
CA ASN B 51 16.59 -15.96 5.11
C ASN B 51 17.41 -15.17 6.12
N PRO B 52 18.72 -14.98 5.85
CA PRO B 52 19.55 -14.20 6.76
C PRO B 52 19.23 -12.71 6.69
N LYS B 53 18.66 -12.27 5.58
CA LYS B 53 18.32 -10.85 5.38
C LYS B 53 17.34 -10.35 6.44
N TYR B 54 16.41 -11.21 6.84
CA TYR B 54 15.38 -10.85 7.83
C TYR B 54 15.93 -10.94 9.26
N ARG B 55 17.24 -10.83 9.42
CA ARG B 55 17.85 -10.85 10.75
C ARG B 55 17.49 -9.59 11.53
N GLU B 56 17.49 -8.46 10.82
CA GLU B 56 17.14 -7.19 11.43
C GLU B 56 15.67 -7.15 11.83
N HIS B 57 14.84 -7.82 11.04
CA HIS B 57 13.39 -7.83 11.27
C HIS B 57 13.00 -8.54 12.55
N LEU B 58 13.94 -9.27 13.15
CA LEU B 58 13.69 -9.93 14.42
C LEU B 58 13.39 -8.91 15.53
N GLY B 59 13.82 -7.68 15.32
CA GLY B 59 13.61 -6.61 16.28
C GLY B 59 12.30 -5.86 16.05
N LEU B 60 11.47 -6.39 15.15
CA LEU B 60 10.14 -5.84 14.90
C LEU B 60 9.08 -6.93 15.05
N CYS B 61 9.53 -8.14 15.35
CA CYS B 61 8.64 -9.29 15.47
C CYS B 61 8.17 -9.49 16.90
N GLN B 62 6.87 -9.40 17.12
CA GLN B 62 6.29 -9.51 18.46
C GLN B 62 6.00 -10.97 18.81
N ALA B 63 6.78 -11.89 18.26
CA ALA B 63 6.60 -13.31 18.54
C ALA B 63 7.32 -13.71 19.83
N SER B 64 6.76 -14.72 20.51
CA SER B 64 7.34 -15.21 21.75
C SER B 64 8.60 -16.02 21.52
N ALA B 65 8.62 -16.74 20.40
CA ALA B 65 9.75 -17.61 20.08
C ALA B 65 9.97 -17.65 18.57
N VAL B 66 11.22 -17.67 18.15
CA VAL B 66 11.57 -17.69 16.75
C VAL B 66 12.52 -18.84 16.45
N VAL B 67 12.15 -19.65 15.47
CA VAL B 67 13.00 -20.74 15.01
C VAL B 67 14.03 -20.20 14.02
N MET B 68 15.30 -20.28 14.40
CA MET B 68 16.38 -19.82 13.54
C MET B 68 17.53 -20.82 13.57
N THR B 69 18.65 -20.45 12.94
CA THR B 69 19.85 -21.28 12.96
C THR B 69 20.80 -20.77 14.03
N GLN B 70 21.80 -21.58 14.37
CA GLN B 70 22.73 -21.22 15.44
C GLN B 70 23.45 -19.92 15.12
N ASP B 71 23.67 -19.66 13.82
CA ASP B 71 24.38 -18.45 13.40
C ASP B 71 23.50 -17.20 13.45
N ASP B 72 22.21 -17.39 13.70
CA ASP B 72 21.26 -16.28 13.80
C ASP B 72 21.04 -15.85 15.24
N LEU B 73 21.45 -16.70 16.18
CA LEU B 73 21.16 -16.51 17.59
C LEU B 73 21.63 -15.16 18.15
N PRO B 74 22.81 -14.68 17.75
CA PRO B 74 23.21 -13.33 18.17
C PRO B 74 22.17 -12.26 17.86
N PHE B 75 21.38 -12.46 16.80
CA PHE B 75 20.38 -11.47 16.38
C PHE B 75 19.06 -11.64 17.12
N ALA B 76 18.94 -12.73 17.88
CA ALA B 76 17.69 -13.05 18.58
C ALA B 76 17.27 -11.92 19.53
N LYS B 77 15.98 -11.62 19.50
CA LYS B 77 15.37 -10.59 20.34
C LYS B 77 14.24 -11.19 21.18
N SER B 78 14.18 -12.51 21.19
CA SER B 78 13.20 -13.24 21.98
C SER B 78 13.74 -14.63 22.27
N ALA B 79 12.90 -15.49 22.82
CA ALA B 79 13.28 -16.88 22.99
C ALA B 79 13.54 -17.45 21.61
N ALA B 80 14.41 -18.47 21.53
CA ALA B 80 14.81 -19.01 20.25
C ALA B 80 14.96 -20.52 20.26
N LEU B 81 14.42 -21.17 19.24
CA LEU B 81 14.63 -22.59 19.01
C LEU B 81 15.60 -22.73 17.86
N VAL B 82 16.80 -23.25 18.14
CA VAL B 82 17.83 -23.38 17.11
C VAL B 82 17.82 -24.78 16.52
N VAL B 83 18.01 -24.84 15.21
CA VAL B 83 17.95 -26.09 14.48
C VAL B 83 18.90 -26.02 13.28
N LYS B 84 18.82 -27.02 12.41
CA LYS B 84 19.63 -27.06 11.19
C LYS B 84 18.80 -26.58 9.99
N ASN B 85 17.50 -26.85 10.03
CA ASN B 85 16.60 -26.45 8.94
C ASN B 85 15.30 -25.83 9.49
N PRO B 86 15.27 -24.51 9.67
CA PRO B 86 14.11 -23.83 10.26
C PRO B 86 12.82 -24.10 9.50
N TYR B 87 12.94 -24.33 8.20
CA TYR B 87 11.78 -24.52 7.35
C TYR B 87 11.14 -25.89 7.61
N LEU B 88 11.98 -26.90 7.79
CA LEU B 88 11.50 -28.22 8.13
C LEU B 88 10.95 -28.24 9.55
N THR B 89 11.59 -27.48 10.42
CA THR B 89 11.17 -27.39 11.81
C THR B 89 9.82 -26.69 11.89
N TYR B 90 9.62 -25.74 10.96
CA TYR B 90 8.34 -25.05 10.83
C TYR B 90 7.26 -26.05 10.44
N ALA B 91 7.60 -26.92 9.48
CA ALA B 91 6.66 -27.92 9.00
C ALA B 91 6.20 -28.81 10.15
N ARG B 92 7.16 -29.27 10.95
CA ARG B 92 6.89 -30.18 12.07
C ARG B 92 6.06 -29.50 13.14
N MET B 93 6.48 -28.33 13.58
CA MET B 93 5.80 -27.62 14.65
C MET B 93 4.43 -27.15 14.21
N ALA B 94 4.27 -26.91 12.91
CA ALA B 94 2.99 -26.52 12.36
C ALA B 94 2.01 -27.68 12.46
N GLN B 95 2.52 -28.90 12.24
CA GLN B 95 1.71 -30.10 12.36
C GLN B 95 1.24 -30.33 13.79
N ILE B 96 2.07 -29.97 14.75
CA ILE B 96 1.74 -30.16 16.17
C ILE B 96 0.62 -29.20 16.60
N LEU B 97 0.68 -27.98 16.08
CA LEU B 97 -0.29 -26.95 16.40
C LEU B 97 -1.27 -26.76 15.25
N ASP B 98 -1.36 -27.76 14.37
CA ASP B 98 -2.26 -27.69 13.22
C ASP B 98 -3.70 -27.52 13.68
N THR B 99 -4.35 -26.45 13.21
CA THR B 99 -5.74 -26.16 13.55
C THR B 99 -6.71 -26.80 12.58
N THR B 100 -6.17 -27.50 11.58
CA THR B 100 -6.98 -28.03 10.49
C THR B 100 -7.91 -29.13 11.00
N PRO B 101 -9.22 -29.03 10.69
CA PRO B 101 -10.15 -30.09 11.09
C PRO B 101 -10.05 -31.31 10.19
N GLN B 102 -10.90 -32.31 10.45
CA GLN B 102 -10.96 -33.50 9.59
C GLN B 102 -12.08 -33.35 8.57
N PRO B 103 -11.98 -34.07 7.44
CA PRO B 103 -13.06 -34.08 6.44
C PRO B 103 -14.39 -34.54 7.02
N ALA B 104 -14.34 -35.40 8.03
CA ALA B 104 -15.54 -35.88 8.70
C ALA B 104 -15.18 -36.59 10.00
N GLN B 105 -16.21 -36.90 10.79
CA GLN B 105 -16.01 -37.64 12.03
C GLN B 105 -16.92 -38.87 12.06
N ASN B 106 -16.31 -40.03 11.83
CA ASN B 106 -17.02 -41.30 11.78
C ASN B 106 -18.08 -41.32 10.67
N ILE B 107 -18.97 -42.31 10.72
CA ILE B 107 -19.89 -42.57 9.61
C ILE B 107 -21.18 -41.77 9.74
N ALA B 108 -21.40 -40.87 8.80
CA ALA B 108 -22.63 -40.09 8.74
C ALA B 108 -23.77 -40.95 8.21
N PRO B 109 -24.96 -40.88 8.84
CA PRO B 109 -26.08 -41.69 8.35
C PRO B 109 -26.56 -41.26 6.97
N SER B 110 -26.25 -40.02 6.61
CA SER B 110 -26.69 -39.44 5.34
C SER B 110 -26.02 -40.14 4.17
N ALA B 111 -24.91 -40.82 4.45
CA ALA B 111 -24.13 -41.49 3.42
C ALA B 111 -24.89 -42.67 2.84
N VAL B 112 -24.40 -43.18 1.71
CA VAL B 112 -24.99 -44.32 1.04
C VAL B 112 -23.90 -45.37 0.82
N ILE B 113 -23.76 -46.29 1.76
CA ILE B 113 -22.73 -47.32 1.67
C ILE B 113 -23.32 -48.66 1.23
N ASP B 114 -22.70 -49.24 0.21
CA ASP B 114 -23.09 -50.55 -0.31
C ASP B 114 -22.79 -51.64 0.72
N ALA B 115 -23.65 -52.65 0.79
CA ALA B 115 -23.55 -53.70 1.80
C ALA B 115 -22.23 -54.48 1.72
N THR B 116 -21.63 -54.50 0.55
CA THR B 116 -20.45 -55.33 0.29
C THR B 116 -19.14 -54.60 0.59
N ALA B 117 -19.24 -53.33 0.99
CA ALA B 117 -18.05 -52.55 1.29
C ALA B 117 -17.39 -53.02 2.59
N LYS B 118 -16.07 -53.16 2.57
CA LYS B 118 -15.33 -53.70 3.71
C LYS B 118 -14.61 -52.58 4.45
N LEU B 119 -15.03 -52.31 5.68
CA LEU B 119 -14.50 -51.20 6.45
C LEU B 119 -13.43 -51.65 7.44
N GLY B 120 -12.42 -50.80 7.63
CA GLY B 120 -11.42 -51.03 8.64
C GLY B 120 -11.90 -50.46 9.96
N ASN B 121 -11.02 -50.44 10.95
CA ASN B 121 -11.36 -49.90 12.26
C ASN B 121 -11.23 -48.38 12.27
N ASN B 122 -12.21 -47.72 12.88
CA ASN B 122 -12.20 -46.27 13.03
C ASN B 122 -12.20 -45.57 11.66
N VAL B 123 -13.13 -45.95 10.80
CA VAL B 123 -13.29 -45.32 9.50
C VAL B 123 -14.35 -44.25 9.57
N SER B 124 -14.10 -43.13 8.90
CA SER B 124 -15.03 -42.02 8.86
C SER B 124 -15.51 -41.77 7.44
N ILE B 125 -16.81 -41.54 7.32
CA ILE B 125 -17.42 -41.24 6.03
C ILE B 125 -18.27 -39.98 6.15
N GLY B 126 -18.01 -39.01 5.28
CA GLY B 126 -18.69 -37.74 5.32
C GLY B 126 -20.16 -37.85 4.96
N ALA B 127 -20.86 -36.72 4.98
CA ALA B 127 -22.29 -36.69 4.69
C ALA B 127 -22.57 -36.86 3.19
N ASN B 128 -23.58 -37.65 2.88
CA ASN B 128 -24.01 -37.88 1.50
C ASN B 128 -22.90 -38.42 0.60
N ALA B 129 -21.83 -38.92 1.20
CA ALA B 129 -20.77 -39.60 0.45
C ALA B 129 -21.29 -40.95 -0.01
N VAL B 130 -20.82 -41.40 -1.18
CA VAL B 130 -21.33 -42.63 -1.79
C VAL B 130 -20.23 -43.64 -2.05
N ILE B 131 -20.34 -44.79 -1.41
CA ILE B 131 -19.39 -45.88 -1.57
C ILE B 131 -20.02 -47.02 -2.37
N GLU B 132 -19.40 -47.39 -3.48
CA GLU B 132 -19.88 -48.49 -4.31
C GLU B 132 -19.56 -49.86 -3.69
N SER B 133 -19.84 -50.93 -4.43
CA SER B 133 -19.65 -52.29 -3.94
C SER B 133 -18.19 -52.72 -4.02
N GLY B 134 -17.81 -53.67 -3.17
CA GLY B 134 -16.48 -54.26 -3.22
C GLY B 134 -15.40 -53.33 -2.69
N VAL B 135 -15.80 -52.13 -2.28
CA VAL B 135 -14.85 -51.13 -1.83
C VAL B 135 -14.27 -51.52 -0.49
N GLU B 136 -12.96 -51.31 -0.33
CA GLU B 136 -12.27 -51.58 0.93
C GLU B 136 -11.61 -50.32 1.46
N LEU B 137 -12.15 -49.80 2.56
CA LEU B 137 -11.54 -48.66 3.24
C LEU B 137 -10.71 -49.17 4.41
N GLY B 138 -9.43 -48.78 4.43
CA GLY B 138 -8.51 -49.23 5.46
C GLY B 138 -8.77 -48.59 6.80
N ASP B 139 -7.88 -48.85 7.76
CA ASP B 139 -8.00 -48.28 9.10
C ASP B 139 -7.77 -46.79 9.10
N ASN B 140 -8.53 -46.08 9.93
CA ASN B 140 -8.35 -44.64 10.15
C ASN B 140 -8.53 -43.84 8.86
N VAL B 141 -9.29 -44.41 7.94
CA VAL B 141 -9.55 -43.75 6.66
C VAL B 141 -10.68 -42.74 6.82
N ILE B 142 -10.57 -41.62 6.12
CA ILE B 142 -11.58 -40.58 6.19
C ILE B 142 -12.05 -40.17 4.81
N ILE B 143 -13.32 -40.43 4.53
CA ILE B 143 -13.95 -40.02 3.28
C ILE B 143 -14.75 -38.74 3.53
N GLY B 144 -14.36 -37.67 2.86
CA GLY B 144 -15.05 -36.40 2.97
C GLY B 144 -16.47 -36.47 2.43
N ALA B 145 -17.24 -35.42 2.67
CA ALA B 145 -18.65 -35.36 2.30
C ALA B 145 -18.83 -35.28 0.78
N GLY B 146 -19.89 -35.91 0.28
CA GLY B 146 -20.23 -35.83 -1.13
C GLY B 146 -19.26 -36.57 -2.04
N CYS B 147 -18.32 -37.28 -1.45
CA CYS B 147 -17.35 -38.06 -2.20
C CYS B 147 -18.01 -39.22 -2.93
N PHE B 148 -17.28 -39.82 -3.85
CA PHE B 148 -17.73 -41.02 -4.52
C PHE B 148 -16.56 -41.96 -4.78
N VAL B 149 -16.63 -43.15 -4.20
CA VAL B 149 -15.58 -44.16 -4.39
C VAL B 149 -16.13 -45.32 -5.22
N GLY B 150 -15.55 -45.53 -6.39
CA GLY B 150 -16.07 -46.51 -7.34
C GLY B 150 -15.89 -47.95 -6.89
N LYS B 151 -16.43 -48.87 -7.69
CA LYS B 151 -16.46 -50.29 -7.34
C LYS B 151 -15.07 -50.89 -7.17
N ASN B 152 -14.94 -51.73 -6.15
CA ASN B 152 -13.74 -52.52 -5.92
C ASN B 152 -12.48 -51.67 -5.69
N SER B 153 -12.66 -50.39 -5.41
CA SER B 153 -11.54 -49.50 -5.18
C SER B 153 -10.97 -49.71 -3.78
N LYS B 154 -9.64 -49.65 -3.67
CA LYS B 154 -8.95 -49.79 -2.39
C LYS B 154 -8.31 -48.48 -1.95
N ILE B 155 -8.60 -48.07 -0.73
CA ILE B 155 -7.96 -46.91 -0.12
C ILE B 155 -7.23 -47.35 1.14
N GLY B 156 -5.91 -47.13 1.13
CA GLY B 156 -5.04 -47.61 2.20
C GLY B 156 -5.27 -46.94 3.53
N ALA B 157 -4.55 -47.43 4.54
CA ALA B 157 -4.74 -47.00 5.92
C ALA B 157 -4.35 -45.53 6.14
N GLY B 158 -5.17 -44.80 6.88
CA GLY B 158 -4.84 -43.45 7.28
C GLY B 158 -4.98 -42.43 6.16
N SER B 159 -5.48 -42.86 5.02
CA SER B 159 -5.68 -41.96 3.87
C SER B 159 -6.98 -41.17 4.03
N ARG B 160 -7.00 -39.95 3.50
CA ARG B 160 -8.14 -39.06 3.71
C ARG B 160 -8.55 -38.30 2.44
N LEU B 161 -9.86 -38.23 2.21
CA LEU B 161 -10.43 -37.45 1.11
C LEU B 161 -11.22 -36.29 1.65
N TRP B 162 -10.98 -35.10 1.12
CA TRP B 162 -11.80 -33.94 1.44
C TRP B 162 -13.12 -34.04 0.69
N ALA B 163 -14.01 -33.09 0.94
CA ALA B 163 -15.36 -33.16 0.40
C ALA B 163 -15.35 -33.15 -1.13
N ASN B 164 -16.28 -33.88 -1.72
CA ASN B 164 -16.48 -33.85 -3.17
C ASN B 164 -15.25 -34.26 -3.96
N VAL B 165 -14.71 -35.43 -3.59
CA VAL B 165 -13.65 -36.08 -4.36
C VAL B 165 -14.25 -37.29 -5.07
N THR B 166 -13.77 -37.56 -6.28
CA THR B 166 -14.30 -38.67 -7.07
C THR B 166 -13.22 -39.70 -7.38
N ILE B 167 -13.45 -40.91 -6.89
CA ILE B 167 -12.60 -42.05 -7.19
C ILE B 167 -13.41 -43.06 -8.00
N TYR B 168 -12.95 -43.36 -9.21
CA TYR B 168 -13.63 -44.34 -10.06
C TYR B 168 -13.44 -45.77 -9.54
N HIS B 169 -13.88 -46.75 -10.34
CA HIS B 169 -13.75 -48.16 -10.01
C HIS B 169 -12.31 -48.66 -10.03
N GLU B 170 -12.02 -49.72 -9.27
CA GLU B 170 -10.75 -50.42 -9.36
C GLU B 170 -9.53 -49.54 -9.11
N ILE B 171 -9.67 -48.53 -8.27
CA ILE B 171 -8.55 -47.65 -7.96
C ILE B 171 -7.87 -48.11 -6.69
N GLN B 172 -6.55 -47.99 -6.65
CA GLN B 172 -5.76 -48.41 -5.51
C GLN B 172 -4.99 -47.23 -4.94
N ILE B 173 -5.38 -46.82 -3.74
CA ILE B 173 -4.73 -45.71 -3.04
C ILE B 173 -4.01 -46.24 -1.80
N GLY B 174 -2.75 -45.84 -1.64
CA GLY B 174 -1.91 -46.34 -0.57
C GLY B 174 -2.23 -45.78 0.80
N GLN B 175 -1.23 -45.79 1.68
CA GLN B 175 -1.41 -45.36 3.07
C GLN B 175 -1.08 -43.90 3.29
N ASN B 176 -1.88 -43.24 4.14
CA ASN B 176 -1.64 -41.86 4.56
C ASN B 176 -1.57 -40.89 3.38
N CYS B 177 -2.48 -41.06 2.44
CA CYS B 177 -2.58 -40.15 1.29
C CYS B 177 -3.66 -39.11 1.54
N LEU B 178 -3.50 -37.95 0.93
CA LEU B 178 -4.45 -36.86 1.09
C LEU B 178 -4.86 -36.34 -0.28
N ILE B 179 -6.17 -36.16 -0.47
CA ILE B 179 -6.69 -35.62 -1.73
C ILE B 179 -7.67 -34.49 -1.47
N GLN B 180 -7.36 -33.31 -2.00
CA GLN B 180 -8.23 -32.15 -1.87
C GLN B 180 -9.47 -32.28 -2.75
N SER B 181 -10.42 -31.38 -2.55
CA SER B 181 -11.73 -31.45 -3.19
C SER B 181 -11.71 -31.17 -4.70
N GLY B 182 -12.71 -31.70 -5.40
CA GLY B 182 -12.87 -31.46 -6.81
C GLY B 182 -12.06 -32.44 -7.65
N THR B 183 -11.08 -33.08 -7.04
CA THR B 183 -10.16 -33.95 -7.76
C THR B 183 -10.87 -35.23 -8.22
N VAL B 184 -10.51 -35.66 -9.43
CA VAL B 184 -11.09 -36.85 -10.02
C VAL B 184 -9.97 -37.85 -10.33
N VAL B 185 -10.10 -39.05 -9.79
CA VAL B 185 -9.11 -40.10 -10.02
C VAL B 185 -9.75 -41.32 -10.70
N GLY B 186 -9.23 -41.67 -11.87
CA GLY B 186 -9.57 -42.92 -12.53
C GLY B 186 -10.62 -42.81 -13.62
N ALA B 187 -10.80 -41.61 -14.16
CA ALA B 187 -11.75 -41.42 -15.25
C ALA B 187 -11.14 -41.96 -16.54
N ASP B 188 -11.97 -42.22 -17.53
CA ASP B 188 -11.50 -42.73 -18.82
C ASP B 188 -10.38 -41.84 -19.37
N GLY B 189 -9.28 -42.47 -19.79
CA GLY B 189 -8.22 -41.76 -20.49
C GLY B 189 -8.70 -41.38 -21.87
N PHE B 190 -8.01 -40.42 -22.48
CA PHE B 190 -8.40 -39.91 -23.79
C PHE B 190 -7.96 -40.91 -24.86
N GLY B 191 -8.66 -42.03 -24.93
CA GLY B 191 -8.31 -43.13 -25.82
C GLY B 191 -9.37 -43.33 -26.88
N TYR B 192 -9.01 -43.02 -28.12
CA TYR B 192 -9.93 -43.09 -29.24
C TYR B 192 -9.20 -43.49 -30.51
N ALA B 193 -9.78 -44.43 -31.24
CA ALA B 193 -9.26 -44.79 -32.55
C ALA B 193 -10.11 -44.06 -33.61
N ASN B 194 -9.49 -43.74 -34.74
CA ASN B 194 -10.15 -43.01 -35.80
C ASN B 194 -10.55 -43.95 -36.95
N ASP B 195 -11.83 -43.91 -37.30
CA ASP B 195 -12.37 -44.66 -38.42
C ASP B 195 -12.95 -43.68 -39.45
N ARG B 196 -12.12 -43.28 -40.42
CA ARG B 196 -12.58 -42.44 -41.52
C ARG B 196 -13.18 -41.11 -41.04
N GLY B 197 -12.52 -40.49 -40.06
CA GLY B 197 -12.97 -39.22 -39.53
C GLY B 197 -13.72 -39.39 -38.22
N ASN B 198 -14.47 -40.49 -38.10
CA ASN B 198 -15.22 -40.77 -36.87
C ASN B 198 -14.33 -41.36 -35.77
N TRP B 199 -14.66 -41.04 -34.52
CA TRP B 199 -13.91 -41.53 -33.38
C TRP B 199 -14.59 -42.74 -32.78
N VAL B 200 -13.82 -43.81 -32.60
CA VAL B 200 -14.29 -45.02 -31.95
C VAL B 200 -13.64 -45.11 -30.58
N LYS B 201 -14.48 -45.23 -29.56
CA LYS B 201 -13.98 -45.22 -28.18
C LYS B 201 -13.14 -46.45 -27.89
N ILE B 202 -12.02 -46.25 -27.19
CA ILE B 202 -11.22 -47.34 -26.66
C ILE B 202 -11.43 -47.44 -25.16
N PRO B 203 -12.32 -48.36 -24.71
CA PRO B 203 -12.53 -48.61 -23.28
C PRO B 203 -11.21 -48.66 -22.50
N GLN B 204 -11.14 -47.87 -21.43
CA GLN B 204 -9.95 -47.79 -20.60
C GLN B 204 -10.13 -48.71 -19.40
N ILE B 205 -9.50 -49.88 -19.46
CA ILE B 205 -9.72 -50.93 -18.47
C ILE B 205 -8.54 -51.04 -17.49
N GLY B 206 -7.53 -50.20 -17.69
CA GLY B 206 -6.46 -50.05 -16.73
C GLY B 206 -7.00 -49.34 -15.49
N ARG B 207 -6.10 -48.99 -14.58
CA ARG B 207 -6.51 -48.36 -13.32
C ARG B 207 -5.62 -47.21 -12.96
N VAL B 208 -5.71 -46.80 -11.70
CA VAL B 208 -4.74 -45.89 -11.12
C VAL B 208 -4.22 -46.52 -9.84
N ILE B 209 -2.90 -46.68 -9.77
CA ILE B 209 -2.27 -47.10 -8.53
C ILE B 209 -1.60 -45.89 -7.91
N ILE B 210 -1.99 -45.59 -6.68
CA ILE B 210 -1.36 -44.50 -5.93
C ILE B 210 -0.58 -45.09 -4.75
N GLY B 211 0.66 -44.64 -4.61
CA GLY B 211 1.53 -45.14 -3.56
C GLY B 211 1.15 -44.64 -2.17
N ASP B 212 2.11 -44.62 -1.27
CA ASP B 212 1.89 -44.17 0.10
C ASP B 212 2.32 -42.71 0.26
N ARG B 213 1.70 -42.01 1.20
CA ARG B 213 2.09 -40.65 1.54
C ARG B 213 2.06 -39.73 0.32
N VAL B 214 1.09 -39.95 -0.56
CA VAL B 214 0.91 -39.11 -1.75
C VAL B 214 -0.19 -38.11 -1.49
N GLU B 215 0.10 -36.85 -1.78
CA GLU B 215 -0.85 -35.76 -1.59
C GLU B 215 -1.19 -35.12 -2.94
N ILE B 216 -2.48 -35.10 -3.26
CA ILE B 216 -2.97 -34.49 -4.50
C ILE B 216 -3.81 -33.26 -4.19
N GLY B 217 -3.68 -32.23 -5.04
CA GLY B 217 -4.40 -30.99 -4.84
C GLY B 217 -5.84 -31.03 -5.31
N ALA B 218 -6.41 -29.86 -5.54
CA ALA B 218 -7.84 -29.72 -5.87
C ALA B 218 -8.05 -29.57 -7.38
N CYS B 219 -9.20 -30.06 -7.85
CA CYS B 219 -9.54 -30.04 -9.28
C CYS B 219 -8.42 -30.58 -10.15
N THR B 220 -7.86 -31.71 -9.72
CA THR B 220 -6.82 -32.38 -10.48
C THR B 220 -7.43 -33.65 -11.07
N THR B 221 -6.91 -34.06 -12.21
CA THR B 221 -7.44 -35.22 -12.91
C THR B 221 -6.36 -36.23 -13.26
N ILE B 222 -6.41 -37.39 -12.62
CA ILE B 222 -5.49 -38.49 -12.93
C ILE B 222 -6.27 -39.64 -13.55
N ASP B 223 -6.08 -39.86 -14.85
CA ASP B 223 -6.90 -40.83 -15.57
C ASP B 223 -6.39 -42.25 -15.42
N ARG B 224 -7.30 -43.21 -15.50
CA ARG B 224 -6.94 -44.61 -15.47
C ARG B 224 -6.25 -44.97 -16.78
N GLY B 225 -5.50 -46.06 -16.78
CA GLY B 225 -4.79 -46.48 -17.98
C GLY B 225 -5.69 -47.17 -18.98
N ALA B 226 -5.22 -47.25 -20.22
CA ALA B 226 -5.96 -47.92 -21.28
C ALA B 226 -6.01 -49.42 -21.00
N LEU B 227 -4.84 -49.99 -20.75
CA LEU B 227 -4.71 -51.42 -20.51
C LEU B 227 -3.95 -51.66 -19.22
N ASP B 228 -2.70 -51.19 -19.17
CA ASP B 228 -1.95 -51.20 -17.93
C ASP B 228 -2.33 -50.01 -17.07
N ASP B 229 -1.68 -49.87 -15.93
CA ASP B 229 -2.13 -48.91 -14.93
C ASP B 229 -1.36 -47.60 -14.99
N THR B 230 -2.01 -46.55 -14.49
CA THR B 230 -1.38 -45.26 -14.26
C THR B 230 -0.86 -45.27 -12.83
N ILE B 231 0.41 -44.93 -12.64
CA ILE B 231 1.05 -45.15 -11.34
C ILE B 231 1.66 -43.88 -10.76
N ILE B 232 1.28 -43.59 -9.52
CA ILE B 232 1.89 -42.48 -8.77
C ILE B 232 2.78 -43.05 -7.68
N GLY B 233 4.08 -42.74 -7.77
CA GLY B 233 5.05 -43.22 -6.81
C GLY B 233 4.75 -42.73 -5.40
N ASN B 234 5.52 -43.22 -4.45
CA ASN B 234 5.34 -42.85 -3.05
C ASN B 234 5.90 -41.48 -2.76
N GLY B 235 5.33 -40.80 -1.78
CA GLY B 235 5.85 -39.51 -1.33
C GLY B 235 5.76 -38.44 -2.40
N VAL B 236 5.00 -38.72 -3.44
CA VAL B 236 4.77 -37.77 -4.53
C VAL B 236 3.75 -36.71 -4.12
N ILE B 237 3.97 -35.46 -4.53
CA ILE B 237 3.01 -34.40 -4.28
C ILE B 237 2.58 -33.72 -5.58
N ILE B 238 1.28 -33.53 -5.71
CA ILE B 238 0.70 -32.92 -6.90
C ILE B 238 -0.18 -31.76 -6.47
N ASP B 239 -0.08 -30.65 -7.19
CA ASP B 239 -0.86 -29.46 -6.89
C ASP B 239 -2.19 -29.47 -7.66
N ASN B 240 -2.93 -28.38 -7.54
CA ASN B 240 -4.24 -28.23 -8.18
C ASN B 240 -4.16 -28.16 -9.69
N GLN B 241 -5.30 -28.39 -10.34
CA GLN B 241 -5.47 -28.12 -11.77
C GLN B 241 -4.48 -28.90 -12.64
N CYS B 242 -4.00 -30.04 -12.16
CA CYS B 242 -3.10 -30.85 -12.97
C CYS B 242 -3.85 -31.90 -13.79
N GLN B 243 -3.35 -32.15 -14.99
CA GLN B 243 -3.87 -33.21 -15.84
C GLN B 243 -2.80 -34.29 -15.98
N ILE B 244 -3.09 -35.48 -15.45
CA ILE B 244 -2.20 -36.63 -15.58
C ILE B 244 -2.89 -37.71 -16.39
N ALA B 245 -2.50 -37.83 -17.64
CA ALA B 245 -3.18 -38.69 -18.59
C ALA B 245 -2.92 -40.17 -18.34
N HIS B 246 -3.61 -41.01 -19.11
CA HIS B 246 -3.54 -42.45 -18.92
C HIS B 246 -2.12 -42.98 -19.10
N ASN B 247 -1.78 -43.98 -18.29
CA ASN B 247 -0.53 -44.73 -18.41
C ASN B 247 0.72 -43.89 -18.14
N VAL B 248 0.53 -42.76 -17.48
CA VAL B 248 1.66 -41.98 -17.00
C VAL B 248 2.18 -42.65 -15.74
N VAL B 249 3.50 -42.61 -15.55
CA VAL B 249 4.14 -43.18 -14.36
C VAL B 249 5.04 -42.12 -13.75
N ILE B 250 4.83 -41.88 -12.45
CA ILE B 250 5.61 -40.87 -11.74
C ILE B 250 6.45 -41.51 -10.64
N GLY B 251 7.72 -41.12 -10.58
CA GLY B 251 8.66 -41.70 -9.64
C GLY B 251 8.42 -41.23 -8.23
N ASP B 252 8.89 -42.01 -7.27
CA ASP B 252 8.79 -41.68 -5.86
C ASP B 252 9.31 -40.27 -5.57
N ASN B 253 8.63 -39.58 -4.65
CA ASN B 253 9.08 -38.30 -4.09
C ASN B 253 9.21 -37.18 -5.12
N THR B 254 8.54 -37.33 -6.26
CA THR B 254 8.54 -36.29 -7.29
C THR B 254 7.47 -35.25 -6.94
N ALA B 255 7.69 -34.01 -7.38
CA ALA B 255 6.77 -32.91 -7.09
C ALA B 255 6.24 -32.30 -8.38
N VAL B 256 4.93 -32.08 -8.44
CA VAL B 256 4.28 -31.46 -9.59
C VAL B 256 3.46 -30.25 -9.13
N ALA B 257 3.79 -29.07 -9.65
CA ALA B 257 3.12 -27.84 -9.26
C ALA B 257 1.81 -27.66 -10.05
N GLY B 258 1.17 -26.50 -9.90
CA GLY B 258 -0.15 -26.28 -10.44
C GLY B 258 -0.23 -26.07 -11.94
N GLY B 259 -1.23 -26.70 -12.56
CA GLY B 259 -1.54 -26.44 -13.96
C GLY B 259 -0.73 -27.27 -14.93
N VAL B 260 -0.09 -28.33 -14.45
CA VAL B 260 0.73 -29.14 -15.33
C VAL B 260 -0.13 -30.08 -16.16
N ILE B 261 0.14 -30.13 -17.47
CA ILE B 261 -0.57 -31.02 -18.37
C ILE B 261 0.41 -32.10 -18.88
N MET B 262 0.16 -33.35 -18.50
CA MET B 262 1.00 -34.47 -18.95
C MET B 262 0.29 -35.31 -20.00
N ALA B 263 0.98 -35.55 -21.11
CA ALA B 263 0.46 -36.42 -22.15
C ALA B 263 0.60 -37.88 -21.73
N GLY B 264 -0.07 -38.78 -22.44
CA GLY B 264 -0.11 -40.18 -22.07
C GLY B 264 1.22 -40.92 -22.20
N SER B 265 1.34 -41.99 -21.43
CA SER B 265 2.50 -42.89 -21.49
C SER B 265 3.80 -42.17 -21.22
N LEU B 266 3.75 -41.22 -20.28
CA LEU B 266 4.93 -40.50 -19.84
C LEU B 266 5.50 -41.14 -18.59
N LYS B 267 6.82 -41.28 -18.53
CA LYS B 267 7.47 -41.78 -17.34
C LYS B 267 8.32 -40.66 -16.74
N ILE B 268 7.95 -40.21 -15.54
CA ILE B 268 8.75 -39.22 -14.82
C ILE B 268 9.50 -39.93 -13.70
N GLY B 269 10.78 -39.61 -13.56
CA GLY B 269 11.64 -40.27 -12.59
C GLY B 269 11.51 -39.73 -11.18
N ARG B 270 12.36 -40.24 -10.31
CA ARG B 270 12.36 -39.87 -8.89
C ARG B 270 12.89 -38.46 -8.64
N TYR B 271 12.49 -37.88 -7.51
CA TYR B 271 13.00 -36.59 -7.04
C TYR B 271 13.02 -35.53 -8.13
N CYS B 272 12.10 -35.61 -9.06
CA CYS B 272 11.93 -34.57 -10.05
C CYS B 272 11.05 -33.47 -9.48
N MET B 273 11.20 -32.26 -10.01
CA MET B 273 10.38 -31.14 -9.58
C MET B 273 9.87 -30.39 -10.81
N ILE B 274 8.59 -30.60 -11.11
CA ILE B 274 7.97 -30.05 -12.31
C ILE B 274 7.30 -28.70 -12.06
N GLY B 275 7.84 -27.66 -12.68
CA GLY B 275 7.35 -26.31 -12.53
C GLY B 275 5.92 -26.14 -12.98
N GLY B 276 5.27 -25.10 -12.44
CA GLY B 276 3.86 -24.87 -12.67
C GLY B 276 3.53 -24.59 -14.12
N ALA B 277 2.31 -24.94 -14.51
CA ALA B 277 1.77 -24.65 -15.84
C ALA B 277 2.67 -25.18 -16.96
N SER B 278 3.49 -26.17 -16.64
CA SER B 278 4.36 -26.78 -17.65
C SER B 278 3.59 -27.82 -18.46
N VAL B 279 4.07 -28.12 -19.65
CA VAL B 279 3.34 -28.96 -20.60
C VAL B 279 4.25 -30.05 -21.16
N ILE B 280 3.93 -31.30 -20.87
CA ILE B 280 4.84 -32.39 -21.13
C ILE B 280 4.32 -33.39 -22.17
N ASN B 281 5.10 -33.56 -23.23
CA ASN B 281 4.78 -34.50 -24.28
C ASN B 281 4.83 -35.94 -23.76
N GLY B 282 4.22 -36.86 -24.50
CA GLY B 282 4.02 -38.22 -24.04
C GLY B 282 4.93 -39.24 -24.69
N HIS B 283 4.67 -40.51 -24.40
CA HIS B 283 5.44 -41.64 -24.95
C HIS B 283 6.95 -41.40 -24.91
N MET B 284 7.41 -40.80 -23.82
CA MET B 284 8.82 -40.59 -23.58
C MET B 284 9.10 -40.62 -22.10
N GLU B 285 10.37 -40.44 -21.73
CA GLU B 285 10.80 -40.64 -20.36
C GLU B 285 11.65 -39.48 -19.85
N ILE B 286 11.49 -39.17 -18.58
CA ILE B 286 12.32 -38.19 -17.89
C ILE B 286 13.14 -38.88 -16.79
N CYS B 287 14.44 -38.61 -16.75
CA CYS B 287 15.33 -39.25 -15.79
C CYS B 287 15.15 -38.70 -14.37
N ASP B 288 15.78 -39.36 -13.41
CA ASP B 288 15.69 -38.96 -12.01
C ASP B 288 16.31 -37.58 -11.77
N LYS B 289 15.80 -36.89 -10.76
CA LYS B 289 16.35 -35.60 -10.32
C LYS B 289 16.38 -34.57 -11.45
N VAL B 290 15.23 -34.36 -12.06
CA VAL B 290 15.07 -33.32 -13.08
C VAL B 290 14.15 -32.22 -12.58
N THR B 291 14.49 -30.98 -12.92
CA THR B 291 13.70 -29.85 -12.52
C THR B 291 13.29 -29.05 -13.75
N VAL B 292 11.98 -29.04 -14.01
CA VAL B 292 11.43 -28.24 -15.09
C VAL B 292 10.87 -26.94 -14.52
N THR B 293 11.40 -25.81 -15.00
CA THR B 293 10.92 -24.52 -14.53
C THR B 293 9.53 -24.27 -15.10
N GLY B 294 8.84 -23.28 -14.51
CA GLY B 294 7.45 -23.00 -14.83
C GLY B 294 7.20 -22.77 -16.31
N MET B 295 6.02 -23.18 -16.76
CA MET B 295 5.59 -23.01 -18.14
C MET B 295 6.51 -23.76 -19.11
N GLY B 296 7.18 -24.78 -18.58
CA GLY B 296 8.11 -25.57 -19.38
C GLY B 296 7.43 -26.32 -20.51
N MET B 297 7.92 -26.07 -21.72
CA MET B 297 7.47 -26.79 -22.91
C MET B 297 8.35 -28.03 -23.14
N VAL B 298 7.97 -29.13 -22.49
CA VAL B 298 8.77 -30.35 -22.48
C VAL B 298 8.40 -31.23 -23.68
N MET B 299 9.04 -30.96 -24.81
CA MET B 299 8.69 -31.59 -26.07
C MET B 299 9.51 -32.87 -26.29
N ARG B 300 10.69 -32.92 -25.68
CA ARG B 300 11.62 -34.04 -25.87
C ARG B 300 11.92 -34.77 -24.56
N PRO B 301 12.47 -35.98 -24.66
CA PRO B 301 12.85 -36.70 -23.43
C PRO B 301 14.04 -36.06 -22.76
N ILE B 302 14.21 -36.32 -21.46
CA ILE B 302 15.33 -35.77 -20.72
C ILE B 302 16.12 -36.91 -20.09
N THR B 303 17.35 -37.06 -20.56
CA THR B 303 18.20 -38.20 -20.25
C THR B 303 19.17 -37.92 -19.10
N GLU B 304 19.60 -36.67 -18.98
CA GLU B 304 20.52 -36.27 -17.93
C GLU B 304 19.84 -35.31 -16.95
N PRO B 305 20.12 -35.46 -15.65
CA PRO B 305 19.49 -34.60 -14.65
C PRO B 305 19.95 -33.14 -14.74
N GLY B 306 19.25 -32.25 -14.06
CA GLY B 306 19.57 -30.84 -14.08
C GLY B 306 18.31 -29.99 -14.20
N VAL B 307 18.51 -28.70 -14.48
CA VAL B 307 17.40 -27.78 -14.64
C VAL B 307 17.21 -27.41 -16.10
N TYR B 308 15.96 -27.44 -16.55
CA TYR B 308 15.65 -27.12 -17.94
C TYR B 308 14.54 -26.07 -17.98
N SER B 309 14.60 -25.19 -18.96
CA SER B 309 13.71 -24.04 -19.02
C SER B 309 13.33 -23.67 -20.46
N SER B 310 12.27 -22.87 -20.60
CA SER B 310 11.86 -22.36 -21.90
C SER B 310 10.91 -21.17 -21.76
N GLY B 311 10.66 -20.49 -22.87
CA GLY B 311 9.68 -19.42 -22.92
C GLY B 311 10.31 -18.05 -22.77
N ILE B 312 10.00 -17.15 -23.69
CA ILE B 312 10.43 -15.76 -23.58
C ILE B 312 9.50 -15.04 -22.61
N PRO B 313 10.05 -14.37 -21.58
CA PRO B 313 9.21 -13.63 -20.63
C PRO B 313 8.49 -12.42 -21.20
N LEU B 314 7.74 -11.73 -20.33
CA LEU B 314 6.96 -10.57 -20.73
C LEU B 314 7.81 -9.42 -21.24
N GLN B 315 7.18 -8.62 -22.08
CA GLN B 315 7.73 -7.36 -22.53
C GLN B 315 6.57 -6.38 -22.63
N PRO B 316 6.86 -5.08 -22.60
CA PRO B 316 5.81 -4.12 -22.95
C PRO B 316 5.20 -4.45 -24.31
N ASN B 317 3.91 -4.20 -24.47
CA ASN B 317 3.16 -4.59 -25.66
C ASN B 317 3.84 -4.18 -26.95
N LYS B 318 4.11 -2.88 -27.09
CA LYS B 318 4.73 -2.36 -28.31
C LYS B 318 6.07 -3.03 -28.58
N VAL B 319 6.81 -3.34 -27.52
CA VAL B 319 8.09 -4.02 -27.64
C VAL B 319 7.88 -5.47 -28.07
N TRP B 320 6.86 -6.10 -27.50
CA TRP B 320 6.55 -7.49 -27.82
C TRP B 320 6.11 -7.65 -29.27
N ARG B 321 5.19 -6.79 -29.70
CA ARG B 321 4.67 -6.81 -31.07
C ARG B 321 5.81 -6.88 -32.08
N LYS B 322 6.89 -6.17 -31.79
CA LYS B 322 8.04 -6.13 -32.68
C LYS B 322 8.97 -7.32 -32.44
N THR B 323 9.02 -7.79 -31.20
CA THR B 323 9.82 -8.97 -30.88
C THR B 323 9.21 -10.19 -31.57
N ALA B 324 7.88 -10.27 -31.56
CA ALA B 324 7.16 -11.43 -32.07
C ALA B 324 7.30 -11.54 -33.59
N ALA B 325 7.19 -10.41 -34.28
CA ALA B 325 7.22 -10.37 -35.73
C ALA B 325 8.59 -10.77 -36.28
N LEU B 326 9.64 -10.44 -35.52
CA LEU B 326 11.00 -10.72 -35.97
C LEU B 326 11.35 -12.19 -35.82
N VAL B 327 10.83 -12.81 -34.76
CA VAL B 327 11.04 -14.24 -34.55
C VAL B 327 10.28 -15.03 -35.60
N MET B 328 9.06 -14.59 -35.91
CA MET B 328 8.23 -15.27 -36.89
C MET B 328 8.87 -15.22 -38.28
N ASN B 329 9.73 -14.23 -38.49
CA ASN B 329 10.42 -14.05 -39.75
C ASN B 329 11.94 -14.23 -39.59
N ILE B 330 12.31 -14.98 -38.55
CA ILE B 330 13.72 -15.14 -38.20
C ILE B 330 14.49 -15.91 -39.28
N ASP B 331 13.79 -16.74 -40.04
CA ASP B 331 14.43 -17.50 -41.11
C ASP B 331 14.87 -16.55 -42.22
N ASP B 332 14.00 -15.60 -42.55
CA ASP B 332 14.27 -14.61 -43.59
C ASP B 332 15.52 -13.80 -43.24
N MET B 333 15.72 -13.53 -41.96
CA MET B 333 16.85 -12.71 -41.53
C MET B 333 18.09 -13.59 -41.39
N SER B 334 17.87 -14.87 -41.08
CA SER B 334 18.97 -15.83 -41.01
C SER B 334 19.58 -16.01 -42.40
N LYS B 335 18.73 -15.95 -43.42
CA LYS B 335 19.17 -16.09 -44.80
C LYS B 335 19.91 -14.85 -45.28
N ARG B 336 19.31 -13.68 -45.09
CA ARG B 336 19.93 -12.44 -45.53
C ARG B 336 21.14 -12.08 -44.67
N LEU B 337 21.39 -12.88 -43.63
CA LEU B 337 22.63 -12.80 -42.87
C LEU B 337 23.67 -13.74 -43.46
N LYS B 338 23.22 -14.94 -43.82
CA LYS B 338 24.09 -15.95 -44.41
C LYS B 338 24.67 -15.45 -45.73
N SER B 339 23.85 -14.70 -46.47
CA SER B 339 24.27 -14.13 -47.74
C SER B 339 25.33 -13.05 -47.50
N LEU B 340 25.12 -12.26 -46.45
CA LEU B 340 26.03 -11.18 -46.10
C LEU B 340 27.39 -11.72 -45.66
N GLU B 341 27.45 -13.01 -45.35
CA GLU B 341 28.72 -13.67 -45.01
C GLU B 341 29.39 -14.19 -46.28
N SER C 10 -42.08 -9.27 -18.19
CA SER C 10 -42.40 -8.46 -19.37
C SER C 10 -42.57 -6.98 -19.02
N ILE C 11 -42.05 -6.11 -19.89
CA ILE C 11 -41.96 -4.68 -19.60
C ILE C 11 -42.29 -3.81 -20.80
N ARG C 12 -42.77 -2.59 -20.55
CA ARG C 12 -42.98 -1.61 -21.60
C ARG C 12 -41.67 -0.89 -21.92
N LEU C 13 -41.43 -0.63 -23.20
CA LEU C 13 -40.17 -0.04 -23.64
C LEU C 13 -39.87 1.30 -22.95
N ALA C 14 -40.92 2.02 -22.57
CA ALA C 14 -40.77 3.32 -21.93
C ALA C 14 -40.38 3.16 -20.46
N ASP C 15 -40.97 2.16 -19.80
CA ASP C 15 -40.67 1.87 -18.41
C ASP C 15 -39.30 1.20 -18.31
N LEU C 16 -38.87 0.59 -19.41
CA LEU C 16 -37.55 -0.01 -19.51
C LEU C 16 -36.52 1.10 -19.76
N ALA C 17 -36.88 2.03 -20.65
CA ALA C 17 -35.99 3.10 -21.07
C ALA C 17 -35.57 4.00 -19.91
N GLN C 18 -36.43 4.08 -18.88
CA GLN C 18 -36.16 4.96 -17.74
C GLN C 18 -35.31 4.25 -16.70
N GLN C 19 -35.57 2.96 -16.50
CA GLN C 19 -34.78 2.16 -15.57
C GLN C 19 -33.33 2.06 -16.02
N LEU C 20 -33.10 2.22 -17.32
CA LEU C 20 -31.76 2.20 -17.89
C LEU C 20 -31.25 3.63 -18.12
N ASP C 21 -32.07 4.61 -17.74
CA ASP C 21 -31.74 6.02 -17.93
C ASP C 21 -31.40 6.29 -19.40
N ALA C 22 -32.27 5.81 -20.30
CA ALA C 22 -32.04 5.91 -21.74
C ALA C 22 -33.06 6.83 -22.40
N GLU C 23 -32.59 7.60 -23.39
CA GLU C 23 -33.48 8.43 -24.20
C GLU C 23 -34.27 7.54 -25.15
N LEU C 24 -35.58 7.45 -24.89
CA LEU C 24 -36.46 6.66 -25.74
C LEU C 24 -36.74 7.40 -27.04
N HIS C 25 -36.59 6.70 -28.15
CA HIS C 25 -36.87 7.27 -29.48
C HIS C 25 -37.72 6.29 -30.30
N GLY C 26 -38.98 6.17 -29.92
CA GLY C 26 -39.90 5.27 -30.59
C GLY C 26 -41.14 5.05 -29.76
N ASP C 27 -41.99 4.11 -30.17
CA ASP C 27 -43.21 3.81 -29.44
C ASP C 27 -42.88 3.26 -28.04
N GLY C 28 -43.21 4.05 -27.02
CA GLY C 28 -42.89 3.68 -25.65
C GLY C 28 -43.81 2.62 -25.06
N ASP C 29 -44.92 2.35 -25.75
CA ASP C 29 -45.90 1.37 -25.29
C ASP C 29 -45.59 -0.03 -25.80
N ILE C 30 -44.53 -0.15 -26.60
CA ILE C 30 -44.05 -1.45 -27.07
C ILE C 30 -43.82 -2.38 -25.88
N VAL C 31 -44.13 -3.66 -26.06
CA VAL C 31 -43.88 -4.65 -25.02
C VAL C 31 -42.59 -5.40 -25.28
N ILE C 32 -41.72 -5.43 -24.27
CA ILE C 32 -40.46 -6.18 -24.35
C ILE C 32 -40.58 -7.45 -23.50
N THR C 33 -40.02 -8.54 -24.01
CA THR C 33 -40.16 -9.85 -23.37
C THR C 33 -38.81 -10.46 -22.99
N GLY C 34 -37.74 -10.02 -23.63
CA GLY C 34 -36.42 -10.54 -23.32
C GLY C 34 -35.33 -9.99 -24.22
N VAL C 35 -34.10 -10.45 -23.99
CA VAL C 35 -32.93 -9.97 -24.72
C VAL C 35 -32.48 -11.01 -25.74
N ALA C 36 -31.89 -10.54 -26.82
CA ALA C 36 -31.37 -11.41 -27.87
C ALA C 36 -30.40 -10.64 -28.74
N SER C 37 -29.61 -11.36 -29.53
CA SER C 37 -28.62 -10.76 -30.40
C SER C 37 -29.27 -10.15 -31.64
N MET C 38 -28.60 -9.19 -32.25
CA MET C 38 -29.05 -8.58 -33.50
C MET C 38 -29.43 -9.63 -34.53
N GLN C 39 -28.50 -10.55 -34.79
CA GLN C 39 -28.62 -11.51 -35.88
C GLN C 39 -29.80 -12.47 -35.71
N SER C 40 -30.40 -12.50 -34.52
CA SER C 40 -31.43 -13.49 -34.21
C SER C 40 -32.59 -12.93 -33.39
N ALA C 41 -32.51 -11.66 -33.01
CA ALA C 41 -33.60 -11.01 -32.28
C ALA C 41 -34.75 -10.75 -33.24
N GLN C 42 -35.94 -10.62 -32.68
CA GLN C 42 -37.16 -10.43 -33.47
C GLN C 42 -38.16 -9.57 -32.71
N THR C 43 -39.44 -9.69 -33.06
CA THR C 43 -40.49 -8.93 -32.38
C THR C 43 -40.66 -9.41 -30.94
N GLY C 44 -40.74 -8.46 -30.02
CA GLY C 44 -40.81 -8.75 -28.59
C GLY C 44 -39.46 -8.58 -27.92
N HIS C 45 -38.40 -8.55 -28.72
CA HIS C 45 -37.02 -8.55 -28.21
C HIS C 45 -36.35 -7.20 -28.30
N ILE C 46 -35.47 -6.94 -27.36
CA ILE C 46 -34.60 -5.77 -27.36
C ILE C 46 -33.15 -6.22 -27.47
N THR C 47 -32.34 -5.43 -28.18
CA THR C 47 -30.93 -5.74 -28.36
C THR C 47 -30.09 -4.47 -28.28
N PHE C 48 -28.86 -4.57 -28.75
CA PHE C 48 -27.90 -3.48 -28.69
C PHE C 48 -26.85 -3.68 -29.77
N MET C 49 -26.13 -2.61 -30.10
CA MET C 49 -24.95 -2.71 -30.95
C MET C 49 -23.88 -1.76 -30.44
N VAL C 50 -22.62 -2.11 -30.64
CA VAL C 50 -21.51 -1.36 -30.07
C VAL C 50 -20.52 -0.94 -31.14
N ASN C 51 -20.40 -1.75 -32.19
CA ASN C 51 -19.46 -1.49 -33.26
C ASN C 51 -20.09 -0.60 -34.34
N PRO C 52 -19.46 0.55 -34.65
CA PRO C 52 -19.99 1.46 -35.68
C PRO C 52 -20.22 0.79 -37.05
N LYS C 53 -19.47 -0.25 -37.36
CA LYS C 53 -19.58 -0.90 -38.67
C LYS C 53 -20.98 -1.50 -38.89
N TYR C 54 -21.68 -1.77 -37.79
CA TYR C 54 -22.97 -2.46 -37.83
C TYR C 54 -24.15 -1.56 -38.17
N ARG C 55 -23.88 -0.29 -38.43
CA ARG C 55 -24.94 0.68 -38.69
C ARG C 55 -25.69 0.38 -39.99
N GLU C 56 -24.93 0.14 -41.06
CA GLU C 56 -25.50 -0.05 -42.39
C GLU C 56 -26.15 -1.42 -42.58
N HIS C 57 -26.33 -2.16 -41.47
CA HIS C 57 -26.97 -3.47 -41.50
C HIS C 57 -28.09 -3.56 -40.47
N LEU C 58 -28.40 -2.42 -39.84
CA LEU C 58 -29.32 -2.41 -38.70
C LEU C 58 -30.77 -2.70 -39.11
N GLY C 59 -31.14 -2.25 -40.30
CA GLY C 59 -32.51 -2.44 -40.79
C GLY C 59 -32.88 -3.90 -40.94
N LEU C 60 -31.86 -4.74 -41.11
CA LEU C 60 -32.06 -6.19 -41.25
C LEU C 60 -32.37 -6.84 -39.90
N CYS C 61 -32.09 -6.12 -38.81
CA CYS C 61 -32.38 -6.61 -37.46
C CYS C 61 -33.85 -6.43 -37.14
N GLN C 62 -34.54 -7.54 -36.90
CA GLN C 62 -35.98 -7.52 -36.66
C GLN C 62 -36.30 -7.29 -35.19
N ALA C 63 -35.35 -6.75 -34.45
CA ALA C 63 -35.57 -6.41 -33.05
C ALA C 63 -36.63 -5.32 -32.93
N SER C 64 -37.38 -5.34 -31.84
CA SER C 64 -38.36 -4.29 -31.55
C SER C 64 -37.66 -2.98 -31.24
N ALA C 65 -36.51 -3.08 -30.58
CA ALA C 65 -35.76 -1.90 -30.18
C ALA C 65 -34.27 -2.21 -30.01
N VAL C 66 -33.45 -1.19 -30.24
CA VAL C 66 -32.00 -1.33 -30.26
C VAL C 66 -31.32 -0.23 -29.45
N VAL C 67 -30.53 -0.64 -28.46
CA VAL C 67 -29.76 0.30 -27.66
C VAL C 67 -28.55 0.78 -28.46
N MET C 68 -28.31 2.09 -28.45
CA MET C 68 -27.21 2.67 -29.20
C MET C 68 -26.84 4.04 -28.63
N THR C 69 -25.98 4.77 -29.33
CA THR C 69 -25.54 6.09 -28.87
C THR C 69 -26.26 7.21 -29.61
N GLN C 70 -25.96 8.45 -29.20
CA GLN C 70 -26.53 9.62 -29.84
C GLN C 70 -25.97 9.78 -31.26
N ASP C 71 -24.82 9.15 -31.50
CA ASP C 71 -24.19 9.21 -32.82
C ASP C 71 -24.71 8.10 -33.73
N ASP C 72 -25.19 7.01 -33.13
CA ASP C 72 -25.77 5.90 -33.89
C ASP C 72 -27.21 6.20 -34.30
N LEU C 73 -27.76 7.26 -33.73
CA LEU C 73 -29.18 7.58 -33.87
C LEU C 73 -29.63 7.77 -35.33
N PRO C 74 -28.82 8.47 -36.14
CA PRO C 74 -29.15 8.62 -37.58
C PRO C 74 -29.52 7.30 -38.28
N PHE C 75 -28.71 6.26 -38.10
CA PHE C 75 -28.88 5.01 -38.82
C PHE C 75 -29.95 4.12 -38.19
N ALA C 76 -30.66 4.65 -37.19
CA ALA C 76 -31.69 3.89 -36.50
C ALA C 76 -32.75 3.37 -37.48
N LYS C 77 -33.12 2.11 -37.31
CA LYS C 77 -34.14 1.49 -38.17
C LYS C 77 -35.24 0.84 -37.32
N SER C 78 -35.38 1.33 -36.09
CA SER C 78 -36.50 0.98 -35.24
C SER C 78 -36.45 1.84 -33.96
N ALA C 79 -37.23 1.46 -32.96
CA ALA C 79 -37.23 2.16 -31.69
C ALA C 79 -35.82 2.10 -31.09
N ALA C 80 -35.30 3.27 -30.71
CA ALA C 80 -33.93 3.36 -30.21
C ALA C 80 -33.88 3.75 -28.74
N LEU C 81 -32.90 3.19 -28.04
CA LEU C 81 -32.58 3.61 -26.68
C LEU C 81 -31.19 4.21 -26.68
N VAL C 82 -31.12 5.53 -26.53
CA VAL C 82 -29.86 6.24 -26.62
C VAL C 82 -29.18 6.37 -25.26
N VAL C 83 -27.93 5.91 -25.20
CA VAL C 83 -27.14 5.93 -23.98
C VAL C 83 -25.67 6.15 -24.33
N LYS C 84 -24.82 6.18 -23.31
CA LYS C 84 -23.39 6.42 -23.49
C LYS C 84 -22.62 5.12 -23.61
N ASN C 85 -23.15 4.07 -22.97
CA ASN C 85 -22.46 2.79 -22.92
C ASN C 85 -23.45 1.64 -23.18
N PRO C 86 -23.68 1.34 -24.48
CA PRO C 86 -24.63 0.28 -24.86
C PRO C 86 -24.34 -1.04 -24.19
N TYR C 87 -23.06 -1.35 -24.02
CA TYR C 87 -22.64 -2.62 -23.42
C TYR C 87 -23.04 -2.66 -21.96
N LEU C 88 -22.92 -1.51 -21.29
CA LEU C 88 -23.34 -1.41 -19.90
C LEU C 88 -24.86 -1.50 -19.82
N THR C 89 -25.53 -0.73 -20.69
CA THR C 89 -26.98 -0.74 -20.77
C THR C 89 -27.48 -2.15 -21.09
N TYR C 90 -26.77 -2.83 -21.99
CA TYR C 90 -27.06 -4.22 -22.30
C TYR C 90 -27.02 -5.06 -21.05
N ALA C 91 -26.00 -4.86 -20.22
CA ALA C 91 -25.81 -5.64 -19.00
C ALA C 91 -27.00 -5.46 -18.07
N ARG C 92 -27.41 -4.21 -17.86
CA ARG C 92 -28.49 -3.92 -16.92
C ARG C 92 -29.83 -4.39 -17.45
N MET C 93 -30.09 -4.19 -18.73
CA MET C 93 -31.39 -4.57 -19.30
C MET C 93 -31.48 -6.10 -19.40
N ALA C 94 -30.33 -6.76 -19.39
CA ALA C 94 -30.29 -8.22 -19.37
C ALA C 94 -30.55 -8.73 -17.95
N GLN C 95 -30.19 -7.92 -16.95
CA GLN C 95 -30.45 -8.25 -15.54
C GLN C 95 -31.92 -8.08 -15.21
N ILE C 96 -32.52 -7.02 -15.74
CA ILE C 96 -33.95 -6.78 -15.55
C ILE C 96 -34.76 -7.92 -16.15
N LEU C 97 -34.34 -8.37 -17.33
CA LEU C 97 -35.01 -9.44 -18.06
C LEU C 97 -34.31 -10.78 -17.90
N ASP C 98 -33.54 -10.94 -16.82
CA ASP C 98 -32.79 -12.16 -16.56
C ASP C 98 -33.74 -13.36 -16.47
N THR C 99 -33.39 -14.43 -17.18
CA THR C 99 -34.20 -15.65 -17.17
C THR C 99 -33.53 -16.70 -16.29
N THR C 100 -32.36 -16.38 -15.77
CA THR C 100 -31.60 -17.33 -14.98
C THR C 100 -32.38 -17.64 -13.69
N PRO C 101 -32.54 -18.93 -13.36
CA PRO C 101 -33.17 -19.31 -12.09
C PRO C 101 -32.22 -19.15 -10.90
N GLN C 102 -32.62 -19.65 -9.74
CA GLN C 102 -31.75 -19.65 -8.57
C GLN C 102 -31.20 -21.05 -8.34
N PRO C 103 -30.01 -21.15 -7.71
CA PRO C 103 -29.45 -22.46 -7.34
C PRO C 103 -30.35 -23.27 -6.41
N ALA C 104 -31.23 -22.59 -5.68
CA ALA C 104 -32.11 -23.27 -4.74
C ALA C 104 -33.21 -22.35 -4.20
N GLN C 105 -34.28 -22.96 -3.72
CA GLN C 105 -35.33 -22.24 -3.01
C GLN C 105 -35.78 -23.11 -1.85
N ASN C 106 -36.29 -22.49 -0.78
CA ASN C 106 -36.56 -23.19 0.46
C ASN C 106 -35.30 -23.87 0.99
N ILE C 107 -35.46 -24.69 2.03
CA ILE C 107 -34.38 -25.52 2.54
C ILE C 107 -34.77 -26.98 2.37
N ALA C 108 -33.90 -27.74 1.72
CA ALA C 108 -34.19 -29.12 1.37
C ALA C 108 -34.18 -30.04 2.59
N PRO C 109 -35.16 -30.96 2.68
CA PRO C 109 -35.08 -32.02 3.71
C PRO C 109 -33.85 -32.91 3.50
N SER C 110 -33.41 -33.00 2.25
CA SER C 110 -32.29 -33.86 1.88
C SER C 110 -30.97 -33.25 2.33
N ALA C 111 -30.98 -31.94 2.55
CA ALA C 111 -29.77 -31.22 2.93
C ALA C 111 -29.38 -31.54 4.37
N VAL C 112 -28.09 -31.67 4.60
CA VAL C 112 -27.56 -31.99 5.92
C VAL C 112 -26.96 -30.74 6.56
N ILE C 113 -27.64 -30.21 7.56
CA ILE C 113 -27.23 -28.97 8.20
C ILE C 113 -26.95 -29.20 9.68
N ASP C 114 -25.74 -28.84 10.10
CA ASP C 114 -25.34 -29.00 11.50
C ASP C 114 -26.20 -28.10 12.38
N ALA C 115 -26.31 -28.44 13.66
CA ALA C 115 -27.15 -27.69 14.57
C ALA C 115 -26.56 -26.33 14.90
N THR C 116 -25.23 -26.28 15.03
CA THR C 116 -24.54 -25.07 15.46
C THR C 116 -24.42 -24.02 14.34
N ALA C 117 -25.01 -24.31 13.18
CA ALA C 117 -24.96 -23.39 12.06
C ALA C 117 -26.06 -22.35 12.18
N LYS C 118 -25.70 -21.08 12.01
CA LYS C 118 -26.67 -20.01 12.14
C LYS C 118 -27.07 -19.45 10.78
N LEU C 119 -28.38 -19.39 10.52
CA LEU C 119 -28.92 -18.93 9.25
C LEU C 119 -29.62 -17.59 9.39
N GLY C 120 -29.60 -16.81 8.30
CA GLY C 120 -30.30 -15.55 8.26
C GLY C 120 -31.71 -15.76 7.77
N ASN C 121 -32.24 -14.76 7.06
CA ASN C 121 -33.60 -14.80 6.54
C ASN C 121 -33.61 -15.06 5.04
N ASN C 122 -34.62 -15.81 4.60
CA ASN C 122 -34.79 -16.09 3.17
C ASN C 122 -33.59 -16.82 2.62
N VAL C 123 -32.90 -17.57 3.48
CA VAL C 123 -31.78 -18.39 3.07
C VAL C 123 -32.30 -19.64 2.38
N SER C 124 -31.69 -20.00 1.26
CA SER C 124 -32.05 -21.22 0.54
C SER C 124 -30.87 -22.18 0.53
N ILE C 125 -31.17 -23.46 0.71
CA ILE C 125 -30.15 -24.50 0.66
C ILE C 125 -30.67 -25.65 -0.19
N GLY C 126 -29.94 -25.96 -1.26
CA GLY C 126 -30.38 -26.94 -2.22
C GLY C 126 -30.29 -28.37 -1.73
N ALA C 127 -30.72 -29.29 -2.59
CA ALA C 127 -30.79 -30.71 -2.27
C ALA C 127 -29.40 -31.31 -1.96
N ASN C 128 -29.36 -32.16 -0.94
CA ASN C 128 -28.16 -32.92 -0.58
C ASN C 128 -26.93 -32.06 -0.35
N ALA C 129 -27.14 -30.77 -0.09
CA ALA C 129 -26.03 -29.89 0.27
C ALA C 129 -25.64 -30.15 1.73
N VAL C 130 -24.39 -29.86 2.07
CA VAL C 130 -23.87 -30.15 3.41
C VAL C 130 -23.32 -28.89 4.07
N ILE C 131 -23.79 -28.62 5.28
CA ILE C 131 -23.35 -27.44 6.04
C ILE C 131 -22.75 -27.85 7.39
N GLU C 132 -21.46 -27.55 7.55
CA GLU C 132 -20.73 -27.95 8.74
C GLU C 132 -21.04 -27.05 9.94
N SER C 133 -20.31 -27.28 11.03
CA SER C 133 -20.53 -26.56 12.29
C SER C 133 -19.98 -25.15 12.28
N GLY C 134 -20.66 -24.25 12.99
CA GLY C 134 -20.15 -22.91 13.20
C GLY C 134 -20.37 -21.96 12.03
N VAL C 135 -21.03 -22.44 10.98
CA VAL C 135 -21.21 -21.67 9.76
C VAL C 135 -22.29 -20.61 9.89
N GLU C 136 -21.96 -19.38 9.47
CA GLU C 136 -22.92 -18.29 9.44
C GLU C 136 -23.28 -17.96 8.00
N LEU C 137 -24.56 -18.08 7.67
CA LEU C 137 -25.07 -17.69 6.36
C LEU C 137 -25.94 -16.45 6.52
N GLY C 138 -25.56 -15.38 5.81
CA GLY C 138 -26.27 -14.11 5.91
C GLY C 138 -27.63 -14.16 5.22
N ASP C 139 -28.31 -13.02 5.21
CA ASP C 139 -29.65 -12.92 4.64
C ASP C 139 -29.65 -13.20 3.14
N ASN C 140 -30.74 -13.83 2.67
CA ASN C 140 -30.94 -14.09 1.25
C ASN C 140 -29.77 -14.81 0.61
N VAL C 141 -29.06 -15.61 1.40
CA VAL C 141 -27.94 -16.39 0.87
C VAL C 141 -28.43 -17.73 0.34
N ILE C 142 -27.96 -18.08 -0.86
CA ILE C 142 -28.41 -19.31 -1.51
C ILE C 142 -27.25 -20.27 -1.70
N ILE C 143 -27.44 -21.50 -1.24
CA ILE C 143 -26.45 -22.54 -1.37
C ILE C 143 -26.98 -23.63 -2.29
N GLY C 144 -26.38 -23.76 -3.47
CA GLY C 144 -26.79 -24.75 -4.44
C GLY C 144 -26.69 -26.19 -3.93
N ALA C 145 -27.24 -27.11 -4.71
CA ALA C 145 -27.28 -28.52 -4.34
C ALA C 145 -25.89 -29.14 -4.31
N GLY C 146 -25.70 -30.11 -3.42
CA GLY C 146 -24.47 -30.87 -3.35
C GLY C 146 -23.26 -30.05 -2.93
N CYS C 147 -23.51 -28.81 -2.52
CA CYS C 147 -22.43 -27.94 -2.07
C CYS C 147 -21.89 -28.40 -0.72
N PHE C 148 -20.65 -28.01 -0.43
CA PHE C 148 -20.08 -28.23 0.88
C PHE C 148 -19.52 -26.94 1.45
N VAL C 149 -19.94 -26.62 2.68
CA VAL C 149 -19.43 -25.46 3.41
C VAL C 149 -18.76 -25.94 4.69
N GLY C 150 -17.46 -25.70 4.79
CA GLY C 150 -16.66 -26.19 5.90
C GLY C 150 -16.96 -25.52 7.23
N LYS C 151 -16.19 -25.86 8.25
CA LYS C 151 -16.41 -25.38 9.62
C LYS C 151 -16.10 -23.89 9.81
N ASN C 152 -17.01 -23.19 10.47
CA ASN C 152 -16.81 -21.80 10.86
C ASN C 152 -16.69 -20.82 9.70
N SER C 153 -17.04 -21.27 8.50
CA SER C 153 -16.95 -20.39 7.34
C SER C 153 -18.12 -19.41 7.38
N LYS C 154 -17.88 -18.20 6.86
CA LYS C 154 -18.89 -17.15 6.89
C LYS C 154 -19.19 -16.64 5.49
N ILE C 155 -20.46 -16.73 5.10
CA ILE C 155 -20.90 -16.27 3.78
C ILE C 155 -21.86 -15.09 3.93
N GLY C 156 -21.45 -13.95 3.38
CA GLY C 156 -22.20 -12.71 3.52
C GLY C 156 -23.52 -12.69 2.77
N ALA C 157 -24.29 -11.62 2.99
CA ALA C 157 -25.64 -11.49 2.46
C ALA C 157 -25.72 -11.43 0.94
N GLY C 158 -26.73 -12.09 0.38
CA GLY C 158 -26.98 -12.02 -1.04
C GLY C 158 -26.03 -12.87 -1.87
N SER C 159 -25.09 -13.54 -1.20
CA SER C 159 -24.12 -14.36 -1.89
C SER C 159 -24.77 -15.68 -2.31
N ARG C 160 -24.43 -16.17 -3.50
CA ARG C 160 -25.01 -17.40 -4.03
C ARG C 160 -23.95 -18.39 -4.50
N LEU C 161 -24.16 -19.66 -4.16
CA LEU C 161 -23.33 -20.75 -4.67
C LEU C 161 -24.17 -21.63 -5.58
N TRP C 162 -23.69 -21.87 -6.79
CA TRP C 162 -24.36 -22.80 -7.68
C TRP C 162 -24.12 -24.21 -7.16
N ALA C 163 -24.59 -25.21 -7.90
CA ALA C 163 -24.48 -26.59 -7.47
C ALA C 163 -23.03 -27.02 -7.32
N ASN C 164 -22.78 -27.90 -6.35
CA ASN C 164 -21.51 -28.59 -6.21
C ASN C 164 -20.31 -27.64 -6.09
N VAL C 165 -20.34 -26.79 -5.08
CA VAL C 165 -19.23 -25.91 -4.76
C VAL C 165 -18.64 -26.36 -3.44
N THR C 166 -17.34 -26.14 -3.28
CA THR C 166 -16.65 -26.52 -2.07
C THR C 166 -16.06 -25.29 -1.42
N ILE C 167 -16.60 -24.97 -0.24
CA ILE C 167 -16.00 -24.00 0.65
C ILE C 167 -15.41 -24.80 1.82
N TYR C 168 -14.14 -24.54 2.12
CA TYR C 168 -13.48 -25.21 3.24
C TYR C 168 -13.85 -24.51 4.56
N HIS C 169 -13.13 -24.88 5.62
CA HIS C 169 -13.28 -24.27 6.93
C HIS C 169 -12.71 -22.85 6.99
N GLU C 170 -13.21 -22.04 7.92
CA GLU C 170 -12.64 -20.71 8.20
C GLU C 170 -12.51 -19.84 6.95
N ILE C 171 -13.50 -19.91 6.07
CA ILE C 171 -13.49 -19.08 4.87
C ILE C 171 -14.45 -17.92 5.04
N GLN C 172 -14.09 -16.78 4.45
CA GLN C 172 -14.92 -15.59 4.51
C GLN C 172 -15.31 -15.12 3.13
N ILE C 173 -16.60 -15.22 2.81
CA ILE C 173 -17.15 -14.69 1.57
C ILE C 173 -18.01 -13.46 1.89
N GLY C 174 -17.80 -12.38 1.16
CA GLY C 174 -18.54 -11.15 1.40
C GLY C 174 -19.98 -11.21 0.94
N GLN C 175 -20.50 -10.05 0.52
CA GLN C 175 -21.90 -9.92 0.12
C GLN C 175 -22.07 -9.94 -1.39
N ASN C 176 -23.20 -10.46 -1.85
CA ASN C 176 -23.55 -10.46 -3.27
C ASN C 176 -22.51 -11.14 -4.15
N CYS C 177 -21.92 -12.21 -3.64
CA CYS C 177 -20.92 -12.96 -4.40
C CYS C 177 -21.59 -14.12 -5.14
N LEU C 178 -20.96 -14.55 -6.23
CA LEU C 178 -21.48 -15.65 -7.02
C LEU C 178 -20.34 -16.60 -7.36
N ILE C 179 -20.47 -17.85 -6.94
CA ILE C 179 -19.48 -18.88 -7.27
C ILE C 179 -20.12 -20.00 -8.08
N GLN C 180 -19.60 -20.23 -9.28
CA GLN C 180 -20.12 -21.29 -10.15
C GLN C 180 -19.73 -22.67 -9.65
N SER C 181 -20.23 -23.70 -10.34
CA SER C 181 -20.07 -25.08 -9.91
C SER C 181 -18.67 -25.64 -10.11
N GLY C 182 -18.33 -26.63 -9.28
CA GLY C 182 -17.06 -27.33 -9.38
C GLY C 182 -15.92 -26.57 -8.74
N THR C 183 -16.19 -25.36 -8.29
CA THR C 183 -15.15 -24.47 -7.75
C THR C 183 -14.83 -24.81 -6.30
N VAL C 184 -13.54 -24.75 -5.97
CA VAL C 184 -13.04 -25.10 -4.64
C VAL C 184 -12.37 -23.90 -3.99
N VAL C 185 -12.81 -23.56 -2.78
CA VAL C 185 -12.23 -22.43 -2.06
C VAL C 185 -11.74 -22.86 -0.66
N GLY C 186 -10.43 -22.74 -0.46
CA GLY C 186 -9.84 -22.95 0.85
C GLY C 186 -9.16 -24.29 1.04
N ALA C 187 -8.78 -24.93 -0.07
CA ALA C 187 -8.02 -26.17 0.00
C ALA C 187 -6.59 -25.87 0.39
N ASP C 188 -5.91 -26.85 0.97
CA ASP C 188 -4.53 -26.68 1.41
C ASP C 188 -3.70 -26.09 0.27
N GLY C 189 -2.96 -25.03 0.58
CA GLY C 189 -1.97 -24.52 -0.34
C GLY C 189 -0.89 -25.58 -0.54
N PHE C 190 -0.10 -25.40 -1.59
CA PHE C 190 0.94 -26.35 -1.93
C PHE C 190 2.18 -26.06 -1.07
N GLY C 191 2.10 -26.47 0.20
CA GLY C 191 3.14 -26.20 1.18
C GLY C 191 3.79 -27.48 1.66
N TYR C 192 5.07 -27.63 1.34
CA TYR C 192 5.83 -28.81 1.72
C TYR C 192 7.29 -28.46 1.97
N ALA C 193 7.86 -29.03 3.02
CA ALA C 193 9.28 -28.87 3.32
C ALA C 193 10.04 -30.09 2.82
N ASN C 194 11.20 -29.85 2.21
CA ASN C 194 12.01 -30.94 1.66
C ASN C 194 12.96 -31.50 2.71
N ASP C 195 12.51 -32.56 3.39
CA ASP C 195 13.35 -33.26 4.37
C ASP C 195 14.21 -34.30 3.64
N ARG C 196 15.31 -33.83 3.04
CA ARG C 196 16.28 -34.72 2.41
C ARG C 196 15.62 -35.58 1.34
N GLY C 197 15.10 -34.94 0.30
CA GLY C 197 14.44 -35.66 -0.78
C GLY C 197 12.96 -35.89 -0.50
N ASN C 198 12.63 -36.16 0.77
CA ASN C 198 11.25 -36.41 1.17
C ASN C 198 10.49 -35.13 1.46
N TRP C 199 9.18 -35.15 1.19
CA TRP C 199 8.32 -33.97 1.41
C TRP C 199 7.54 -34.08 2.70
N VAL C 200 7.71 -33.09 3.56
CA VAL C 200 6.95 -33.01 4.80
C VAL C 200 5.92 -31.92 4.65
N LYS C 201 4.69 -32.21 5.04
CA LYS C 201 3.59 -31.30 4.80
C LYS C 201 3.67 -30.09 5.73
N ILE C 202 3.42 -28.91 5.14
CA ILE C 202 3.22 -27.69 5.91
C ILE C 202 1.73 -27.47 6.05
N PRO C 203 1.17 -27.74 7.24
CA PRO C 203 -0.27 -27.47 7.42
C PRO C 203 -0.61 -26.03 7.06
N GLN C 204 -1.65 -25.84 6.27
CA GLN C 204 -2.07 -24.51 5.86
C GLN C 204 -3.20 -24.03 6.77
N ILE C 205 -2.84 -23.21 7.75
CA ILE C 205 -3.80 -22.79 8.78
C ILE C 205 -4.33 -21.39 8.50
N GLY C 206 -3.86 -20.78 7.41
CA GLY C 206 -4.36 -19.48 6.99
C GLY C 206 -5.78 -19.60 6.48
N ARG C 207 -6.23 -18.63 5.69
CA ARG C 207 -7.61 -18.62 5.23
C ARG C 207 -7.75 -18.04 3.83
N VAL C 208 -8.98 -18.02 3.33
CA VAL C 208 -9.31 -17.26 2.14
C VAL C 208 -10.33 -16.20 2.51
N ILE C 209 -9.97 -14.94 2.30
CA ILE C 209 -10.90 -13.82 2.51
C ILE C 209 -11.36 -13.29 1.16
N ILE C 210 -12.63 -13.53 0.85
CA ILE C 210 -13.26 -13.01 -0.36
C ILE C 210 -14.15 -11.83 0.01
N GLY C 211 -13.96 -10.71 -0.69
CA GLY C 211 -14.68 -9.49 -0.38
C GLY C 211 -16.09 -9.46 -0.93
N ASP C 212 -16.58 -8.26 -1.23
CA ASP C 212 -17.94 -8.07 -1.71
C ASP C 212 -18.00 -8.10 -3.23
N ARG C 213 -19.14 -8.54 -3.76
CA ARG C 213 -19.39 -8.50 -5.20
C ARG C 213 -18.34 -9.24 -6.01
N VAL C 214 -17.84 -10.35 -5.45
CA VAL C 214 -16.86 -11.17 -6.15
C VAL C 214 -17.57 -12.28 -6.90
N GLU C 215 -17.18 -12.46 -8.16
CA GLU C 215 -17.74 -13.53 -8.98
C GLU C 215 -16.61 -14.47 -9.39
N ILE C 216 -16.85 -15.77 -9.20
CA ILE C 216 -15.86 -16.79 -9.51
C ILE C 216 -16.48 -17.85 -10.44
N GLY C 217 -15.71 -18.25 -11.44
CA GLY C 217 -16.17 -19.21 -12.42
C GLY C 217 -16.13 -20.65 -11.92
N ALA C 218 -16.25 -21.60 -12.85
CA ALA C 218 -16.36 -23.02 -12.52
C ALA C 218 -15.01 -23.73 -12.54
N CYS C 219 -14.90 -24.79 -11.73
CA CYS C 219 -13.67 -25.58 -11.62
C CYS C 219 -12.45 -24.69 -11.44
N THR C 220 -12.55 -23.77 -10.49
CA THR C 220 -11.44 -22.89 -10.13
C THR C 220 -11.03 -23.19 -8.70
N THR C 221 -9.73 -23.05 -8.42
CA THR C 221 -9.20 -23.38 -7.11
C THR C 221 -8.51 -22.18 -6.49
N ILE C 222 -8.94 -21.83 -5.28
CA ILE C 222 -8.32 -20.76 -4.52
C ILE C 222 -7.91 -21.32 -3.16
N ASP C 223 -6.60 -21.47 -2.96
CA ASP C 223 -6.10 -22.15 -1.79
C ASP C 223 -6.02 -21.20 -0.59
N ARG C 224 -6.16 -21.79 0.60
CA ARG C 224 -5.99 -21.07 1.84
C ARG C 224 -4.52 -20.77 2.04
N GLY C 225 -4.23 -19.71 2.79
CA GLY C 225 -2.86 -19.31 3.05
C GLY C 225 -2.17 -20.21 4.07
N ALA C 226 -0.84 -20.21 4.05
CA ALA C 226 -0.05 -21.02 4.96
C ALA C 226 -0.34 -20.63 6.41
N LEU C 227 0.01 -19.40 6.76
CA LEU C 227 -0.23 -18.84 8.08
C LEU C 227 -1.14 -17.63 7.94
N ASP C 228 -0.72 -16.65 7.15
CA ASP C 228 -1.54 -15.50 6.82
C ASP C 228 -2.54 -15.87 5.73
N ASP C 229 -3.30 -14.90 5.26
CA ASP C 229 -4.50 -15.19 4.46
C ASP C 229 -4.36 -14.86 2.98
N THR C 230 -5.09 -15.62 2.17
CA THR C 230 -5.26 -15.34 0.76
C THR C 230 -6.45 -14.41 0.60
N ILE C 231 -6.31 -13.37 -0.22
CA ILE C 231 -7.29 -12.30 -0.26
C ILE C 231 -7.78 -12.01 -1.67
N ILE C 232 -9.10 -12.10 -1.85
CA ILE C 232 -9.75 -11.71 -3.09
C ILE C 232 -10.56 -10.44 -2.85
N GLY C 233 -10.05 -9.32 -3.34
CA GLY C 233 -10.64 -8.03 -3.07
C GLY C 233 -12.05 -7.86 -3.61
N ASN C 234 -12.67 -6.74 -3.26
CA ASN C 234 -14.03 -6.44 -3.69
C ASN C 234 -14.12 -6.26 -5.21
N GLY C 235 -15.20 -6.77 -5.81
CA GLY C 235 -15.50 -6.51 -7.21
C GLY C 235 -14.63 -7.27 -8.18
N VAL C 236 -13.87 -8.23 -7.67
CA VAL C 236 -12.99 -9.06 -8.50
C VAL C 236 -13.82 -10.09 -9.24
N ILE C 237 -13.42 -10.35 -10.48
CA ILE C 237 -14.05 -11.40 -11.28
C ILE C 237 -13.01 -12.42 -11.73
N ILE C 238 -13.27 -13.69 -11.44
CA ILE C 238 -12.37 -14.77 -11.79
C ILE C 238 -13.12 -15.79 -12.65
N ASP C 239 -12.48 -16.19 -13.75
CA ASP C 239 -13.09 -17.11 -14.70
C ASP C 239 -12.90 -18.58 -14.28
N ASN C 240 -13.14 -19.50 -15.21
CA ASN C 240 -12.99 -20.92 -14.96
C ASN C 240 -11.54 -21.38 -15.00
N GLN C 241 -11.31 -22.58 -14.45
CA GLN C 241 -10.03 -23.29 -14.60
C GLN C 241 -8.84 -22.47 -14.08
N CYS C 242 -9.08 -21.54 -13.17
CA CYS C 242 -8.01 -20.74 -12.61
C CYS C 242 -7.41 -21.39 -11.37
N GLN C 243 -6.12 -21.14 -11.15
CA GLN C 243 -5.44 -21.56 -9.92
C GLN C 243 -4.85 -20.35 -9.21
N ILE C 244 -5.42 -20.05 -8.05
CA ILE C 244 -4.94 -18.93 -7.24
C ILE C 244 -4.37 -19.52 -5.97
N ALA C 245 -3.04 -19.55 -5.91
CA ALA C 245 -2.33 -20.26 -4.86
C ALA C 245 -2.44 -19.56 -3.52
N HIS C 246 -1.80 -20.15 -2.52
CA HIS C 246 -1.83 -19.63 -1.16
C HIS C 246 -1.17 -18.26 -1.09
N ASN C 247 -1.79 -17.38 -0.30
CA ASN C 247 -1.24 -16.06 0.02
C ASN C 247 -1.10 -15.14 -1.19
N VAL C 248 -1.87 -15.44 -2.24
CA VAL C 248 -2.03 -14.49 -3.33
C VAL C 248 -2.99 -13.41 -2.87
N VAL C 249 -2.76 -12.18 -3.30
CA VAL C 249 -3.61 -11.06 -2.93
C VAL C 249 -3.99 -10.28 -4.17
N ILE C 250 -5.29 -10.23 -4.45
CA ILE C 250 -5.81 -9.55 -5.64
C ILE C 250 -6.52 -8.27 -5.25
N GLY C 251 -6.09 -7.16 -5.84
CA GLY C 251 -6.70 -5.87 -5.60
C GLY C 251 -8.14 -5.82 -6.08
N ASP C 252 -8.83 -4.76 -5.71
CA ASP C 252 -10.25 -4.60 -6.04
C ASP C 252 -10.47 -4.44 -7.54
N ASN C 253 -11.63 -4.90 -8.01
CA ASN C 253 -12.06 -4.68 -9.39
C ASN C 253 -11.08 -5.19 -10.44
N THR C 254 -10.19 -6.10 -10.02
CA THR C 254 -9.25 -6.73 -10.94
C THR C 254 -9.93 -7.96 -11.54
N ALA C 255 -9.60 -8.27 -12.78
CA ALA C 255 -10.25 -9.34 -13.52
C ALA C 255 -9.24 -10.41 -13.96
N VAL C 256 -9.59 -11.67 -13.70
CA VAL C 256 -8.73 -12.81 -14.05
C VAL C 256 -9.47 -13.76 -14.99
N ALA C 257 -9.02 -13.81 -16.24
CA ALA C 257 -9.65 -14.64 -17.26
C ALA C 257 -9.30 -16.11 -17.06
N GLY C 258 -9.82 -16.96 -17.94
CA GLY C 258 -9.77 -18.41 -17.74
C GLY C 258 -8.42 -19.06 -17.90
N GLY C 259 -8.15 -20.05 -17.04
CA GLY C 259 -6.97 -20.88 -17.17
C GLY C 259 -5.69 -20.24 -16.67
N VAL C 260 -5.82 -19.25 -15.80
CA VAL C 260 -4.64 -18.55 -15.29
C VAL C 260 -4.06 -19.25 -14.07
N ILE C 261 -2.74 -19.39 -14.06
CA ILE C 261 -2.03 -20.10 -13.01
C ILE C 261 -1.20 -19.12 -12.21
N MET C 262 -1.60 -18.88 -10.97
CA MET C 262 -0.86 -17.99 -10.08
C MET C 262 -0.03 -18.72 -9.03
N ALA C 263 1.19 -18.24 -8.84
CA ALA C 263 2.06 -18.78 -7.79
C ALA C 263 1.81 -18.04 -6.47
N GLY C 264 2.20 -18.69 -5.37
CA GLY C 264 1.94 -18.17 -4.03
C GLY C 264 2.64 -16.85 -3.73
N SER C 265 2.09 -16.14 -2.74
CA SER C 265 2.64 -14.86 -2.27
C SER C 265 2.80 -13.86 -3.40
N LEU C 266 1.83 -13.88 -4.32
CA LEU C 266 1.77 -12.92 -5.41
C LEU C 266 0.81 -11.82 -5.02
N LYS C 267 1.20 -10.57 -5.25
CA LYS C 267 0.33 -9.44 -5.01
C LYS C 267 -0.01 -8.74 -6.31
N ILE C 268 -1.30 -8.75 -6.64
CA ILE C 268 -1.82 -8.01 -7.80
C ILE C 268 -2.58 -6.79 -7.32
N GLY C 269 -2.26 -5.64 -7.89
CA GLY C 269 -2.93 -4.39 -7.55
C GLY C 269 -4.38 -4.41 -8.00
N ARG C 270 -5.02 -3.25 -7.97
CA ARG C 270 -6.42 -3.15 -8.38
C ARG C 270 -6.54 -2.65 -9.81
N TYR C 271 -7.70 -2.88 -10.43
CA TYR C 271 -7.98 -2.49 -11.80
C TYR C 271 -7.02 -3.16 -12.79
N CYS C 272 -6.56 -4.37 -12.45
CA CYS C 272 -5.70 -5.12 -13.36
C CYS C 272 -6.52 -6.10 -14.18
N MET C 273 -5.99 -6.45 -15.34
CA MET C 273 -6.66 -7.38 -16.24
C MET C 273 -5.69 -8.47 -16.67
N ILE C 274 -5.86 -9.67 -16.12
CA ILE C 274 -5.00 -10.80 -16.47
C ILE C 274 -5.62 -11.62 -17.59
N GLY C 275 -4.98 -11.59 -18.75
CA GLY C 275 -5.41 -12.38 -19.88
C GLY C 275 -5.36 -13.87 -19.56
N GLY C 276 -6.22 -14.64 -20.21
CA GLY C 276 -6.32 -16.05 -19.87
C GLY C 276 -5.08 -16.85 -20.22
N ALA C 277 -4.93 -17.99 -19.55
CA ALA C 277 -3.78 -18.88 -19.75
C ALA C 277 -2.45 -18.19 -19.40
N SER C 278 -2.52 -17.04 -18.74
CA SER C 278 -1.31 -16.38 -18.28
C SER C 278 -0.74 -17.16 -17.11
N VAL C 279 0.57 -17.07 -16.93
CA VAL C 279 1.25 -17.79 -15.86
C VAL C 279 2.11 -16.81 -15.08
N ILE C 280 1.79 -16.66 -13.80
CA ILE C 280 2.39 -15.59 -13.01
C ILE C 280 3.25 -16.16 -11.90
N ASN C 281 4.50 -15.75 -11.89
CA ASN C 281 5.46 -16.19 -10.89
C ASN C 281 5.10 -15.64 -9.51
N GLY C 282 5.67 -16.22 -8.47
CA GLY C 282 5.30 -15.88 -7.11
C GLY C 282 6.25 -14.89 -6.45
N HIS C 283 5.89 -14.48 -5.24
CA HIS C 283 6.74 -13.64 -4.38
C HIS C 283 7.17 -12.35 -5.07
N MET C 284 6.21 -11.70 -5.72
CA MET C 284 6.46 -10.43 -6.39
C MET C 284 5.17 -9.63 -6.54
N GLU C 285 5.30 -8.38 -6.96
CA GLU C 285 4.15 -7.50 -7.09
C GLU C 285 3.83 -7.16 -8.54
N ILE C 286 2.54 -6.99 -8.80
CA ILE C 286 2.06 -6.36 -10.01
C ILE C 286 1.28 -5.11 -9.57
N CYS C 287 1.71 -3.94 -10.04
CA CYS C 287 1.11 -2.67 -9.61
C CYS C 287 -0.31 -2.51 -10.14
N ASP C 288 -0.96 -1.44 -9.70
CA ASP C 288 -2.33 -1.13 -10.12
C ASP C 288 -2.39 -0.88 -11.62
N LYS C 289 -3.57 -1.15 -12.19
CA LYS C 289 -3.87 -0.73 -13.55
C LYS C 289 -2.92 -1.39 -14.56
N VAL C 290 -2.81 -2.72 -14.49
CA VAL C 290 -1.98 -3.48 -15.43
C VAL C 290 -2.81 -4.49 -16.22
N THR C 291 -2.56 -4.54 -17.52
CA THR C 291 -3.17 -5.54 -18.37
C THR C 291 -2.09 -6.52 -18.85
N VAL C 292 -2.27 -7.80 -18.55
CA VAL C 292 -1.44 -8.85 -19.11
C VAL C 292 -2.24 -9.58 -20.18
N THR C 293 -1.67 -9.69 -21.37
CA THR C 293 -2.34 -10.34 -22.48
C THR C 293 -2.27 -11.86 -22.34
N GLY C 294 -3.08 -12.54 -23.15
CA GLY C 294 -3.23 -13.98 -23.05
C GLY C 294 -1.94 -14.76 -23.18
N MET C 295 -1.88 -15.88 -22.48
CA MET C 295 -0.70 -16.75 -22.48
C MET C 295 0.54 -16.00 -22.00
N GLY C 296 0.33 -14.99 -21.18
CA GLY C 296 1.43 -14.19 -20.65
C GLY C 296 2.38 -14.98 -19.77
N MET C 297 3.66 -14.72 -19.94
CA MET C 297 4.70 -15.34 -19.13
C MET C 297 5.23 -14.33 -18.12
N VAL C 298 4.56 -14.24 -16.97
CA VAL C 298 4.89 -13.21 -15.99
C VAL C 298 5.93 -13.76 -15.02
N MET C 299 7.19 -13.48 -15.34
CA MET C 299 8.31 -14.00 -14.59
C MET C 299 8.77 -12.99 -13.54
N ARG C 300 8.72 -11.72 -13.92
CA ARG C 300 9.22 -10.62 -13.10
C ARG C 300 8.08 -9.75 -12.55
N PRO C 301 8.39 -8.90 -11.57
CA PRO C 301 7.38 -7.94 -11.09
C PRO C 301 7.03 -6.90 -12.15
N ILE C 302 5.88 -6.27 -12.01
CA ILE C 302 5.47 -5.19 -12.89
C ILE C 302 5.26 -3.92 -12.04
N THR C 303 6.06 -2.90 -12.34
CA THR C 303 6.23 -1.76 -11.44
C THR C 303 5.43 -0.54 -11.88
N GLU C 304 5.20 -0.42 -13.18
CA GLU C 304 4.44 0.69 -13.72
C GLU C 304 3.35 0.16 -14.66
N PRO C 305 2.21 0.88 -14.73
CA PRO C 305 1.02 0.38 -15.43
C PRO C 305 1.19 0.29 -16.94
N GLY C 306 0.23 -0.35 -17.60
CA GLY C 306 0.25 -0.49 -19.04
C GLY C 306 -0.04 -1.91 -19.47
N VAL C 307 0.18 -2.18 -20.75
CA VAL C 307 -0.05 -3.51 -21.31
C VAL C 307 1.27 -4.25 -21.49
N TYR C 308 1.31 -5.49 -21.04
CA TYR C 308 2.48 -6.34 -21.18
C TYR C 308 2.08 -7.65 -21.85
N SER C 309 2.91 -8.12 -22.78
CA SER C 309 2.56 -9.28 -23.59
C SER C 309 3.75 -10.23 -23.78
N SER C 310 3.46 -11.41 -24.29
CA SER C 310 4.50 -12.37 -24.64
C SER C 310 3.93 -13.48 -25.51
N GLY C 311 4.83 -14.22 -26.18
CA GLY C 311 4.48 -15.40 -26.95
C GLY C 311 4.68 -15.23 -28.43
N ILE C 312 5.23 -16.25 -29.08
CA ILE C 312 5.35 -16.26 -30.53
C ILE C 312 4.20 -17.10 -31.10
N PRO C 313 3.29 -16.47 -31.88
CA PRO C 313 2.09 -17.20 -32.31
C PRO C 313 2.33 -18.32 -33.34
N LEU C 314 1.23 -18.89 -33.80
CA LEU C 314 1.23 -20.02 -34.73
C LEU C 314 1.88 -19.72 -36.07
N GLN C 315 2.45 -20.77 -36.63
CA GLN C 315 2.89 -20.78 -38.01
C GLN C 315 2.58 -22.16 -38.56
N PRO C 316 2.46 -22.30 -39.89
CA PRO C 316 2.34 -23.64 -40.48
C PRO C 316 3.48 -24.54 -39.99
N ASN C 317 3.16 -25.79 -39.64
CA ASN C 317 4.09 -26.66 -38.93
C ASN C 317 5.52 -26.66 -39.46
N LYS C 318 5.68 -26.76 -40.77
CA LYS C 318 7.01 -26.83 -41.36
C LYS C 318 7.77 -25.52 -41.15
N VAL C 319 7.05 -24.42 -41.06
CA VAL C 319 7.65 -23.11 -40.83
C VAL C 319 8.10 -22.98 -39.38
N TRP C 320 7.23 -23.42 -38.47
CA TRP C 320 7.52 -23.41 -37.05
C TRP C 320 8.83 -24.13 -36.74
N ARG C 321 8.99 -25.30 -37.34
CA ARG C 321 10.19 -26.11 -37.15
C ARG C 321 11.46 -25.32 -37.38
N LYS C 322 11.47 -24.57 -38.47
CA LYS C 322 12.61 -23.72 -38.82
C LYS C 322 12.72 -22.56 -37.81
N THR C 323 11.58 -21.93 -37.52
CA THR C 323 11.55 -20.84 -36.56
C THR C 323 12.13 -21.30 -35.23
N ALA C 324 11.64 -22.44 -34.74
CA ALA C 324 12.07 -22.99 -33.46
C ALA C 324 13.59 -23.22 -33.42
N ALA C 325 14.10 -23.95 -34.41
CA ALA C 325 15.50 -24.38 -34.41
C ALA C 325 16.48 -23.20 -34.47
N LEU C 326 16.10 -22.15 -35.19
CA LEU C 326 16.96 -20.97 -35.33
C LEU C 326 17.03 -20.19 -34.03
N VAL C 327 15.92 -20.19 -33.29
CA VAL C 327 15.87 -19.48 -32.01
C VAL C 327 16.72 -20.21 -30.99
N MET C 328 16.62 -21.54 -30.96
CA MET C 328 17.39 -22.33 -30.01
C MET C 328 18.89 -22.18 -30.27
N ASN C 329 19.22 -21.72 -31.48
CA ASN C 329 20.61 -21.40 -31.85
C ASN C 329 20.78 -19.91 -32.15
N ILE C 330 19.95 -19.08 -31.51
CA ILE C 330 20.03 -17.63 -31.70
C ILE C 330 21.36 -17.11 -31.18
N ASP C 331 21.94 -17.82 -30.20
CA ASP C 331 23.22 -17.43 -29.63
C ASP C 331 24.31 -17.47 -30.70
N ASP C 332 24.45 -18.61 -31.37
CA ASP C 332 25.41 -18.74 -32.45
C ASP C 332 25.21 -17.64 -33.49
N MET C 333 23.94 -17.42 -33.83
CA MET C 333 23.56 -16.38 -34.77
C MET C 333 23.95 -14.98 -34.29
N SER C 334 24.00 -14.80 -32.97
CA SER C 334 24.45 -13.54 -32.38
C SER C 334 25.96 -13.42 -32.50
N LYS C 335 26.65 -14.55 -32.35
CA LYS C 335 28.11 -14.60 -32.46
C LYS C 335 28.51 -14.31 -33.89
N ARG C 336 27.77 -14.89 -34.83
CA ARG C 336 28.02 -14.66 -36.25
C ARG C 336 27.83 -13.19 -36.60
N LEU C 337 26.81 -12.57 -36.01
CA LEU C 337 26.50 -11.18 -36.32
C LEU C 337 27.64 -10.26 -35.90
N LYS C 338 28.16 -10.46 -34.69
CA LYS C 338 29.21 -9.59 -34.16
C LYS C 338 30.53 -9.80 -34.91
N SER C 339 30.81 -11.04 -35.27
CA SER C 339 32.06 -11.38 -35.95
C SER C 339 32.13 -10.80 -37.36
N LEU C 340 30.99 -10.29 -37.84
CA LEU C 340 30.91 -9.68 -39.15
C LEU C 340 30.96 -8.15 -39.05
N GLU C 341 31.12 -7.64 -37.83
CA GLU C 341 31.18 -6.20 -37.59
C GLU C 341 32.63 -5.70 -37.61
N SER D 10 -8.20 56.03 39.78
CA SER D 10 -7.64 57.34 39.45
C SER D 10 -6.80 57.89 40.62
N ILE D 11 -5.73 58.61 40.29
CA ILE D 11 -4.77 59.06 41.29
C ILE D 11 -4.11 60.38 40.87
N ARG D 12 -3.79 61.21 41.86
CA ARG D 12 -3.11 62.48 41.65
C ARG D 12 -1.66 62.26 41.24
N LEU D 13 -1.19 63.06 40.29
CA LEU D 13 0.13 62.85 39.69
C LEU D 13 1.25 62.90 40.71
N ALA D 14 1.13 63.80 41.69
CA ALA D 14 2.15 63.97 42.71
C ALA D 14 2.29 62.73 43.56
N ASP D 15 1.14 62.20 44.00
CA ASP D 15 1.09 60.96 44.77
C ASP D 15 1.76 59.83 44.00
N LEU D 16 1.56 59.82 42.68
CA LEU D 16 2.12 58.78 41.82
C LEU D 16 3.63 58.94 41.64
N ALA D 17 4.06 60.16 41.34
CA ALA D 17 5.47 60.46 41.14
C ALA D 17 6.27 60.11 42.39
N GLN D 18 5.59 60.17 43.53
CA GLN D 18 6.17 59.76 44.80
C GLN D 18 6.31 58.24 44.87
N GLN D 19 5.19 57.55 44.60
CA GLN D 19 5.14 56.08 44.62
C GLN D 19 6.13 55.47 43.63
N LEU D 20 6.49 56.25 42.61
CA LEU D 20 7.48 55.81 41.62
C LEU D 20 8.88 56.32 41.96
N ASP D 21 8.98 57.10 43.03
CA ASP D 21 10.25 57.69 43.46
C ASP D 21 10.88 58.45 42.29
N ALA D 22 10.07 59.30 41.65
CA ALA D 22 10.54 60.17 40.58
C ALA D 22 10.48 61.60 41.06
N GLU D 23 11.15 62.51 40.35
CA GLU D 23 11.11 63.92 40.68
C GLU D 23 10.20 64.64 39.68
N LEU D 24 9.11 65.17 40.22
CA LEU D 24 8.07 65.82 39.42
C LEU D 24 8.56 67.08 38.71
N HIS D 25 7.92 67.42 37.61
CA HIS D 25 8.26 68.62 36.84
C HIS D 25 7.01 69.19 36.18
N GLY D 26 6.02 69.53 37.00
CA GLY D 26 4.77 70.06 36.50
C GLY D 26 3.69 70.01 37.56
N ASP D 27 2.52 70.55 37.24
CA ASP D 27 1.41 70.61 38.17
C ASP D 27 1.04 69.22 38.65
N GLY D 28 1.27 68.96 39.93
CA GLY D 28 1.00 67.66 40.52
C GLY D 28 -0.45 67.51 40.96
N ASP D 29 -1.26 68.52 40.67
CA ASP D 29 -2.68 68.48 41.01
C ASP D 29 -3.47 67.71 39.96
N ILE D 30 -2.79 67.33 38.88
CA ILE D 30 -3.40 66.59 37.77
C ILE D 30 -3.98 65.26 38.21
N VAL D 31 -5.10 64.87 37.60
CA VAL D 31 -5.68 63.54 37.81
C VAL D 31 -5.27 62.60 36.69
N ILE D 32 -4.54 61.53 37.06
CA ILE D 32 -4.14 60.50 36.13
C ILE D 32 -5.10 59.32 36.22
N THR D 33 -5.58 58.87 35.06
CA THR D 33 -6.63 57.85 35.00
C THR D 33 -6.12 56.54 34.41
N GLY D 34 -4.93 56.56 33.82
CA GLY D 34 -4.38 55.34 33.26
C GLY D 34 -3.11 55.55 32.44
N VAL D 35 -2.67 54.46 31.80
CA VAL D 35 -1.45 54.45 31.02
C VAL D 35 -1.76 54.38 29.53
N ALA D 36 -0.87 54.95 28.72
CA ALA D 36 -1.03 54.89 27.27
C ALA D 36 0.32 55.07 26.58
N SER D 37 0.36 54.82 25.27
CA SER D 37 1.57 55.00 24.48
C SER D 37 1.59 56.41 23.90
N MET D 38 2.78 56.85 23.46
CA MET D 38 2.95 58.19 22.92
C MET D 38 2.00 58.48 21.75
N GLN D 39 1.85 57.51 20.85
CA GLN D 39 1.02 57.67 19.67
C GLN D 39 -0.47 57.77 20.02
N SER D 40 -0.85 57.18 21.15
CA SER D 40 -2.25 57.09 21.56
C SER D 40 -2.56 57.86 22.84
N ALA D 41 -1.56 58.55 23.37
CA ALA D 41 -1.70 59.24 24.66
C ALA D 41 -2.73 60.36 24.57
N GLN D 42 -3.63 60.39 25.55
CA GLN D 42 -4.64 61.43 25.64
C GLN D 42 -4.45 62.26 26.91
N THR D 43 -5.42 63.12 27.20
CA THR D 43 -5.40 63.92 28.41
C THR D 43 -6.00 63.11 29.55
N GLY D 44 -5.27 63.03 30.65
CA GLY D 44 -5.63 62.19 31.79
C GLY D 44 -4.82 60.91 31.73
N HIS D 45 -3.83 60.88 30.84
CA HIS D 45 -3.01 59.70 30.62
C HIS D 45 -1.54 60.00 30.88
N ILE D 46 -0.84 59.00 31.37
CA ILE D 46 0.62 59.07 31.50
C ILE D 46 1.22 58.03 30.57
N THR D 47 2.33 58.40 29.92
CA THR D 47 3.05 57.50 29.03
C THR D 47 4.53 57.51 29.42
N PHE D 48 5.38 57.10 28.50
CA PHE D 48 6.82 57.07 28.76
C PHE D 48 7.60 56.99 27.46
N MET D 49 8.90 57.26 27.56
CA MET D 49 9.78 57.23 26.40
C MET D 49 11.12 56.62 26.77
N VAL D 50 11.72 55.92 25.81
CA VAL D 50 13.04 55.32 25.99
C VAL D 50 13.92 55.67 24.80
N ASN D 51 13.40 55.49 23.60
CA ASN D 51 14.14 55.82 22.38
C ASN D 51 14.39 57.32 22.30
N PRO D 52 15.67 57.73 22.17
CA PRO D 52 15.97 59.18 22.08
C PRO D 52 15.47 59.82 20.79
N LYS D 53 15.45 59.06 19.70
CA LYS D 53 15.07 59.57 18.39
C LYS D 53 13.62 60.10 18.37
N TYR D 54 12.86 59.75 19.41
CA TYR D 54 11.45 60.16 19.52
C TYR D 54 11.31 61.35 20.49
N ARG D 55 12.30 62.24 20.50
CA ARG D 55 12.36 63.32 21.50
C ARG D 55 11.58 64.57 21.08
N GLU D 56 11.53 64.84 19.78
CA GLU D 56 10.81 66.00 19.27
C GLU D 56 9.31 65.78 19.26
N HIS D 57 8.90 64.53 19.06
CA HIS D 57 7.50 64.19 18.93
C HIS D 57 6.72 64.33 20.23
N LEU D 58 7.41 64.68 21.31
CA LEU D 58 6.74 64.93 22.59
C LEU D 58 5.74 66.07 22.47
N GLY D 59 6.03 67.01 21.56
CA GLY D 59 5.13 68.12 21.30
C GLY D 59 3.85 67.61 20.67
N LEU D 60 3.97 66.53 19.90
CA LEU D 60 2.84 65.92 19.23
C LEU D 60 2.03 65.08 20.23
N CYS D 61 2.72 64.38 21.13
CA CYS D 61 2.08 63.54 22.13
C CYS D 61 1.17 64.37 23.02
N GLN D 62 -0.04 63.88 23.24
CA GLN D 62 -1.05 64.60 24.01
C GLN D 62 -1.18 64.03 25.43
N ALA D 63 -0.08 63.54 25.98
CA ALA D 63 -0.09 62.98 27.32
C ALA D 63 -0.03 64.07 28.38
N SER D 64 -0.73 63.85 29.49
CA SER D 64 -0.66 64.75 30.64
C SER D 64 0.72 64.71 31.28
N ALA D 65 1.40 63.58 31.10
CA ALA D 65 2.70 63.36 31.71
C ALA D 65 3.53 62.38 30.89
N VAL D 66 4.85 62.45 31.06
CA VAL D 66 5.77 61.58 30.35
C VAL D 66 6.92 61.17 31.26
N VAL D 67 7.03 59.87 31.51
CA VAL D 67 8.13 59.33 32.28
C VAL D 67 9.36 59.27 31.38
N MET D 68 10.38 60.05 31.72
CA MET D 68 11.58 60.15 30.90
C MET D 68 12.82 60.22 31.78
N THR D 69 13.98 60.42 31.15
CA THR D 69 15.24 60.56 31.86
C THR D 69 15.46 62.03 32.23
N GLN D 70 16.71 62.38 32.53
CA GLN D 70 17.06 63.76 32.84
C GLN D 70 17.56 64.47 31.59
N ASP D 71 18.14 63.70 30.67
CA ASP D 71 18.60 64.24 29.39
C ASP D 71 17.41 64.51 28.47
N ASP D 72 16.27 63.88 28.77
CA ASP D 72 15.06 64.06 27.99
C ASP D 72 14.29 65.32 28.43
N LEU D 73 14.64 65.83 29.60
CA LEU D 73 13.93 66.96 30.21
C LEU D 73 13.76 68.18 29.30
N PRO D 74 14.82 68.62 28.59
CA PRO D 74 14.69 69.82 27.75
C PRO D 74 13.53 69.77 26.76
N PHE D 75 13.18 68.58 26.27
CA PHE D 75 12.13 68.43 25.27
C PHE D 75 10.79 68.07 25.91
N ALA D 76 10.68 68.31 27.22
CA ALA D 76 9.45 68.02 27.95
C ALA D 76 8.36 69.03 27.60
N LYS D 77 7.28 68.54 26.99
CA LYS D 77 6.13 69.39 26.67
C LYS D 77 4.98 69.11 27.64
N SER D 78 5.30 68.53 28.78
CA SER D 78 4.32 68.32 29.84
C SER D 78 5.00 67.99 31.15
N ALA D 79 4.20 67.61 32.14
CA ALA D 79 4.71 67.21 33.43
C ALA D 79 5.63 66.00 33.28
N ALA D 80 6.93 66.27 33.23
CA ALA D 80 7.92 65.21 33.09
C ALA D 80 8.13 64.50 34.43
N LEU D 81 8.32 63.18 34.36
CA LEU D 81 8.71 62.39 35.52
C LEU D 81 10.08 61.79 35.26
N VAL D 82 11.07 62.23 36.05
CA VAL D 82 12.46 61.82 35.85
C VAL D 82 12.83 60.65 36.74
N VAL D 83 13.48 59.66 36.13
CA VAL D 83 13.94 58.47 36.83
C VAL D 83 15.23 57.96 36.19
N LYS D 84 15.81 56.93 36.78
CA LYS D 84 16.99 56.28 36.24
C LYS D 84 16.60 55.33 35.11
N ASN D 85 15.50 54.61 35.31
CA ASN D 85 15.01 53.64 34.33
C ASN D 85 13.54 53.87 33.99
N PRO D 86 13.25 54.43 32.82
CA PRO D 86 11.85 54.67 32.44
C PRO D 86 11.06 53.38 32.26
N TYR D 87 11.67 52.38 31.65
CA TYR D 87 10.97 51.14 31.32
C TYR D 87 10.55 50.39 32.58
N LEU D 88 11.29 50.58 33.67
CA LEU D 88 10.94 49.95 34.94
C LEU D 88 9.87 50.76 35.65
N THR D 89 9.92 52.08 35.48
CA THR D 89 8.91 52.96 36.06
C THR D 89 7.60 52.77 35.30
N TYR D 90 7.72 52.45 34.02
CA TYR D 90 6.58 52.06 33.19
C TYR D 90 5.87 50.88 33.85
N ALA D 91 6.65 49.84 34.16
CA ALA D 91 6.10 48.62 34.74
C ALA D 91 5.40 48.89 36.07
N ARG D 92 6.07 49.60 36.96
CA ARG D 92 5.52 49.89 38.29
C ARG D 92 4.22 50.68 38.24
N MET D 93 4.19 51.74 37.45
CA MET D 93 3.01 52.61 37.39
C MET D 93 1.88 51.91 36.65
N ALA D 94 2.23 50.98 35.77
CA ALA D 94 1.23 50.18 35.07
C ALA D 94 0.55 49.22 36.04
N GLN D 95 1.30 48.74 37.03
CA GLN D 95 0.75 47.83 38.03
C GLN D 95 -0.18 48.57 38.98
N ILE D 96 0.16 49.82 39.28
CA ILE D 96 -0.70 50.65 40.12
C ILE D 96 -1.97 50.96 39.34
N LEU D 97 -1.80 51.31 38.08
CA LEU D 97 -2.91 51.71 37.23
C LEU D 97 -3.49 50.53 36.46
N ASP D 98 -3.08 49.32 36.86
CA ASP D 98 -3.52 48.09 36.20
C ASP D 98 -5.04 48.03 36.13
N THR D 99 -5.56 47.56 35.00
CA THR D 99 -6.99 47.42 34.78
C THR D 99 -7.40 45.96 34.75
N THR D 100 -6.41 45.07 34.74
CA THR D 100 -6.69 43.64 34.61
C THR D 100 -7.56 43.19 35.78
N PRO D 101 -8.71 42.54 35.49
CA PRO D 101 -9.54 42.01 36.58
C PRO D 101 -8.93 40.74 37.19
N GLN D 102 -9.71 40.05 38.02
CA GLN D 102 -9.30 38.76 38.56
C GLN D 102 -9.97 37.64 37.78
N PRO D 103 -9.33 36.46 37.73
CA PRO D 103 -9.93 35.26 37.13
C PRO D 103 -11.26 34.86 37.79
N ALA D 104 -11.41 35.10 39.07
CA ALA D 104 -12.62 34.69 39.78
C ALA D 104 -12.85 35.49 41.06
N GLN D 105 -14.09 35.46 41.53
CA GLN D 105 -14.48 36.12 42.77
C GLN D 105 -15.27 35.14 43.61
N ASN D 106 -14.81 34.89 44.82
CA ASN D 106 -15.45 33.93 45.71
C ASN D 106 -15.49 32.54 45.11
N ILE D 107 -16.27 31.66 45.71
CA ILE D 107 -16.40 30.29 45.20
C ILE D 107 -17.72 30.11 44.48
N ALA D 108 -17.64 29.91 43.17
CA ALA D 108 -18.83 29.72 42.35
C ALA D 108 -19.55 28.43 42.75
N PRO D 109 -20.89 28.47 42.82
CA PRO D 109 -21.65 27.25 43.16
C PRO D 109 -21.45 26.12 42.15
N SER D 110 -21.08 26.48 40.93
CA SER D 110 -20.94 25.50 39.84
C SER D 110 -19.66 24.72 39.95
N ALA D 111 -18.69 25.26 40.69
CA ALA D 111 -17.41 24.59 40.87
C ALA D 111 -17.62 23.31 41.67
N VAL D 112 -16.89 22.27 41.28
CA VAL D 112 -16.99 20.96 41.93
C VAL D 112 -15.71 20.68 42.69
N ILE D 113 -15.79 20.80 44.00
CA ILE D 113 -14.64 20.67 44.88
C ILE D 113 -14.76 19.36 45.65
N ASP D 114 -13.63 18.74 46.00
CA ASP D 114 -13.68 17.48 46.72
C ASP D 114 -13.80 17.75 48.22
N ALA D 115 -14.55 16.89 48.90
CA ALA D 115 -14.79 17.01 50.34
C ALA D 115 -13.47 17.03 51.13
N THR D 116 -12.44 16.43 50.55
CA THR D 116 -11.13 16.29 51.20
C THR D 116 -10.20 17.46 50.87
N ALA D 117 -10.74 18.49 50.23
CA ALA D 117 -9.94 19.62 49.79
C ALA D 117 -9.67 20.59 50.93
N LYS D 118 -8.42 21.07 51.00
CA LYS D 118 -8.01 22.01 52.04
C LYS D 118 -7.89 23.41 51.46
N LEU D 119 -8.86 24.27 51.81
CA LEU D 119 -8.88 25.64 51.32
C LEU D 119 -8.42 26.63 52.39
N GLY D 120 -7.58 27.58 51.98
CA GLY D 120 -7.13 28.63 52.85
C GLY D 120 -8.18 29.73 52.92
N ASN D 121 -7.76 30.92 53.30
CA ASN D 121 -8.67 32.06 53.45
C ASN D 121 -8.62 33.00 52.24
N ASN D 122 -9.76 33.62 51.94
CA ASN D 122 -9.86 34.55 50.82
C ASN D 122 -9.47 33.86 49.51
N VAL D 123 -10.08 32.70 49.27
CA VAL D 123 -9.77 31.89 48.10
C VAL D 123 -10.95 31.88 47.14
N SER D 124 -10.72 32.35 45.92
CA SER D 124 -11.75 32.40 44.89
C SER D 124 -11.54 31.30 43.85
N ILE D 125 -12.64 30.63 43.50
CA ILE D 125 -12.62 29.61 42.47
C ILE D 125 -13.69 29.93 41.44
N GLY D 126 -13.31 29.84 40.17
CA GLY D 126 -14.18 30.20 39.08
C GLY D 126 -15.28 29.16 38.83
N ALA D 127 -16.24 29.54 38.01
CA ALA D 127 -17.35 28.67 37.65
C ALA D 127 -16.88 27.41 36.95
N ASN D 128 -17.51 26.28 37.29
CA ASN D 128 -17.24 24.99 36.67
C ASN D 128 -15.77 24.55 36.75
N ALA D 129 -15.02 25.12 37.69
CA ALA D 129 -13.69 24.61 37.99
C ALA D 129 -13.84 23.35 38.82
N VAL D 130 -12.85 22.46 38.74
CA VAL D 130 -12.91 21.19 39.44
C VAL D 130 -11.65 20.97 40.28
N ILE D 131 -11.83 20.99 41.60
CA ILE D 131 -10.74 20.73 42.53
C ILE D 131 -10.86 19.30 43.05
N GLU D 132 -9.84 18.50 42.76
CA GLU D 132 -9.83 17.07 43.06
C GLU D 132 -9.65 16.85 44.57
N SER D 133 -9.45 15.61 44.99
CA SER D 133 -9.23 15.29 46.39
C SER D 133 -7.83 15.65 46.88
N GLY D 134 -7.73 16.00 48.16
CA GLY D 134 -6.45 16.17 48.83
C GLY D 134 -5.65 17.40 48.46
N VAL D 135 -6.19 18.23 47.57
CA VAL D 135 -5.41 19.38 47.07
C VAL D 135 -5.51 20.52 48.07
N GLU D 136 -4.41 21.28 48.16
CA GLU D 136 -4.33 22.40 49.06
C GLU D 136 -4.24 23.71 48.29
N LEU D 137 -5.12 24.65 48.62
CA LEU D 137 -5.12 25.97 48.01
C LEU D 137 -4.83 27.02 49.07
N GLY D 138 -3.67 27.66 48.96
CA GLY D 138 -3.23 28.63 49.96
C GLY D 138 -4.07 29.89 49.98
N ASP D 139 -3.76 30.79 50.91
CA ASP D 139 -4.50 32.03 51.07
C ASP D 139 -4.37 32.93 49.84
N ASN D 140 -5.43 33.68 49.55
CA ASN D 140 -5.45 34.65 48.45
C ASN D 140 -5.27 34.02 47.06
N VAL D 141 -5.35 32.70 46.99
CA VAL D 141 -5.22 31.99 45.72
C VAL D 141 -6.50 32.12 44.91
N ILE D 142 -6.37 32.35 43.61
CA ILE D 142 -7.52 32.42 42.71
C ILE D 142 -7.38 31.39 41.60
N ILE D 143 -8.42 30.57 41.46
CA ILE D 143 -8.51 29.59 40.39
C ILE D 143 -9.49 30.10 39.34
N GLY D 144 -9.08 30.07 38.09
CA GLY D 144 -9.94 30.52 37.00
C GLY D 144 -11.10 29.58 36.79
N ALA D 145 -12.05 29.98 35.95
CA ALA D 145 -13.17 29.11 35.60
C ALA D 145 -12.69 27.97 34.70
N GLY D 146 -13.24 26.78 34.90
CA GLY D 146 -12.96 25.66 34.02
C GLY D 146 -11.63 24.98 34.29
N CYS D 147 -10.90 25.48 35.27
CA CYS D 147 -9.61 24.90 35.64
C CYS D 147 -9.81 23.52 36.28
N PHE D 148 -8.74 22.73 36.24
CA PHE D 148 -8.71 21.42 36.89
C PHE D 148 -7.41 21.28 37.66
N VAL D 149 -7.50 20.99 38.95
CA VAL D 149 -6.32 20.74 39.78
C VAL D 149 -6.36 19.29 40.30
N GLY D 150 -5.38 18.50 39.91
CA GLY D 150 -5.37 17.08 40.20
C GLY D 150 -5.16 16.71 41.65
N LYS D 151 -5.24 15.40 41.94
CA LYS D 151 -5.15 14.90 43.30
C LYS D 151 -3.90 15.38 44.07
N ASN D 152 -4.13 15.81 45.31
CA ASN D 152 -3.05 16.08 46.26
C ASN D 152 -2.07 17.17 45.81
N SER D 153 -2.53 18.08 44.96
CA SER D 153 -1.69 19.16 44.46
C SER D 153 -1.76 20.39 45.37
N LYS D 154 -0.64 21.10 45.48
CA LYS D 154 -0.55 22.24 46.38
C LYS D 154 -0.23 23.51 45.60
N ILE D 155 -1.00 24.55 45.87
CA ILE D 155 -0.81 25.84 45.21
C ILE D 155 -0.55 26.91 46.25
N GLY D 156 0.60 27.58 46.13
CA GLY D 156 1.04 28.55 47.11
C GLY D 156 0.19 29.80 47.14
N ALA D 157 0.24 30.52 48.26
CA ALA D 157 -0.62 31.68 48.48
C ALA D 157 -0.43 32.78 47.43
N GLY D 158 -1.52 33.45 47.09
CA GLY D 158 -1.46 34.61 46.21
C GLY D 158 -1.24 34.27 44.74
N SER D 159 -1.02 33.01 44.44
CA SER D 159 -0.79 32.58 43.06
C SER D 159 -2.15 32.44 42.37
N ARG D 160 -2.16 32.61 41.05
CA ARG D 160 -3.41 32.67 40.31
C ARG D 160 -3.36 31.94 38.98
N LEU D 161 -4.45 31.25 38.71
CA LEU D 161 -4.66 30.59 37.44
C LEU D 161 -5.77 31.29 36.67
N TRP D 162 -5.50 31.66 35.43
CA TRP D 162 -6.56 32.14 34.54
C TRP D 162 -7.40 30.95 34.11
N ALA D 163 -8.38 31.17 33.25
CA ALA D 163 -9.38 30.17 32.94
C ALA D 163 -8.79 28.97 32.21
N ASN D 164 -9.42 27.80 32.39
CA ASN D 164 -9.09 26.61 31.64
C ASN D 164 -7.62 26.26 31.69
N VAL D 165 -7.03 26.40 32.87
CA VAL D 165 -5.70 25.89 33.13
C VAL D 165 -5.83 24.49 33.70
N THR D 166 -4.89 23.62 33.34
CA THR D 166 -4.91 22.24 33.78
C THR D 166 -3.69 21.91 34.63
N ILE D 167 -3.94 21.56 35.88
CA ILE D 167 -2.90 21.09 36.77
C ILE D 167 -3.18 19.63 37.10
N TYR D 168 -2.24 18.75 36.75
CA TYR D 168 -2.35 17.34 37.11
C TYR D 168 -2.20 17.15 38.61
N HIS D 169 -2.12 15.88 39.00
CA HIS D 169 -1.99 15.47 40.40
C HIS D 169 -0.55 15.63 40.91
N GLU D 170 -0.39 15.71 42.22
CA GLU D 170 0.92 15.79 42.86
C GLU D 170 1.77 16.92 42.29
N ILE D 171 1.14 18.06 42.02
CA ILE D 171 1.86 19.22 41.51
C ILE D 171 2.01 20.24 42.62
N GLN D 172 3.14 20.94 42.61
CA GLN D 172 3.50 21.87 43.66
C GLN D 172 3.85 23.23 43.09
N ILE D 173 3.03 24.23 43.41
CA ILE D 173 3.28 25.60 42.95
C ILE D 173 3.57 26.50 44.15
N GLY D 174 4.57 27.37 43.99
CA GLY D 174 4.96 28.29 45.04
C GLY D 174 4.01 29.47 45.14
N GLN D 175 4.51 30.57 45.68
CA GLN D 175 3.68 31.72 45.98
C GLN D 175 3.75 32.80 44.88
N ASN D 176 2.64 33.50 44.69
CA ASN D 176 2.54 34.63 43.75
C ASN D 176 2.89 34.23 42.31
N CYS D 177 2.42 33.06 41.89
CA CYS D 177 2.58 32.59 40.52
C CYS D 177 1.38 32.97 39.66
N LEU D 178 1.62 33.12 38.37
CA LEU D 178 0.55 33.43 37.42
C LEU D 178 0.65 32.52 36.20
N ILE D 179 -0.38 31.70 36.00
CA ILE D 179 -0.42 30.80 34.85
C ILE D 179 -1.58 31.19 33.94
N GLN D 180 -1.28 31.42 32.67
CA GLN D 180 -2.29 31.78 31.66
C GLN D 180 -3.02 30.53 31.15
N SER D 181 -4.12 30.78 30.44
CA SER D 181 -5.03 29.73 29.98
C SER D 181 -4.40 28.79 28.95
N GLY D 182 -5.02 27.63 28.76
CA GLY D 182 -4.55 26.67 27.77
C GLY D 182 -3.41 25.82 28.27
N THR D 183 -2.72 26.29 29.30
CA THR D 183 -1.54 25.63 29.83
C THR D 183 -1.91 24.38 30.64
N VAL D 184 -1.15 23.30 30.44
CA VAL D 184 -1.28 22.10 31.27
C VAL D 184 0.02 21.85 32.01
N VAL D 185 -0.10 21.46 33.29
CA VAL D 185 1.07 21.23 34.13
C VAL D 185 1.00 19.85 34.78
N GLY D 186 1.99 19.01 34.45
CA GLY D 186 2.14 17.72 35.09
C GLY D 186 1.60 16.55 34.31
N ALA D 187 1.48 16.70 32.98
CA ALA D 187 1.04 15.60 32.13
C ALA D 187 2.17 14.59 31.99
N ASP D 188 1.82 13.34 31.68
CA ASP D 188 2.81 12.29 31.49
C ASP D 188 3.87 12.74 30.51
N GLY D 189 5.13 12.68 30.91
CA GLY D 189 6.23 12.94 30.01
C GLY D 189 6.24 11.91 28.90
N PHE D 190 6.94 12.22 27.81
CA PHE D 190 7.03 11.34 26.66
C PHE D 190 8.04 10.23 26.92
N GLY D 191 7.68 9.33 27.84
CA GLY D 191 8.56 8.25 28.26
C GLY D 191 8.00 6.91 27.83
N TYR D 192 8.78 6.21 26.99
CA TYR D 192 8.39 4.92 26.42
C TYR D 192 9.60 4.02 26.21
N ALA D 193 9.41 2.74 26.50
CA ALA D 193 10.42 1.71 26.24
C ALA D 193 10.07 0.97 24.96
N ASN D 194 11.08 0.68 24.16
CA ASN D 194 10.88 0.01 22.88
C ASN D 194 11.10 -1.50 22.99
N ASP D 195 10.00 -2.26 22.95
CA ASP D 195 10.06 -3.72 23.00
C ASP D 195 9.79 -4.29 21.61
N ARG D 196 10.85 -4.44 20.82
CA ARG D 196 10.77 -5.05 19.50
C ARG D 196 9.75 -4.34 18.61
N GLY D 197 9.98 -3.05 18.37
CA GLY D 197 9.12 -2.27 17.51
C GLY D 197 7.98 -1.62 18.27
N ASN D 198 7.47 -2.31 19.29
CA ASN D 198 6.37 -1.80 20.10
C ASN D 198 6.82 -0.84 21.19
N TRP D 199 5.91 0.05 21.58
CA TRP D 199 6.16 1.03 22.63
C TRP D 199 5.40 0.64 23.89
N VAL D 200 6.15 0.50 24.98
CA VAL D 200 5.60 0.19 26.28
C VAL D 200 5.66 1.44 27.13
N LYS D 201 4.52 1.82 27.70
CA LYS D 201 4.44 3.05 28.46
C LYS D 201 5.30 2.98 29.71
N ILE D 202 6.00 4.08 30.01
CA ILE D 202 6.73 4.21 31.25
C ILE D 202 5.99 5.19 32.16
N PRO D 203 5.27 4.68 33.16
CA PRO D 203 4.56 5.57 34.08
C PRO D 203 5.46 6.67 34.64
N GLN D 204 5.02 7.91 34.50
CA GLN D 204 5.76 9.06 35.01
C GLN D 204 5.28 9.38 36.43
N ILE D 205 5.93 8.79 37.41
CA ILE D 205 5.52 8.95 38.81
C ILE D 205 6.21 10.14 39.44
N GLY D 206 7.04 10.82 38.66
CA GLY D 206 7.67 12.05 39.09
C GLY D 206 6.65 13.17 39.12
N ARG D 207 7.13 14.41 39.22
CA ARG D 207 6.25 15.56 39.42
C ARG D 207 6.75 16.83 38.76
N VAL D 208 6.01 17.91 39.01
CA VAL D 208 6.46 19.25 38.66
C VAL D 208 6.47 20.10 39.91
N ILE D 209 7.61 20.72 40.19
CA ILE D 209 7.74 21.67 41.28
C ILE D 209 7.95 23.04 40.68
N ILE D 210 7.07 23.96 41.02
CA ILE D 210 7.15 25.34 40.53
C ILE D 210 7.45 26.27 41.70
N GLY D 211 8.47 27.10 41.53
CA GLY D 211 8.94 27.99 42.58
C GLY D 211 8.01 29.18 42.83
N ASP D 212 8.61 30.29 43.24
CA ASP D 212 7.87 31.49 43.59
C ASP D 212 7.97 32.54 42.49
N ARG D 213 6.92 33.37 42.37
CA ARG D 213 6.90 34.46 41.39
C ARG D 213 7.09 33.92 39.98
N VAL D 214 6.61 32.70 39.74
CA VAL D 214 6.74 32.06 38.44
C VAL D 214 5.54 32.35 37.56
N GLU D 215 5.80 32.98 36.42
CA GLU D 215 4.75 33.34 35.48
C GLU D 215 4.88 32.51 34.21
N ILE D 216 3.89 31.67 33.97
CA ILE D 216 3.87 30.79 32.82
C ILE D 216 2.86 31.30 31.78
N GLY D 217 3.22 31.18 30.51
CA GLY D 217 2.39 31.66 29.43
C GLY D 217 1.19 30.78 29.13
N ALA D 218 0.62 30.95 27.94
CA ALA D 218 -0.60 30.26 27.55
C ALA D 218 -0.34 29.09 26.59
N CYS D 219 -1.17 28.05 26.71
CA CYS D 219 -1.02 26.83 25.91
C CYS D 219 0.41 26.32 25.98
N THR D 220 0.94 26.25 27.19
CA THR D 220 2.28 25.75 27.40
C THR D 220 2.19 24.41 28.11
N THR D 221 3.13 23.52 27.82
CA THR D 221 3.12 22.18 28.40
C THR D 221 4.38 21.93 29.23
N ILE D 222 4.17 21.67 30.53
CA ILE D 222 5.27 21.30 31.42
C ILE D 222 5.02 19.93 32.04
N ASP D 223 5.67 18.92 31.50
CA ASP D 223 5.41 17.54 31.89
C ASP D 223 6.16 17.17 33.16
N ARG D 224 5.57 16.27 33.93
CA ARG D 224 6.17 15.79 35.17
C ARG D 224 7.32 14.85 34.90
N GLY D 225 8.29 14.82 35.81
CA GLY D 225 9.42 13.94 35.69
C GLY D 225 9.02 12.47 35.61
N ALA D 226 9.93 11.64 35.13
CA ALA D 226 9.69 10.20 35.05
C ALA D 226 9.74 9.62 36.46
N LEU D 227 10.87 9.87 37.15
CA LEU D 227 11.07 9.41 38.52
C LEU D 227 11.27 10.60 39.47
N ASP D 228 12.24 11.45 39.14
CA ASP D 228 12.45 12.67 39.90
C ASP D 228 11.49 13.75 39.38
N ASP D 229 11.78 15.01 39.69
CA ASP D 229 10.84 16.09 39.45
C ASP D 229 11.32 17.06 38.38
N THR D 230 10.35 17.57 37.62
CA THR D 230 10.56 18.72 36.74
C THR D 230 10.51 19.95 37.63
N ILE D 231 11.54 20.80 37.55
CA ILE D 231 11.70 21.88 38.53
C ILE D 231 11.85 23.23 37.84
N ILE D 232 10.89 24.12 38.11
CA ILE D 232 10.94 25.48 37.60
C ILE D 232 11.36 26.41 38.73
N GLY D 233 12.47 27.10 38.53
CA GLY D 233 13.04 27.96 39.57
C GLY D 233 12.15 29.12 39.98
N ASN D 234 12.65 29.94 40.90
CA ASN D 234 11.95 31.13 41.35
C ASN D 234 12.11 32.29 40.36
N GLY D 235 11.04 33.06 40.18
CA GLY D 235 11.07 34.24 39.33
C GLY D 235 11.30 33.88 37.87
N VAL D 236 10.89 32.68 37.48
CA VAL D 236 11.02 32.23 36.09
C VAL D 236 9.81 32.65 35.27
N ILE D 237 10.07 33.17 34.08
CA ILE D 237 8.99 33.58 33.17
C ILE D 237 9.02 32.76 31.89
N ILE D 238 7.87 32.15 31.58
CA ILE D 238 7.73 31.30 30.41
C ILE D 238 6.61 31.87 29.53
N ASP D 239 6.87 31.94 28.23
CA ASP D 239 5.94 32.50 27.26
C ASP D 239 4.92 31.45 26.83
N ASN D 240 4.17 31.74 25.76
CA ASN D 240 3.20 30.80 25.21
C ASN D 240 3.83 29.69 24.37
N GLN D 241 3.11 28.58 24.23
CA GLN D 241 3.45 27.53 23.26
C GLN D 241 4.84 26.94 23.48
N CYS D 242 5.15 26.57 24.73
CA CYS D 242 6.44 25.97 25.04
C CYS D 242 6.24 24.53 25.48
N GLN D 243 7.20 23.68 25.12
CA GLN D 243 7.25 22.32 25.62
C GLN D 243 8.44 22.21 26.56
N ILE D 244 8.14 21.95 27.82
CA ILE D 244 9.16 21.70 28.84
C ILE D 244 9.06 20.25 29.25
N ALA D 245 9.97 19.45 28.71
CA ALA D 245 9.92 18.00 28.85
C ALA D 245 10.06 17.56 30.31
N HIS D 246 9.84 16.27 30.54
CA HIS D 246 9.98 15.70 31.87
C HIS D 246 11.42 15.84 32.35
N ASN D 247 11.57 16.08 33.65
CA ASN D 247 12.88 16.13 34.31
C ASN D 247 13.75 17.29 33.83
N VAL D 248 13.10 18.33 33.31
CA VAL D 248 13.80 19.56 32.98
C VAL D 248 13.94 20.38 34.26
N VAL D 249 15.06 21.11 34.37
CA VAL D 249 15.30 21.94 35.54
C VAL D 249 15.72 23.33 35.08
N ILE D 250 14.89 24.32 35.42
CA ILE D 250 15.12 25.70 35.00
C ILE D 250 15.62 26.55 36.16
N GLY D 251 16.70 27.28 35.91
CA GLY D 251 17.31 28.10 36.95
C GLY D 251 16.48 29.32 37.26
N ASP D 252 16.68 29.84 38.46
CA ASP D 252 15.99 31.04 38.92
C ASP D 252 16.15 32.20 37.96
N ASN D 253 15.08 32.97 37.79
CA ASN D 253 15.07 34.21 37.01
C ASN D 253 15.43 34.01 35.54
N THR D 254 15.14 32.83 35.03
CA THR D 254 15.37 32.50 33.63
C THR D 254 14.13 32.86 32.82
N ALA D 255 14.33 33.30 31.59
CA ALA D 255 13.23 33.73 30.72
C ALA D 255 13.16 32.88 29.45
N VAL D 256 11.98 32.36 29.17
CA VAL D 256 11.75 31.51 28.02
C VAL D 256 10.69 32.12 27.11
N ALA D 257 11.13 32.56 25.93
CA ALA D 257 10.22 33.15 24.95
C ALA D 257 9.33 32.07 24.31
N GLY D 258 8.41 32.49 23.46
CA GLY D 258 7.43 31.58 22.90
C GLY D 258 7.97 30.60 21.87
N GLY D 259 7.40 29.40 21.86
CA GLY D 259 7.68 28.45 20.80
C GLY D 259 8.82 27.49 21.11
N VAL D 260 9.36 27.57 22.32
CA VAL D 260 10.52 26.75 22.68
C VAL D 260 10.15 25.31 22.97
N ILE D 261 10.90 24.38 22.38
CA ILE D 261 10.80 22.96 22.67
C ILE D 261 12.04 22.49 23.44
N MET D 262 11.86 22.10 24.69
CA MET D 262 12.95 21.54 25.49
C MET D 262 12.86 20.02 25.56
N ALA D 263 14.00 19.36 25.44
CA ALA D 263 14.06 17.92 25.57
C ALA D 263 14.20 17.52 27.02
N GLY D 264 13.90 16.25 27.31
CA GLY D 264 13.95 15.74 28.67
C GLY D 264 15.33 15.85 29.27
N SER D 265 15.36 16.04 30.59
CA SER D 265 16.60 16.06 31.36
C SER D 265 17.55 17.17 30.89
N LEU D 266 16.96 18.27 30.47
CA LEU D 266 17.74 19.47 30.18
C LEU D 266 17.91 20.25 31.47
N LYS D 267 19.12 20.75 31.68
CA LYS D 267 19.45 21.49 32.90
C LYS D 267 19.85 22.91 32.55
N ILE D 268 18.93 23.85 32.74
CA ILE D 268 19.20 25.26 32.45
C ILE D 268 19.63 25.99 33.72
N GLY D 269 20.64 26.85 33.59
CA GLY D 269 21.16 27.60 34.70
C GLY D 269 20.32 28.83 35.03
N ARG D 270 20.87 29.69 35.90
CA ARG D 270 20.18 30.89 36.34
C ARG D 270 20.42 32.08 35.41
N TYR D 271 19.47 33.01 35.39
CA TYR D 271 19.58 34.24 34.62
C TYR D 271 19.83 33.96 33.14
N CYS D 272 19.24 32.89 32.64
CA CYS D 272 19.34 32.57 31.22
C CYS D 272 18.20 33.22 30.47
N MET D 273 18.38 33.37 29.16
CA MET D 273 17.36 33.97 28.30
C MET D 273 17.24 33.18 26.99
N ILE D 274 16.17 32.42 26.88
CA ILE D 274 15.98 31.52 25.74
C ILE D 274 15.08 32.15 24.67
N GLY D 275 15.67 32.45 23.52
CA GLY D 275 14.96 33.06 22.40
C GLY D 275 13.81 32.21 21.92
N GLY D 276 12.82 32.86 21.31
CA GLY D 276 11.61 32.19 20.88
C GLY D 276 11.87 31.15 19.80
N ALA D 277 11.01 30.13 19.75
CA ALA D 277 11.06 29.08 18.73
C ALA D 277 12.42 28.38 18.73
N SER D 278 13.07 28.34 19.89
CA SER D 278 14.36 27.65 20.02
C SER D 278 14.11 26.19 20.35
N VAL D 279 15.11 25.37 20.08
CA VAL D 279 14.96 23.93 20.15
C VAL D 279 16.21 23.37 20.80
N ILE D 280 16.06 22.86 22.02
CA ILE D 280 17.20 22.45 22.84
C ILE D 280 17.20 20.95 23.09
N ASN D 281 18.37 20.34 22.95
CA ASN D 281 18.54 18.91 23.17
C ASN D 281 18.61 18.60 24.66
N GLY D 282 18.41 17.33 25.00
CA GLY D 282 18.24 16.93 26.39
C GLY D 282 19.46 16.24 27.00
N HIS D 283 19.31 15.83 28.26
CA HIS D 283 20.36 15.14 28.99
C HIS D 283 21.67 15.93 29.00
N MET D 284 21.55 17.26 28.98
CA MET D 284 22.71 18.12 29.00
C MET D 284 22.42 19.40 29.76
N GLU D 285 23.43 20.27 29.84
CA GLU D 285 23.40 21.39 30.77
C GLU D 285 23.74 22.71 30.10
N ILE D 286 23.01 23.75 30.50
CA ILE D 286 23.30 25.12 30.10
C ILE D 286 23.66 25.90 31.36
N CYS D 287 24.82 26.55 31.33
CA CYS D 287 25.34 27.25 32.51
C CYS D 287 24.52 28.51 32.79
N ASP D 288 24.92 29.24 33.84
CA ASP D 288 24.25 30.48 34.22
C ASP D 288 24.57 31.60 33.23
N LYS D 289 23.71 32.62 33.22
CA LYS D 289 23.90 33.81 32.38
C LYS D 289 24.20 33.44 30.93
N VAL D 290 23.28 32.69 30.33
CA VAL D 290 23.39 32.29 28.92
C VAL D 290 22.20 32.79 28.14
N THR D 291 22.47 33.27 26.94
CA THR D 291 21.45 33.86 26.09
C THR D 291 21.45 33.17 24.74
N VAL D 292 20.37 32.45 24.45
CA VAL D 292 20.20 31.80 23.15
C VAL D 292 19.25 32.62 22.27
N THR D 293 19.78 33.09 21.15
CA THR D 293 18.99 33.89 20.24
C THR D 293 17.89 33.07 19.59
N GLY D 294 16.96 33.75 18.93
CA GLY D 294 15.78 33.13 18.34
C GLY D 294 16.09 31.99 17.38
N MET D 295 15.18 31.01 17.35
CA MET D 295 15.29 29.85 16.46
C MET D 295 16.61 29.10 16.70
N GLY D 296 17.11 29.20 17.92
CA GLY D 296 18.36 28.56 18.27
C GLY D 296 18.29 27.05 18.18
N MET D 297 19.31 26.47 17.58
CA MET D 297 19.45 25.02 17.49
C MET D 297 20.52 24.59 18.48
N VAL D 298 20.11 24.36 19.72
CA VAL D 298 21.03 24.01 20.78
C VAL D 298 21.21 22.50 20.81
N MET D 299 22.12 21.99 20.00
CA MET D 299 22.40 20.55 19.99
C MET D 299 23.29 20.18 21.18
N ARG D 300 24.29 21.02 21.44
CA ARG D 300 25.31 20.70 22.43
C ARG D 300 25.17 21.55 23.68
N PRO D 301 25.83 21.14 24.78
CA PRO D 301 25.76 21.90 26.03
C PRO D 301 26.45 23.26 25.92
N ILE D 302 26.20 24.11 26.91
CA ILE D 302 26.85 25.41 27.01
C ILE D 302 27.54 25.52 28.35
N THR D 303 28.84 25.75 28.30
CA THR D 303 29.71 25.66 29.46
C THR D 303 30.22 27.04 29.89
N GLU D 304 30.24 27.98 28.95
CA GLU D 304 30.68 29.35 29.24
C GLU D 304 29.56 30.37 28.98
N PRO D 305 29.35 31.31 29.91
CA PRO D 305 28.28 32.29 29.71
C PRO D 305 28.53 33.21 28.53
N GLY D 306 27.47 33.81 28.01
CA GLY D 306 27.56 34.66 26.83
C GLY D 306 26.34 34.45 25.95
N VAL D 307 26.45 34.89 24.70
CA VAL D 307 25.35 34.78 23.73
C VAL D 307 25.70 33.80 22.63
N TYR D 308 24.74 32.94 22.29
CA TYR D 308 24.94 31.89 21.28
C TYR D 308 23.80 31.88 20.27
N SER D 309 24.14 31.66 19.00
CA SER D 309 23.19 31.82 17.91
C SER D 309 23.37 30.77 16.82
N SER D 310 22.34 30.62 16.00
CA SER D 310 22.38 29.76 14.83
C SER D 310 21.28 30.10 13.85
N GLY D 311 21.21 29.34 12.77
CA GLY D 311 20.19 29.50 11.76
C GLY D 311 20.64 30.43 10.66
N ILE D 312 20.31 30.06 9.43
CA ILE D 312 20.64 30.88 8.27
C ILE D 312 19.45 31.78 7.96
N PRO D 313 19.66 33.11 7.94
CA PRO D 313 18.57 34.05 7.64
C PRO D 313 17.85 33.79 6.32
N LEU D 314 16.82 34.57 6.08
CA LEU D 314 15.93 34.39 4.95
C LEU D 314 16.38 35.21 3.74
N GLN D 315 16.15 34.66 2.55
CA GLN D 315 16.49 35.32 1.30
C GLN D 315 15.30 35.30 0.36
N PRO D 316 15.42 35.99 -0.79
CA PRO D 316 14.42 35.79 -1.85
C PRO D 316 14.40 34.33 -2.28
N ASN D 317 13.32 33.92 -2.95
CA ASN D 317 13.12 32.50 -3.27
C ASN D 317 14.18 31.95 -4.21
N LYS D 318 14.43 32.65 -5.31
CA LYS D 318 15.42 32.20 -6.29
C LYS D 318 16.82 32.15 -5.66
N VAL D 319 17.15 33.16 -4.87
CA VAL D 319 18.45 33.25 -4.21
C VAL D 319 18.61 32.09 -3.25
N TRP D 320 17.55 31.80 -2.50
CA TRP D 320 17.56 30.73 -1.52
C TRP D 320 17.81 29.37 -2.17
N ARG D 321 17.13 29.12 -3.28
CA ARG D 321 17.24 27.87 -4.00
C ARG D 321 18.71 27.55 -4.33
N LYS D 322 19.45 28.58 -4.72
CA LYS D 322 20.87 28.44 -5.01
C LYS D 322 21.64 28.24 -3.71
N THR D 323 21.34 29.07 -2.73
CA THR D 323 22.02 29.00 -1.44
C THR D 323 21.87 27.60 -0.86
N ALA D 324 20.64 27.13 -0.76
CA ALA D 324 20.36 25.82 -0.19
C ALA D 324 21.06 24.71 -0.96
N ALA D 325 20.90 24.72 -2.29
CA ALA D 325 21.49 23.68 -3.14
C ALA D 325 23.01 23.60 -2.94
N LEU D 326 23.67 24.74 -2.94
CA LEU D 326 25.13 24.78 -2.83
C LEU D 326 25.61 24.29 -1.47
N VAL D 327 24.82 24.54 -0.43
CA VAL D 327 25.17 24.11 0.91
C VAL D 327 25.05 22.59 1.04
N MET D 328 24.03 22.02 0.40
CA MET D 328 23.80 20.58 0.45
C MET D 328 24.96 19.83 -0.20
N ASN D 329 25.55 20.45 -1.22
CA ASN D 329 26.71 19.88 -1.89
C ASN D 329 27.96 20.72 -1.62
N ILE D 330 28.31 20.83 -0.34
CA ILE D 330 29.43 21.65 0.09
C ILE D 330 30.68 20.79 0.32
N ASP D 331 30.52 19.48 0.35
CA ASP D 331 31.65 18.58 0.52
C ASP D 331 32.42 18.48 -0.79
N ASP D 332 31.67 18.39 -1.90
CA ASP D 332 32.26 18.36 -3.23
C ASP D 332 32.85 19.72 -3.58
N MET D 333 32.57 20.71 -2.74
CA MET D 333 33.16 22.04 -2.88
C MET D 333 34.44 22.13 -2.06
N SER D 334 34.39 21.64 -0.83
CA SER D 334 35.55 21.65 0.06
C SER D 334 36.68 20.83 -0.54
N LYS D 335 36.32 19.72 -1.18
CA LYS D 335 37.30 18.85 -1.81
C LYS D 335 37.84 19.50 -3.08
N ARG D 336 36.97 20.22 -3.80
CA ARG D 336 37.38 20.92 -5.00
C ARG D 336 38.37 22.02 -4.65
N LEU D 337 38.33 22.46 -3.40
CA LEU D 337 39.23 23.51 -2.92
C LEU D 337 40.59 22.92 -2.55
N LYS D 338 40.58 21.80 -1.84
CA LYS D 338 41.81 21.15 -1.43
C LYS D 338 42.60 20.67 -2.65
N SER D 339 41.89 20.48 -3.75
CA SER D 339 42.51 20.07 -5.01
C SER D 339 43.19 21.26 -5.67
N LEU D 340 42.49 22.39 -5.70
CA LEU D 340 42.98 23.60 -6.35
C LEU D 340 43.89 24.39 -5.42
N ALA E 9 -29.80 16.35 3.57
CA ALA E 9 -28.57 15.70 3.14
C ALA E 9 -28.78 15.02 1.79
N SER E 10 -29.66 15.57 0.97
CA SER E 10 -29.97 14.98 -0.34
C SER E 10 -30.62 16.00 -1.27
N ILE E 11 -29.85 16.42 -2.28
CA ILE E 11 -30.29 17.44 -3.22
C ILE E 11 -30.22 16.90 -4.65
N ARG E 12 -31.14 17.35 -5.50
CA ARG E 12 -31.10 16.98 -6.90
C ARG E 12 -29.90 17.63 -7.57
N LEU E 13 -29.34 16.95 -8.55
CA LEU E 13 -28.16 17.43 -9.27
C LEU E 13 -28.46 18.74 -9.98
N ALA E 14 -29.72 18.94 -10.34
CA ALA E 14 -30.14 20.13 -11.08
C ALA E 14 -30.11 21.37 -10.21
N ASP E 15 -30.78 21.29 -9.05
CA ASP E 15 -30.79 22.39 -8.10
C ASP E 15 -29.36 22.81 -7.75
N LEU E 16 -28.58 21.85 -7.31
CA LEU E 16 -27.18 22.05 -6.95
C LEU E 16 -26.41 22.82 -8.02
N ALA E 17 -26.60 22.42 -9.29
CA ALA E 17 -25.93 23.08 -10.40
C ALA E 17 -26.37 24.54 -10.50
N GLN E 18 -27.63 24.80 -10.18
CA GLN E 18 -28.15 26.16 -10.21
C GLN E 18 -27.55 26.95 -9.05
N GLN E 19 -27.63 26.39 -7.84
CA GLN E 19 -27.09 27.03 -6.65
C GLN E 19 -25.61 27.31 -6.82
N LEU E 20 -24.95 26.54 -7.68
CA LEU E 20 -23.54 26.72 -7.98
C LEU E 20 -23.33 27.52 -9.24
N ASP E 21 -24.43 27.83 -9.93
CA ASP E 21 -24.38 28.54 -11.20
C ASP E 21 -23.40 27.84 -12.12
N ALA E 22 -23.81 26.66 -12.60
CA ALA E 22 -22.95 25.83 -13.43
C ALA E 22 -23.75 25.12 -14.53
N GLU E 23 -23.08 24.88 -15.65
CA GLU E 23 -23.65 24.19 -16.78
C GLU E 23 -23.76 22.70 -16.48
N LEU E 24 -24.99 22.18 -16.47
CA LEU E 24 -25.23 20.76 -16.19
C LEU E 24 -25.31 19.92 -17.46
N HIS E 25 -24.37 18.99 -17.60
CA HIS E 25 -24.37 18.03 -18.71
C HIS E 25 -24.68 16.62 -18.18
N GLY E 26 -25.96 16.34 -17.96
CA GLY E 26 -26.40 15.04 -17.48
C GLY E 26 -27.76 15.06 -16.82
N ASP E 27 -28.18 13.93 -16.30
CA ASP E 27 -29.48 13.79 -15.66
C ASP E 27 -29.57 14.57 -14.35
N GLY E 28 -30.29 15.69 -14.36
CA GLY E 28 -30.46 16.51 -13.18
C GLY E 28 -31.45 15.93 -12.18
N ASP E 29 -31.92 14.70 -12.43
CA ASP E 29 -32.78 14.00 -11.49
C ASP E 29 -31.97 13.09 -10.58
N ILE E 30 -30.65 13.17 -10.69
CA ILE E 30 -29.76 12.42 -9.82
C ILE E 30 -29.78 13.00 -8.42
N VAL E 31 -29.99 12.15 -7.42
CA VAL E 31 -29.96 12.58 -6.03
C VAL E 31 -28.52 12.52 -5.54
N ILE E 32 -28.03 13.65 -5.04
CA ILE E 32 -26.67 13.75 -4.51
C ILE E 32 -26.71 13.68 -3.00
N THR E 33 -26.06 12.66 -2.45
CA THR E 33 -26.07 12.40 -1.02
C THR E 33 -24.99 13.19 -0.28
N GLY E 34 -23.92 13.55 -0.99
CA GLY E 34 -22.84 14.29 -0.38
C GLY E 34 -21.60 14.42 -1.24
N VAL E 35 -20.57 15.05 -0.68
CA VAL E 35 -19.32 15.29 -1.38
C VAL E 35 -18.33 14.17 -1.06
N ALA E 36 -17.41 13.91 -1.99
CA ALA E 36 -16.37 12.92 -1.76
C ALA E 36 -15.23 13.11 -2.76
N SER E 37 -14.11 12.43 -2.49
CA SER E 37 -12.93 12.49 -3.34
C SER E 37 -13.05 11.47 -4.47
N MET E 38 -12.40 11.75 -5.59
CA MET E 38 -12.45 10.88 -6.76
C MET E 38 -12.17 9.42 -6.46
N GLN E 39 -11.08 9.17 -5.73
CA GLN E 39 -10.64 7.82 -5.41
C GLN E 39 -11.69 7.10 -4.56
N SER E 40 -12.34 7.83 -3.66
CA SER E 40 -13.26 7.22 -2.70
C SER E 40 -14.72 7.57 -2.99
N ALA E 41 -14.96 8.37 -4.02
CA ALA E 41 -16.33 8.71 -4.44
C ALA E 41 -17.05 7.47 -4.95
N GLN E 42 -18.30 7.33 -4.54
CA GLN E 42 -19.18 6.25 -4.97
C GLN E 42 -20.48 6.86 -5.50
N THR E 43 -21.46 6.01 -5.81
CA THR E 43 -22.70 6.50 -6.38
C THR E 43 -23.44 7.36 -5.35
N GLY E 44 -23.96 8.50 -5.79
CA GLY E 44 -24.65 9.43 -4.93
C GLY E 44 -23.76 10.61 -4.56
N HIS E 45 -22.48 10.49 -4.88
CA HIS E 45 -21.49 11.49 -4.50
C HIS E 45 -21.16 12.41 -5.66
N ILE E 46 -20.92 13.68 -5.33
CA ILE E 46 -20.43 14.65 -6.29
C ILE E 46 -18.99 14.94 -5.94
N THR E 47 -18.16 15.20 -6.95
CA THR E 47 -16.74 15.49 -6.73
C THR E 47 -16.24 16.44 -7.80
N PHE E 48 -14.91 16.57 -7.89
CA PHE E 48 -14.30 17.61 -8.71
C PHE E 48 -12.88 17.20 -9.09
N MET E 49 -12.33 17.89 -10.10
CA MET E 49 -10.93 17.75 -10.43
C MET E 49 -10.39 19.07 -10.97
N VAL E 50 -9.26 19.49 -10.41
CA VAL E 50 -8.70 20.81 -10.71
C VAL E 50 -7.43 20.70 -11.54
N ASN E 51 -6.82 19.51 -11.51
CA ASN E 51 -5.59 19.24 -12.24
C ASN E 51 -5.89 18.31 -13.42
N PRO E 52 -5.93 18.86 -14.65
CA PRO E 52 -6.26 18.05 -15.84
C PRO E 52 -5.33 16.85 -16.08
N LYS E 53 -4.34 16.62 -15.22
CA LYS E 53 -3.52 15.41 -15.32
C LYS E 53 -4.16 14.26 -14.52
N TYR E 54 -5.44 14.44 -14.17
CA TYR E 54 -6.27 13.37 -13.62
C TYR E 54 -7.40 13.07 -14.60
N ARG E 55 -7.20 13.45 -15.85
CA ARG E 55 -8.25 13.35 -16.86
C ARG E 55 -8.61 11.90 -17.18
N GLU E 56 -7.62 11.01 -17.09
CA GLU E 56 -7.85 9.60 -17.34
C GLU E 56 -8.42 8.91 -16.11
N HIS E 57 -8.24 9.52 -14.94
CA HIS E 57 -8.73 8.96 -13.70
C HIS E 57 -10.25 9.08 -13.58
N LEU E 58 -10.85 9.91 -14.42
CA LEU E 58 -12.30 10.01 -14.48
C LEU E 58 -12.93 8.69 -14.86
N GLY E 59 -12.16 7.84 -15.55
CA GLY E 59 -12.65 6.57 -16.03
C GLY E 59 -12.54 5.45 -15.01
N LEU E 60 -12.15 5.79 -13.78
CA LEU E 60 -12.11 4.83 -12.69
C LEU E 60 -12.86 5.38 -11.47
N CYS E 61 -13.52 6.52 -11.66
CA CYS E 61 -14.27 7.16 -10.59
C CYS E 61 -15.74 6.76 -10.64
N GLN E 62 -16.30 6.40 -9.49
CA GLN E 62 -17.68 5.93 -9.40
C GLN E 62 -18.61 7.05 -8.93
N ALA E 63 -18.15 8.29 -9.00
CA ALA E 63 -18.99 9.43 -8.63
C ALA E 63 -20.16 9.57 -9.60
N SER E 64 -21.27 10.08 -9.10
CA SER E 64 -22.46 10.30 -9.92
C SER E 64 -22.26 11.53 -10.79
N ALA E 65 -21.58 12.54 -10.23
CA ALA E 65 -21.29 13.77 -10.95
C ALA E 65 -19.89 14.27 -10.62
N VAL E 66 -19.28 14.98 -11.57
CA VAL E 66 -17.93 15.49 -11.40
C VAL E 66 -17.81 16.93 -11.91
N VAL E 67 -17.32 17.81 -11.04
CA VAL E 67 -17.15 19.22 -11.37
C VAL E 67 -15.83 19.40 -12.12
N MET E 68 -15.89 20.11 -13.24
CA MET E 68 -14.71 20.29 -14.08
C MET E 68 -14.85 21.53 -14.94
N THR E 69 -13.80 21.84 -15.70
CA THR E 69 -13.84 22.96 -16.64
C THR E 69 -14.57 22.55 -17.92
N GLN E 70 -14.58 23.44 -18.90
CA GLN E 70 -15.22 23.14 -20.19
C GLN E 70 -14.33 22.21 -21.01
N ASP E 71 -13.02 22.44 -20.95
CA ASP E 71 -12.06 21.64 -21.71
C ASP E 71 -11.97 20.20 -21.19
N ASP E 72 -12.42 19.98 -19.97
CA ASP E 72 -12.40 18.65 -19.37
C ASP E 72 -13.58 17.81 -19.84
N LEU E 73 -14.60 18.47 -20.41
CA LEU E 73 -15.89 17.85 -20.69
C LEU E 73 -15.82 16.66 -21.65
N PRO E 74 -15.00 16.73 -22.71
CA PRO E 74 -14.89 15.58 -23.62
C PRO E 74 -14.41 14.31 -22.93
N PHE E 75 -13.73 14.47 -21.79
CA PHE E 75 -13.18 13.35 -21.03
C PHE E 75 -14.16 12.79 -20.01
N ALA E 76 -15.28 13.48 -19.82
CA ALA E 76 -16.26 13.10 -18.81
C ALA E 76 -16.74 11.67 -19.00
N LYS E 77 -16.98 10.99 -17.89
CA LYS E 77 -17.50 9.63 -17.88
C LYS E 77 -18.76 9.59 -17.03
N SER E 78 -19.29 10.76 -16.73
CA SER E 78 -20.42 10.87 -15.82
C SER E 78 -21.15 12.17 -16.06
N ALA E 79 -22.20 12.39 -15.28
CA ALA E 79 -22.79 13.72 -15.22
C ALA E 79 -21.68 14.69 -14.81
N ALA E 80 -21.75 15.91 -15.30
CA ALA E 80 -20.68 16.87 -15.02
C ALA E 80 -21.21 18.30 -14.94
N LEU E 81 -20.62 19.07 -14.01
CA LEU E 81 -20.92 20.48 -13.88
C LEU E 81 -19.72 21.28 -14.36
N VAL E 82 -19.97 22.17 -15.32
CA VAL E 82 -18.91 22.97 -15.89
C VAL E 82 -18.80 24.31 -15.17
N VAL E 83 -17.58 24.69 -14.86
CA VAL E 83 -17.31 25.95 -14.18
C VAL E 83 -15.96 26.49 -14.63
N LYS E 84 -15.60 27.69 -14.16
CA LYS E 84 -14.30 28.26 -14.46
C LYS E 84 -13.34 27.85 -13.36
N ASN E 85 -13.82 27.84 -12.12
CA ASN E 85 -13.02 27.47 -10.97
C ASN E 85 -13.62 26.26 -10.26
N PRO E 86 -13.05 25.06 -10.51
CA PRO E 86 -13.64 23.87 -9.90
C PRO E 86 -13.40 23.80 -8.39
N TYR E 87 -12.20 24.20 -7.98
CA TYR E 87 -11.80 24.16 -6.57
C TYR E 87 -12.69 25.08 -5.73
N LEU E 88 -13.14 26.15 -6.36
CA LEU E 88 -13.97 27.14 -5.68
C LEU E 88 -15.41 26.64 -5.64
N THR E 89 -15.86 26.04 -6.73
CA THR E 89 -17.19 25.44 -6.80
C THR E 89 -17.29 24.32 -5.76
N TYR E 90 -16.17 23.63 -5.56
CA TYR E 90 -16.05 22.57 -4.56
C TYR E 90 -16.31 23.14 -3.17
N ALA E 91 -15.65 24.24 -2.84
CA ALA E 91 -15.81 24.86 -1.53
C ALA E 91 -17.28 25.22 -1.30
N ARG E 92 -17.92 25.74 -2.34
CA ARG E 92 -19.32 26.12 -2.25
C ARG E 92 -20.24 24.91 -2.08
N MET E 93 -20.09 23.92 -2.94
CA MET E 93 -20.95 22.74 -2.89
C MET E 93 -20.70 21.94 -1.62
N ALA E 94 -19.51 22.08 -1.04
CA ALA E 94 -19.19 21.41 0.21
C ALA E 94 -19.87 22.12 1.37
N GLN E 95 -20.02 23.44 1.24
CA GLN E 95 -20.78 24.21 2.21
C GLN E 95 -22.26 23.86 2.12
N ILE E 96 -22.77 23.72 0.90
CA ILE E 96 -24.17 23.37 0.68
C ILE E 96 -24.48 22.00 1.28
N LEU E 97 -23.56 21.06 1.08
CA LEU E 97 -23.73 19.70 1.57
C LEU E 97 -22.95 19.46 2.86
N ASP E 98 -22.55 20.53 3.54
CA ASP E 98 -21.81 20.42 4.78
C ASP E 98 -22.60 19.62 5.81
N THR E 99 -21.94 18.64 6.42
CA THR E 99 -22.52 17.77 7.44
C THR E 99 -22.02 18.13 8.84
N THR E 100 -21.29 19.24 8.93
CA THR E 100 -20.69 19.64 10.20
C THR E 100 -21.77 20.17 11.14
N PRO E 101 -21.83 19.66 12.37
CA PRO E 101 -22.81 20.18 13.33
C PRO E 101 -22.47 21.58 13.83
N GLN E 102 -23.18 22.04 14.84
CA GLN E 102 -22.92 23.32 15.49
C GLN E 102 -22.32 23.08 16.88
N PRO E 103 -21.48 24.00 17.36
CA PRO E 103 -20.92 23.89 18.71
C PRO E 103 -22.00 23.74 19.78
N ALA E 104 -23.16 24.32 19.54
CA ALA E 104 -24.25 24.29 20.49
C ALA E 104 -25.55 24.78 19.87
N GLN E 105 -26.66 24.45 20.53
CA GLN E 105 -27.97 24.91 20.11
C GLN E 105 -28.77 25.31 21.35
N ASN E 106 -29.33 26.51 21.31
CA ASN E 106 -30.07 27.08 22.43
C ASN E 106 -29.17 27.37 23.64
N ILE E 107 -29.78 27.67 24.78
CA ILE E 107 -29.04 27.99 26.00
C ILE E 107 -29.01 26.82 26.98
N ALA E 108 -27.82 26.38 27.35
CA ALA E 108 -27.66 25.22 28.22
C ALA E 108 -27.94 25.55 29.69
N PRO E 109 -28.75 24.72 30.37
CA PRO E 109 -28.98 24.92 31.81
C PRO E 109 -27.69 24.92 32.63
N SER E 110 -26.68 24.20 32.15
CA SER E 110 -25.41 24.06 32.85
C SER E 110 -24.48 25.25 32.63
N ALA E 111 -24.83 26.11 31.67
CA ALA E 111 -24.03 27.29 31.36
C ALA E 111 -24.15 28.31 32.49
N VAL E 112 -23.05 29.03 32.74
CA VAL E 112 -23.00 30.00 33.82
C VAL E 112 -22.85 31.39 33.22
N ILE E 113 -23.96 32.12 33.15
CA ILE E 113 -23.99 33.41 32.46
C ILE E 113 -24.23 34.52 33.47
N ASP E 114 -23.47 35.60 33.36
CA ASP E 114 -23.67 36.75 34.24
C ASP E 114 -24.91 37.50 33.79
N ALA E 115 -25.62 38.08 34.75
CA ALA E 115 -26.91 38.72 34.47
C ALA E 115 -26.76 40.05 33.74
N THR E 116 -25.53 40.54 33.63
CA THR E 116 -25.24 41.79 32.93
C THR E 116 -24.84 41.51 31.48
N ALA E 117 -24.72 40.24 31.13
CA ALA E 117 -24.34 39.85 29.78
C ALA E 117 -25.48 40.20 28.82
N LYS E 118 -25.12 40.81 27.69
CA LYS E 118 -26.07 41.21 26.67
C LYS E 118 -26.09 40.17 25.55
N LEU E 119 -27.21 39.47 25.41
CA LEU E 119 -27.36 38.46 24.36
C LEU E 119 -28.25 38.97 23.23
N GLY E 120 -27.81 38.77 21.99
CA GLY E 120 -28.61 39.10 20.84
C GLY E 120 -29.63 38.02 20.54
N ASN E 121 -30.24 38.08 19.36
CA ASN E 121 -31.27 37.13 18.99
C ASN E 121 -30.68 35.86 18.39
N ASN E 122 -31.30 34.72 18.71
CA ASN E 122 -30.89 33.44 18.18
C ASN E 122 -29.46 33.08 18.60
N VAL E 123 -29.14 33.33 19.86
CA VAL E 123 -27.84 32.95 20.42
C VAL E 123 -27.90 31.55 20.99
N SER E 124 -26.80 30.81 20.84
CA SER E 124 -26.68 29.47 21.40
C SER E 124 -25.44 29.37 22.28
N ILE E 125 -25.62 28.86 23.49
CA ILE E 125 -24.51 28.70 24.43
C ILE E 125 -24.43 27.26 24.93
N GLY E 126 -23.22 26.74 24.96
CA GLY E 126 -23.01 25.33 25.23
C GLY E 126 -23.01 24.99 26.70
N ALA E 127 -22.91 23.71 26.99
CA ALA E 127 -22.91 23.19 28.36
C ALA E 127 -21.66 23.61 29.13
N ASN E 128 -21.85 24.01 30.39
CA ASN E 128 -20.77 24.41 31.28
C ASN E 128 -19.88 25.51 30.70
N ALA E 129 -20.43 26.29 29.77
CA ALA E 129 -19.74 27.47 29.27
C ALA E 129 -19.88 28.56 30.31
N VAL E 130 -18.95 29.52 30.28
CA VAL E 130 -18.95 30.60 31.26
C VAL E 130 -18.90 31.97 30.59
N ILE E 131 -19.93 32.76 30.80
CA ILE E 131 -20.00 34.11 30.26
C ILE E 131 -19.90 35.12 31.39
N GLU E 132 -18.84 35.92 31.38
CA GLU E 132 -18.60 36.87 32.46
C GLU E 132 -19.48 38.11 32.30
N SER E 133 -19.24 39.10 33.15
CA SER E 133 -20.09 40.29 33.21
C SER E 133 -19.83 41.24 32.04
N GLY E 134 -20.89 41.94 31.63
CA GLY E 134 -20.78 42.98 30.62
C GLY E 134 -20.49 42.45 29.22
N VAL E 135 -20.60 41.14 29.06
CA VAL E 135 -20.29 40.50 27.79
C VAL E 135 -21.41 40.72 26.78
N GLU E 136 -21.04 41.05 25.56
CA GLU E 136 -21.99 41.27 24.48
C GLU E 136 -21.86 40.20 23.41
N LEU E 137 -22.86 39.32 23.34
CA LEU E 137 -22.94 38.34 22.26
C LEU E 137 -23.93 38.82 21.21
N GLY E 138 -23.43 39.03 19.99
CA GLY E 138 -24.25 39.52 18.90
C GLY E 138 -25.21 38.48 18.39
N ASP E 139 -26.01 38.86 17.39
CA ASP E 139 -27.00 37.96 16.79
C ASP E 139 -26.36 36.70 16.21
N ASN E 140 -27.07 35.59 16.33
CA ASN E 140 -26.68 34.33 15.69
C ASN E 140 -25.37 33.75 16.23
N VAL E 141 -24.84 34.35 17.29
CA VAL E 141 -23.58 33.90 17.85
C VAL E 141 -23.75 32.51 18.46
N ILE E 142 -22.66 31.75 18.48
CA ILE E 142 -22.65 30.43 19.09
C ILE E 142 -21.38 30.23 19.93
N ILE E 143 -21.59 29.97 21.22
CA ILE E 143 -20.49 29.65 22.12
C ILE E 143 -20.50 28.16 22.46
N GLY E 144 -19.42 27.48 22.13
CA GLY E 144 -19.32 26.05 22.36
C GLY E 144 -19.16 25.70 23.83
N ALA E 145 -19.30 24.42 24.14
CA ALA E 145 -19.25 23.91 25.51
C ALA E 145 -17.91 24.24 26.18
N GLY E 146 -17.98 24.52 27.48
CA GLY E 146 -16.78 24.73 28.29
C GLY E 146 -15.97 25.95 27.89
N CYS E 147 -16.56 26.84 27.10
CA CYS E 147 -15.87 28.06 26.71
C CYS E 147 -15.90 29.11 27.82
N PHE E 148 -14.97 30.05 27.76
CA PHE E 148 -14.94 31.16 28.70
C PHE E 148 -14.78 32.49 27.96
N VAL E 149 -15.74 33.38 28.13
CA VAL E 149 -15.65 34.73 27.58
C VAL E 149 -15.43 35.71 28.73
N GLY E 150 -14.34 36.47 28.66
CA GLY E 150 -13.98 37.38 29.75
C GLY E 150 -14.81 38.64 29.82
N LYS E 151 -14.60 39.41 30.89
CA LYS E 151 -15.37 40.62 31.18
C LYS E 151 -15.37 41.66 30.05
N ASN E 152 -16.56 42.17 29.75
CA ASN E 152 -16.75 43.26 28.78
C ASN E 152 -16.30 42.94 27.36
N SER E 153 -16.32 41.65 27.01
CA SER E 153 -15.89 41.24 25.68
C SER E 153 -17.07 41.21 24.72
N LYS E 154 -16.79 41.39 23.43
CA LYS E 154 -17.84 41.52 22.41
C LYS E 154 -17.64 40.53 21.27
N ILE E 155 -18.62 39.66 21.07
CA ILE E 155 -18.58 38.73 19.95
C ILE E 155 -19.56 39.22 18.88
N GLY E 156 -19.03 39.56 17.70
CA GLY E 156 -19.85 40.03 16.61
C GLY E 156 -20.80 38.96 16.09
N ALA E 157 -21.71 39.38 15.22
CA ALA E 157 -22.78 38.52 14.70
C ALA E 157 -22.26 37.34 13.87
N GLY E 158 -22.92 36.20 13.99
CA GLY E 158 -22.60 35.04 13.20
C GLY E 158 -21.30 34.36 13.60
N SER E 159 -20.57 34.95 14.55
CA SER E 159 -19.30 34.40 15.03
C SER E 159 -19.57 33.17 15.88
N ARG E 160 -18.66 32.21 15.81
CA ARG E 160 -18.87 30.93 16.46
C ARG E 160 -17.61 30.39 17.11
N LEU E 161 -17.78 29.86 18.31
CA LEU E 161 -16.69 29.22 19.03
C LEU E 161 -17.00 27.73 19.28
N TRP E 162 -16.08 26.87 18.88
CA TRP E 162 -16.19 25.45 19.21
C TRP E 162 -15.90 25.26 20.69
N ALA E 163 -15.94 24.02 21.15
CA ALA E 163 -15.79 23.73 22.58
C ALA E 163 -14.43 24.19 23.11
N ASN E 164 -14.42 24.60 24.38
CA ASN E 164 -13.20 24.88 25.13
C ASN E 164 -12.29 25.92 24.48
N VAL E 165 -12.88 27.07 24.20
CA VAL E 165 -12.15 28.24 23.76
C VAL E 165 -12.12 29.25 24.89
N THR E 166 -11.06 30.03 24.96
CA THR E 166 -10.89 31.02 26.02
C THR E 166 -10.73 32.42 25.44
N ILE E 167 -11.69 33.28 25.74
CA ILE E 167 -11.57 34.70 25.45
C ILE E 167 -11.35 35.43 26.77
N TYR E 168 -10.27 36.20 26.85
CA TYR E 168 -10.01 37.03 28.02
C TYR E 168 -10.91 38.27 27.99
N HIS E 169 -10.61 39.22 28.86
CA HIS E 169 -11.39 40.44 29.02
C HIS E 169 -11.16 41.44 27.88
N GLU E 170 -12.12 42.34 27.69
CA GLU E 170 -11.98 43.47 26.77
C GLU E 170 -11.56 43.06 25.37
N ILE E 171 -12.04 41.89 24.92
CA ILE E 171 -11.71 41.41 23.58
C ILE E 171 -12.88 41.65 22.62
N GLN E 172 -12.56 42.24 21.47
CA GLN E 172 -13.56 42.48 20.45
C GLN E 172 -13.35 41.56 19.25
N ILE E 173 -14.35 40.70 19.00
CA ILE E 173 -14.33 39.82 17.84
C ILE E 173 -15.42 40.24 16.85
N GLY E 174 -15.07 40.22 15.56
CA GLY E 174 -15.97 40.70 14.52
C GLY E 174 -17.09 39.74 14.19
N GLN E 175 -17.60 39.85 12.96
CA GLN E 175 -18.71 39.03 12.48
C GLN E 175 -18.25 37.74 11.80
N ASN E 176 -19.08 36.70 11.93
CA ASN E 176 -18.89 35.47 11.16
C ASN E 176 -17.50 34.89 11.32
N CYS E 177 -16.96 34.99 12.53
CA CYS E 177 -15.67 34.39 12.84
C CYS E 177 -15.86 32.93 13.23
N LEU E 178 -14.77 32.18 13.19
CA LEU E 178 -14.79 30.80 13.65
C LEU E 178 -13.49 30.50 14.37
N ILE E 179 -13.60 29.99 15.59
CA ILE E 179 -12.42 29.66 16.41
C ILE E 179 -12.51 28.22 16.89
N GLN E 180 -11.47 27.44 16.60
CA GLN E 180 -11.44 26.04 16.97
C GLN E 180 -11.07 25.88 18.44
N SER E 181 -11.21 24.67 18.95
CA SER E 181 -11.01 24.37 20.36
C SER E 181 -9.56 24.54 20.81
N GLY E 182 -9.40 24.83 22.11
CA GLY E 182 -8.08 24.92 22.72
C GLY E 182 -7.39 26.25 22.47
N THR E 183 -8.00 27.11 21.67
CA THR E 183 -7.41 28.40 21.33
C THR E 183 -7.66 29.43 22.42
N VAL E 184 -6.65 30.25 22.65
CA VAL E 184 -6.69 31.28 23.67
C VAL E 184 -6.54 32.63 23.01
N VAL E 185 -7.44 33.56 23.35
CA VAL E 185 -7.38 34.91 22.82
C VAL E 185 -7.47 35.93 23.95
N GLY E 186 -6.43 36.73 24.07
CA GLY E 186 -6.43 37.87 24.98
C GLY E 186 -5.63 37.68 26.25
N ALA E 187 -4.77 36.67 26.28
CA ALA E 187 -3.94 36.40 27.45
C ALA E 187 -2.82 37.43 27.51
N ASP E 188 -2.26 37.63 28.70
CA ASP E 188 -1.19 38.61 28.91
C ASP E 188 -0.03 38.34 27.95
N GLY E 189 0.41 39.38 27.25
CA GLY E 189 1.63 39.33 26.47
C GLY E 189 2.82 39.13 27.38
N PHE E 190 3.95 38.78 26.78
CA PHE E 190 5.18 38.48 27.52
C PHE E 190 5.89 39.78 27.80
N GLY E 191 5.29 40.57 28.70
CA GLY E 191 5.81 41.89 29.05
C GLY E 191 6.42 41.87 30.44
N TYR E 192 7.73 42.05 30.50
CA TYR E 192 8.47 42.03 31.76
C TYR E 192 9.65 43.01 31.72
N ALA E 193 9.93 43.61 32.87
CA ALA E 193 11.07 44.51 32.99
C ALA E 193 12.12 43.91 33.91
N ASN E 194 13.36 44.35 33.73
CA ASN E 194 14.48 43.79 34.47
C ASN E 194 14.97 44.70 35.59
N ASP E 195 14.39 44.53 36.78
CA ASP E 195 14.81 45.27 37.97
C ASP E 195 15.82 44.46 38.77
N ARG E 196 17.09 44.85 38.68
CA ARG E 196 18.14 44.20 39.48
C ARG E 196 18.24 42.70 39.18
N GLY E 197 18.05 42.32 37.92
CA GLY E 197 18.16 40.93 37.51
C GLY E 197 16.85 40.17 37.63
N ASN E 198 15.97 40.63 38.52
CA ASN E 198 14.63 40.07 38.68
C ASN E 198 13.69 40.47 37.55
N TRP E 199 12.63 39.69 37.37
CA TRP E 199 11.58 40.01 36.42
C TRP E 199 10.36 40.54 37.14
N VAL E 200 9.91 41.71 36.72
CA VAL E 200 8.69 42.32 37.25
C VAL E 200 7.70 42.49 36.10
N LYS E 201 6.44 42.20 36.38
CA LYS E 201 5.44 42.12 35.33
C LYS E 201 5.00 43.46 34.78
N ILE E 202 4.81 43.51 33.46
CA ILE E 202 4.16 44.63 32.80
C ILE E 202 2.72 44.26 32.50
N PRO E 203 1.76 44.75 33.29
CA PRO E 203 0.36 44.40 33.01
C PRO E 203 -0.03 44.81 31.60
N GLN E 204 -0.73 43.92 30.92
CA GLN E 204 -1.11 44.15 29.53
C GLN E 204 -2.57 44.59 29.51
N ILE E 205 -2.78 45.87 29.28
CA ILE E 205 -4.08 46.49 29.44
C ILE E 205 -4.69 46.77 28.06
N GLY E 206 -3.83 46.82 27.05
CA GLY E 206 -4.29 46.84 25.67
C GLY E 206 -5.05 45.56 25.37
N ARG E 207 -5.66 45.47 24.19
CA ARG E 207 -6.62 44.41 23.91
C ARG E 207 -6.28 43.60 22.67
N VAL E 208 -7.23 42.78 22.26
CA VAL E 208 -7.18 42.13 20.95
C VAL E 208 -8.41 42.57 20.16
N ILE E 209 -8.18 43.01 18.93
CA ILE E 209 -9.26 43.37 18.03
C ILE E 209 -9.22 42.43 16.82
N ILE E 210 -10.15 41.48 16.78
CA ILE E 210 -10.24 40.57 15.64
C ILE E 210 -11.29 41.09 14.67
N GLY E 211 -10.92 41.17 13.40
CA GLY E 211 -11.79 41.72 12.37
C GLY E 211 -12.99 40.87 12.02
N ASP E 212 -13.62 41.20 10.89
CA ASP E 212 -14.79 40.47 10.42
C ASP E 212 -14.39 39.23 9.61
N ARG E 213 -15.12 38.15 9.83
CA ARG E 213 -14.95 36.90 9.07
C ARG E 213 -13.52 36.36 9.16
N VAL E 214 -13.09 36.06 10.38
CA VAL E 214 -11.75 35.55 10.65
C VAL E 214 -11.84 34.13 11.22
N GLU E 215 -10.97 33.25 10.74
CA GLU E 215 -10.96 31.86 11.19
C GLU E 215 -9.64 31.54 11.87
N ILE E 216 -9.71 31.10 13.13
CA ILE E 216 -8.52 30.73 13.89
C ILE E 216 -8.56 29.25 14.26
N GLY E 217 -7.45 28.57 14.02
CA GLY E 217 -7.35 27.14 14.27
C GLY E 217 -7.28 26.81 15.76
N ALA E 218 -6.90 25.57 16.06
CA ALA E 218 -6.90 25.07 17.43
C ALA E 218 -5.55 25.28 18.14
N CYS E 219 -5.60 25.39 19.47
CA CYS E 219 -4.41 25.59 20.31
C CYS E 219 -3.50 26.66 19.74
N THR E 220 -4.10 27.79 19.37
CA THR E 220 -3.36 28.97 18.95
C THR E 220 -3.52 30.06 19.99
N THR E 221 -2.46 30.85 20.20
CA THR E 221 -2.48 31.89 21.21
C THR E 221 -2.31 33.27 20.58
N ILE E 222 -3.34 34.10 20.73
CA ILE E 222 -3.27 35.50 20.31
C ILE E 222 -3.25 36.35 21.58
N ASP E 223 -2.14 37.02 21.84
CA ASP E 223 -1.99 37.79 23.06
C ASP E 223 -2.55 39.20 22.93
N ARG E 224 -3.02 39.76 24.03
CA ARG E 224 -3.44 41.14 24.09
C ARG E 224 -2.21 42.05 24.07
N GLY E 225 -2.40 43.29 23.64
CA GLY E 225 -1.31 44.25 23.60
C GLY E 225 -1.00 44.81 24.98
N ALA E 226 0.17 45.43 25.11
CA ALA E 226 0.59 46.05 26.36
C ALA E 226 -0.31 47.25 26.69
N LEU E 227 -0.28 48.23 25.79
CA LEU E 227 -1.08 49.43 25.93
C LEU E 227 -2.04 49.54 24.75
N ASP E 228 -1.49 49.52 23.55
CA ASP E 228 -2.30 49.51 22.35
C ASP E 228 -2.79 48.09 22.07
N ASP E 229 -3.51 47.90 20.99
CA ASP E 229 -4.19 46.63 20.75
C ASP E 229 -3.44 45.73 19.77
N THR E 230 -3.69 44.43 19.91
CA THR E 230 -3.28 43.44 18.92
C THR E 230 -4.42 43.28 17.92
N ILE E 231 -4.12 43.42 16.64
CA ILE E 231 -5.17 43.53 15.63
C ILE E 231 -5.07 42.44 14.56
N ILE E 232 -6.15 41.67 14.43
CA ILE E 232 -6.30 40.69 13.36
C ILE E 232 -7.23 41.24 12.30
N GLY E 233 -6.72 41.42 11.08
CA GLY E 233 -7.51 41.99 10.00
C GLY E 233 -8.71 41.17 9.58
N ASN E 234 -9.50 41.72 8.66
CA ASN E 234 -10.68 41.04 8.13
C ASN E 234 -10.27 39.99 7.10
N GLY E 235 -10.91 38.82 7.15
CA GLY E 235 -10.67 37.79 6.16
C GLY E 235 -9.42 36.97 6.42
N VAL E 236 -8.74 37.24 7.53
CA VAL E 236 -7.52 36.52 7.87
C VAL E 236 -7.85 35.08 8.26
N ILE E 237 -6.93 34.16 7.97
CA ILE E 237 -7.04 32.79 8.45
C ILE E 237 -5.75 32.40 9.15
N ILE E 238 -5.90 31.87 10.36
CA ILE E 238 -4.77 31.47 11.18
C ILE E 238 -4.95 30.02 11.59
N ASP E 239 -3.93 29.21 11.31
CA ASP E 239 -3.99 27.79 11.55
C ASP E 239 -3.74 27.46 13.02
N ASN E 240 -3.59 26.17 13.30
CA ASN E 240 -3.29 25.66 14.63
C ASN E 240 -1.89 26.00 15.13
N GLN E 241 -1.71 25.94 16.45
CA GLN E 241 -0.39 25.98 17.09
C GLN E 241 0.39 27.26 16.82
N CYS E 242 -0.29 28.30 16.36
CA CYS E 242 0.36 29.59 16.13
C CYS E 242 0.46 30.44 17.41
N GLN E 243 1.48 31.30 17.44
CA GLN E 243 1.64 32.27 18.52
C GLN E 243 1.71 33.67 17.93
N ILE E 244 0.65 34.43 18.10
CA ILE E 244 0.61 35.84 17.70
C ILE E 244 0.85 36.65 18.96
N ALA E 245 2.02 37.29 19.02
CA ALA E 245 2.44 38.01 20.22
C ALA E 245 1.69 39.34 20.36
N HIS E 246 2.01 40.06 21.43
CA HIS E 246 1.33 41.29 21.74
C HIS E 246 1.64 42.40 20.74
N ASN E 247 0.62 43.20 20.45
CA ASN E 247 0.73 44.36 19.55
C ASN E 247 1.09 43.99 18.12
N VAL E 248 0.83 42.74 17.76
CA VAL E 248 1.00 42.29 16.39
C VAL E 248 -0.20 42.76 15.57
N VAL E 249 0.05 43.21 14.36
CA VAL E 249 -1.00 43.73 13.48
C VAL E 249 -0.97 43.03 12.14
N ILE E 250 -1.96 42.18 11.89
CA ILE E 250 -2.02 41.42 10.64
C ILE E 250 -3.04 42.05 9.68
N GLY E 251 -2.59 42.33 8.47
CA GLY E 251 -3.43 42.93 7.46
C GLY E 251 -4.52 41.99 6.96
N ASP E 252 -5.47 42.54 6.21
CA ASP E 252 -6.64 41.79 5.75
C ASP E 252 -6.28 40.66 4.79
N ASN E 253 -7.02 39.56 4.90
CA ASN E 253 -6.93 38.43 3.98
C ASN E 253 -5.56 37.75 3.96
N THR E 254 -4.73 38.08 4.94
CA THR E 254 -3.46 37.40 5.10
C THR E 254 -3.73 35.98 5.61
N ALA E 255 -2.85 35.06 5.24
CA ALA E 255 -3.00 33.67 5.65
C ALA E 255 -1.77 33.24 6.45
N VAL E 256 -2.01 32.58 7.57
CA VAL E 256 -0.95 32.06 8.42
C VAL E 256 -1.16 30.57 8.64
N ALA E 257 -0.15 29.78 8.29
CA ALA E 257 -0.19 28.33 8.42
C ALA E 257 0.19 27.88 9.83
N GLY E 258 0.21 26.58 10.04
CA GLY E 258 0.41 26.01 11.37
C GLY E 258 1.80 26.22 11.93
N GLY E 259 1.86 26.41 13.25
CA GLY E 259 3.12 26.41 13.98
C GLY E 259 3.92 27.69 13.85
N VAL E 260 3.33 28.73 13.28
CA VAL E 260 4.06 29.98 13.08
C VAL E 260 4.21 30.73 14.42
N ILE E 261 5.41 31.27 14.64
CA ILE E 261 5.72 32.03 15.84
C ILE E 261 6.05 33.47 15.46
N MET E 262 5.16 34.39 15.81
CA MET E 262 5.39 35.82 15.60
C MET E 262 5.80 36.52 16.88
N ALA E 263 6.81 37.37 16.77
CA ALA E 263 7.25 38.18 17.90
C ALA E 263 6.40 39.44 18.01
N GLY E 264 6.54 40.11 19.16
CA GLY E 264 5.73 41.28 19.48
C GLY E 264 5.98 42.48 18.60
N SER E 265 4.93 43.26 18.38
CA SER E 265 5.00 44.50 17.60
C SER E 265 5.41 44.24 16.16
N LEU E 266 4.87 43.17 15.58
CA LEU E 266 5.08 42.84 14.17
C LEU E 266 3.88 43.28 13.35
N LYS E 267 4.14 43.88 12.20
CA LYS E 267 3.08 44.34 11.33
C LYS E 267 3.17 43.64 9.98
N ILE E 268 2.19 42.78 9.70
CA ILE E 268 2.13 42.08 8.43
C ILE E 268 1.12 42.76 7.51
N GLY E 269 1.45 42.80 6.21
CA GLY E 269 0.61 43.46 5.23
C GLY E 269 -0.60 42.62 4.86
N ARG E 270 -1.31 43.05 3.82
CA ARG E 270 -2.49 42.34 3.35
C ARG E 270 -2.14 41.35 2.26
N TYR E 271 -2.92 40.28 2.15
CA TYR E 271 -2.74 39.27 1.10
C TYR E 271 -1.37 38.60 1.19
N CYS E 272 -0.84 38.46 2.39
CA CYS E 272 0.41 37.76 2.61
C CYS E 272 0.13 36.31 2.96
N MET E 273 1.14 35.45 2.78
CA MET E 273 1.04 34.05 3.15
C MET E 273 2.27 33.60 3.90
N ILE E 274 2.10 33.31 5.19
CA ILE E 274 3.21 32.83 6.02
C ILE E 274 3.19 31.31 6.09
N GLY E 275 4.21 30.70 5.51
CA GLY E 275 4.35 29.25 5.52
C GLY E 275 4.47 28.71 6.94
N GLY E 276 4.07 27.46 7.13
CA GLY E 276 4.02 26.87 8.45
C GLY E 276 5.37 26.83 9.14
N ALA E 277 5.33 26.84 10.47
CA ALA E 277 6.53 26.71 11.30
C ALA E 277 7.51 27.87 11.09
N SER E 278 7.06 28.92 10.42
CA SER E 278 7.90 30.10 10.21
C SER E 278 8.09 30.82 11.54
N VAL E 279 9.23 31.49 11.67
CA VAL E 279 9.56 32.21 12.88
C VAL E 279 9.87 33.65 12.50
N ILE E 280 9.08 34.58 13.01
CA ILE E 280 9.15 35.96 12.57
C ILE E 280 9.56 36.92 13.70
N ASN E 281 10.63 37.66 13.45
CA ASN E 281 11.13 38.63 14.40
C ASN E 281 10.10 39.75 14.60
N GLY E 282 10.33 40.60 15.60
CA GLY E 282 9.36 41.62 15.98
C GLY E 282 9.84 43.05 15.78
N HIS E 283 8.97 44.00 16.11
CA HIS E 283 9.27 45.43 16.02
C HIS E 283 9.73 45.82 14.62
N MET E 284 9.22 45.09 13.63
CA MET E 284 9.49 45.35 12.23
C MET E 284 8.22 45.08 11.45
N GLU E 285 8.26 45.29 10.13
CA GLU E 285 7.05 45.17 9.33
C GLU E 285 7.28 44.47 8.00
N ILE E 286 6.25 43.76 7.55
CA ILE E 286 6.24 43.08 6.26
C ILE E 286 5.18 43.71 5.37
N CYS E 287 5.55 44.04 4.13
CA CYS E 287 4.63 44.70 3.20
C CYS E 287 3.57 43.73 2.68
N ASP E 288 2.71 44.20 1.79
CA ASP E 288 1.61 43.38 1.26
C ASP E 288 2.11 42.39 0.23
N LYS E 289 1.32 41.34 0.00
CA LYS E 289 1.58 40.37 -1.06
C LYS E 289 2.94 39.69 -0.90
N VAL E 290 3.33 39.45 0.35
CA VAL E 290 4.56 38.73 0.64
C VAL E 290 4.24 37.28 0.95
N THR E 291 5.02 36.37 0.38
CA THR E 291 4.89 34.95 0.67
C THR E 291 6.15 34.46 1.35
N VAL E 292 5.98 33.89 2.55
CA VAL E 292 7.11 33.35 3.30
C VAL E 292 6.95 31.84 3.37
N THR E 293 7.89 31.11 2.77
CA THR E 293 7.81 29.65 2.74
C THR E 293 8.01 29.06 4.14
N GLY E 294 7.80 27.75 4.24
CA GLY E 294 7.82 27.10 5.53
C GLY E 294 9.14 27.16 6.24
N MET E 295 9.07 27.13 7.57
CA MET E 295 10.24 27.12 8.43
C MET E 295 11.08 28.37 8.19
N GLY E 296 10.44 29.43 7.70
CA GLY E 296 11.13 30.66 7.42
C GLY E 296 11.72 31.28 8.66
N MET E 297 12.91 31.85 8.51
CA MET E 297 13.57 32.60 9.57
C MET E 297 13.53 34.06 9.16
N VAL E 298 12.51 34.79 9.61
CA VAL E 298 12.32 36.17 9.20
C VAL E 298 12.92 37.11 10.24
N MET E 299 14.17 37.47 10.03
CA MET E 299 14.92 38.27 10.98
C MET E 299 14.79 39.75 10.66
N ARG E 300 14.88 40.05 9.36
CA ARG E 300 14.81 41.43 8.89
C ARG E 300 13.44 41.68 8.27
N PRO E 301 13.07 42.96 8.09
CA PRO E 301 11.80 43.31 7.47
C PRO E 301 11.70 42.87 6.00
N ILE E 302 10.56 43.15 5.38
CA ILE E 302 10.36 42.90 3.96
C ILE E 302 9.65 44.10 3.34
N THR E 303 10.28 44.68 2.32
CA THR E 303 9.85 45.96 1.76
C THR E 303 9.14 45.82 0.41
N GLU E 304 9.32 44.68 -0.25
CA GLU E 304 8.71 44.45 -1.56
C GLU E 304 8.04 43.09 -1.62
N PRO E 305 6.93 42.98 -2.39
CA PRO E 305 6.20 41.73 -2.50
C PRO E 305 7.00 40.62 -3.18
N GLY E 306 6.63 39.37 -2.92
CA GLY E 306 7.28 38.24 -3.55
C GLY E 306 7.38 37.04 -2.62
N VAL E 307 8.00 35.98 -3.12
CA VAL E 307 8.23 34.77 -2.33
C VAL E 307 9.61 34.85 -1.67
N TYR E 308 9.68 34.45 -0.41
CA TYR E 308 10.92 34.50 0.35
C TYR E 308 11.08 33.23 1.19
N SER E 309 12.29 32.67 1.17
CA SER E 309 12.51 31.34 1.71
C SER E 309 13.81 31.21 2.51
N SER E 310 13.89 30.14 3.30
CA SER E 310 15.07 29.87 4.12
C SER E 310 15.10 28.41 4.55
N GLY E 311 16.28 27.92 4.90
CA GLY E 311 16.43 26.58 5.45
C GLY E 311 17.18 25.61 4.56
N ILE E 312 17.89 24.67 5.18
CA ILE E 312 18.59 23.61 4.46
C ILE E 312 17.83 22.29 4.64
N PRO E 313 17.30 21.72 3.54
CA PRO E 313 16.51 20.48 3.64
C PRO E 313 17.29 19.28 4.17
N LEU E 314 16.59 18.17 4.32
CA LEU E 314 17.18 16.95 4.86
C LEU E 314 18.26 16.37 3.96
N GLN E 315 19.22 15.75 4.63
CA GLN E 315 20.17 14.85 4.00
C GLN E 315 20.28 13.63 4.90
N PRO E 316 20.85 12.53 4.40
CA PRO E 316 21.14 11.41 5.29
C PRO E 316 22.04 11.83 6.45
N ASN E 317 21.98 11.09 7.56
CA ASN E 317 22.69 11.47 8.78
C ASN E 317 24.19 11.68 8.55
N LYS E 318 24.84 10.70 7.93
CA LYS E 318 26.29 10.75 7.75
C LYS E 318 26.74 11.93 6.89
N VAL E 319 25.96 12.24 5.85
CA VAL E 319 26.29 13.37 4.99
C VAL E 319 25.93 14.68 5.70
N TRP E 320 24.89 14.65 6.51
CA TRP E 320 24.52 15.83 7.29
C TRP E 320 25.65 16.22 8.23
N ARG E 321 26.19 15.22 8.92
CA ARG E 321 27.28 15.43 9.86
C ARG E 321 28.41 16.22 9.19
N LYS E 322 28.68 15.91 7.92
CA LYS E 322 29.72 16.61 7.18
C LYS E 322 29.28 18.05 6.93
N THR E 323 28.16 18.23 6.22
CA THR E 323 27.66 19.57 5.90
C THR E 323 27.61 20.47 7.13
N ALA E 324 27.06 19.95 8.22
CA ALA E 324 26.92 20.70 9.45
C ALA E 324 28.26 21.29 9.91
N ALA E 325 29.23 20.42 10.14
CA ALA E 325 30.55 20.84 10.63
C ALA E 325 31.31 21.65 9.57
N LEU E 326 31.04 21.34 8.30
CA LEU E 326 31.74 22.02 7.21
C LEU E 326 31.30 23.48 7.12
N VAL E 327 30.00 23.73 7.27
CA VAL E 327 29.47 25.09 7.24
C VAL E 327 29.88 25.86 8.49
N MET E 328 30.05 25.15 9.60
CA MET E 328 30.44 25.77 10.85
C MET E 328 31.86 26.32 10.80
N ASN E 329 32.71 25.71 9.97
CA ASN E 329 34.07 26.19 9.75
C ASN E 329 34.21 26.79 8.35
N ILE E 330 33.18 27.51 7.93
CA ILE E 330 33.15 28.09 6.60
C ILE E 330 33.99 29.38 6.56
N ASP E 331 34.26 29.96 7.73
CA ASP E 331 35.13 31.13 7.81
C ASP E 331 36.58 30.70 7.56
N ASP E 332 36.99 29.62 8.21
CA ASP E 332 38.30 29.02 8.00
C ASP E 332 38.41 28.51 6.55
N MET E 333 37.25 28.39 5.91
CA MET E 333 37.19 27.96 4.53
C MET E 333 37.19 29.16 3.58
N SER E 334 36.76 30.32 4.07
CA SER E 334 36.69 31.53 3.25
C SER E 334 38.02 32.29 3.24
N LYS E 335 38.65 32.39 4.41
CA LYS E 335 39.98 32.98 4.52
C LYS E 335 41.02 32.09 3.83
N ARG E 336 40.60 30.88 3.49
CA ARG E 336 41.47 29.91 2.83
C ARG E 336 41.47 30.10 1.31
N LEU E 337 40.35 30.60 0.77
CA LEU E 337 40.26 30.89 -0.65
C LEU E 337 41.01 32.17 -0.94
N LYS E 338 40.83 33.16 -0.07
CA LYS E 338 41.52 34.44 -0.21
C LYS E 338 43.02 34.23 -0.22
N SER E 339 43.51 33.44 0.75
CA SER E 339 44.92 33.08 0.81
C SER E 339 45.35 32.40 -0.48
N LEU E 340 44.44 31.63 -1.07
CA LEU E 340 44.71 30.93 -2.33
C LEU E 340 44.58 31.88 -3.51
N GLU E 341 43.52 32.69 -3.51
CA GLU E 341 43.30 33.68 -4.56
C GLU E 341 44.47 34.64 -4.66
N ARG E 342 45.03 34.99 -3.51
CA ARG E 342 46.11 35.96 -3.42
C ARG E 342 47.40 35.42 -4.02
N LYS E 343 47.69 34.15 -3.74
CA LYS E 343 48.92 33.52 -4.22
C LYS E 343 48.88 33.24 -5.72
N VAL E 344 47.68 33.29 -6.30
CA VAL E 344 47.51 33.07 -7.74
C VAL E 344 47.57 34.39 -8.50
N ASN E 345 47.33 35.50 -7.79
CA ASN E 345 47.36 36.83 -8.37
C ASN E 345 48.60 37.61 -7.95
N SER F 10 2.67 -2.33 47.90
CA SER F 10 3.99 -2.87 48.22
C SER F 10 4.08 -4.36 47.87
N ILE F 11 5.29 -4.81 47.53
CA ILE F 11 5.49 -6.17 47.05
C ILE F 11 6.83 -6.76 47.49
N ARG F 12 6.86 -8.07 47.73
CA ARG F 12 8.11 -8.74 48.07
C ARG F 12 8.97 -8.92 46.82
N LEU F 13 10.27 -8.72 46.99
CA LEU F 13 11.20 -8.65 45.85
C LEU F 13 11.22 -9.91 45.00
N ALA F 14 10.88 -11.05 45.60
CA ALA F 14 10.89 -12.32 44.88
C ALA F 14 9.66 -12.44 43.98
N ASP F 15 8.53 -11.91 44.44
CA ASP F 15 7.31 -11.89 43.66
C ASP F 15 7.45 -10.91 42.51
N LEU F 16 8.23 -9.86 42.74
CA LEU F 16 8.48 -8.83 41.75
C LEU F 16 9.47 -9.33 40.70
N ALA F 17 10.33 -10.26 41.10
CA ALA F 17 11.33 -10.82 40.20
C ALA F 17 10.67 -11.79 39.22
N GLN F 18 9.65 -12.49 39.70
CA GLN F 18 8.93 -13.45 38.88
C GLN F 18 8.09 -12.74 37.83
N GLN F 19 7.32 -11.74 38.26
CA GLN F 19 6.46 -11.00 37.36
C GLN F 19 7.25 -10.27 36.27
N LEU F 20 8.52 -10.00 36.55
CA LEU F 20 9.40 -9.35 35.60
C LEU F 20 10.26 -10.36 34.84
N ASP F 21 10.15 -11.63 35.23
CA ASP F 21 11.02 -12.67 34.72
C ASP F 21 12.47 -12.23 34.88
N ALA F 22 12.88 -12.10 36.15
CA ALA F 22 14.23 -11.68 36.49
C ALA F 22 14.88 -12.70 37.43
N GLU F 23 16.20 -12.82 37.34
CA GLU F 23 16.96 -13.67 38.25
C GLU F 23 17.30 -12.91 39.53
N LEU F 24 16.63 -13.29 40.63
CA LEU F 24 16.85 -12.63 41.92
C LEU F 24 18.16 -13.09 42.56
N HIS F 25 19.02 -12.12 42.85
CA HIS F 25 20.28 -12.37 43.55
C HIS F 25 20.29 -11.57 44.85
N GLY F 26 19.62 -12.10 45.87
CA GLY F 26 19.57 -11.44 47.16
C GLY F 26 18.35 -11.83 47.96
N ASP F 27 18.13 -11.09 49.06
CA ASP F 27 17.02 -11.36 49.96
C ASP F 27 15.68 -11.11 49.26
N GLY F 28 14.95 -12.20 49.00
CA GLY F 28 13.67 -12.12 48.33
C GLY F 28 12.55 -11.72 49.27
N ASP F 29 12.89 -11.51 50.54
CA ASP F 29 11.94 -11.07 51.55
C ASP F 29 11.99 -9.54 51.70
N ILE F 30 12.92 -8.93 50.99
CA ILE F 30 12.97 -7.47 50.87
C ILE F 30 11.63 -6.95 50.37
N VAL F 31 11.13 -5.93 51.05
CA VAL F 31 9.86 -5.30 50.68
C VAL F 31 10.12 -4.06 49.82
N ILE F 32 9.58 -4.08 48.61
CA ILE F 32 9.65 -2.94 47.70
C ILE F 32 8.36 -2.12 47.80
N THR F 33 8.50 -0.81 47.99
CA THR F 33 7.35 0.08 48.14
C THR F 33 7.13 0.92 46.88
N GLY F 34 8.16 1.04 46.05
CA GLY F 34 8.04 1.82 44.83
C GLY F 34 9.32 1.88 44.03
N VAL F 35 9.31 2.77 43.03
CA VAL F 35 10.41 2.91 42.09
C VAL F 35 11.08 4.27 42.28
N ALA F 36 12.38 4.33 42.01
CA ALA F 36 13.13 5.57 42.15
C ALA F 36 14.38 5.53 41.26
N SER F 37 15.06 6.67 41.17
CA SER F 37 16.30 6.78 40.40
C SER F 37 17.48 6.46 41.30
N MET F 38 18.63 6.16 40.70
CA MET F 38 19.82 5.79 41.47
C MET F 38 20.27 6.92 42.40
N GLN F 39 20.00 8.15 41.98
CA GLN F 39 20.35 9.32 42.77
C GLN F 39 19.49 9.47 44.02
N SER F 40 18.23 9.04 43.92
CA SER F 40 17.24 9.33 44.96
C SER F 40 16.73 8.09 45.67
N ALA F 41 16.93 6.92 45.07
CA ALA F 41 16.42 5.68 45.63
C ALA F 41 17.04 5.40 47.00
N GLN F 42 16.16 5.15 47.97
CA GLN F 42 16.55 4.74 49.30
C GLN F 42 15.98 3.36 49.58
N THR F 43 15.99 2.93 50.83
CA THR F 43 15.52 1.60 51.18
C THR F 43 14.04 1.46 50.85
N GLY F 44 13.67 0.31 50.30
CA GLY F 44 12.31 0.04 49.90
C GLY F 44 12.08 0.32 48.44
N HIS F 45 13.01 1.06 47.83
CA HIS F 45 12.90 1.43 46.43
C HIS F 45 13.73 0.49 45.57
N ILE F 46 13.23 0.27 44.35
CA ILE F 46 13.97 -0.45 43.34
C ILE F 46 14.25 0.49 42.18
N THR F 47 15.46 0.42 41.65
CA THR F 47 15.85 1.23 40.51
C THR F 47 16.49 0.33 39.46
N PHE F 48 17.15 0.94 38.49
CA PHE F 48 17.74 0.24 37.36
C PHE F 48 18.92 1.02 36.83
N MET F 49 19.79 0.35 36.07
CA MET F 49 20.86 1.03 35.36
C MET F 49 20.98 0.44 33.96
N VAL F 50 21.54 1.22 33.05
CA VAL F 50 21.75 0.78 31.68
C VAL F 50 23.19 1.05 31.27
N ASN F 51 23.55 2.32 31.24
CA ASN F 51 24.90 2.73 30.87
C ASN F 51 25.92 2.11 31.82
N PRO F 52 26.88 1.32 31.30
CA PRO F 52 27.88 0.69 32.17
C PRO F 52 28.79 1.69 32.90
N LYS F 53 28.79 2.94 32.45
CA LYS F 53 29.60 3.99 33.08
C LYS F 53 29.24 4.14 34.56
N TYR F 54 28.02 3.72 34.92
CA TYR F 54 27.52 3.83 36.28
C TYR F 54 27.88 2.62 37.16
N ARG F 55 28.51 1.61 36.56
CA ARG F 55 28.89 0.41 37.30
C ARG F 55 29.68 0.74 38.56
N GLU F 56 30.57 1.72 38.44
CA GLU F 56 31.46 2.10 39.53
C GLU F 56 30.74 2.94 40.59
N HIS F 57 29.55 3.45 40.25
CA HIS F 57 28.82 4.37 41.11
C HIS F 57 27.64 3.69 41.82
N LEU F 58 27.58 2.36 41.75
CA LEU F 58 26.45 1.63 42.31
C LEU F 58 26.48 1.60 43.83
N GLY F 59 27.67 1.66 44.40
CA GLY F 59 27.86 1.65 45.84
C GLY F 59 27.21 2.87 46.46
N LEU F 60 27.18 3.95 45.70
CA LEU F 60 26.56 5.20 46.12
C LEU F 60 25.05 5.08 46.24
N CYS F 61 24.44 4.33 45.32
CA CYS F 61 22.99 4.14 45.29
C CYS F 61 22.48 3.34 46.48
N GLN F 62 21.41 3.83 47.11
CA GLN F 62 20.89 3.23 48.33
C GLN F 62 19.60 2.44 48.09
N ALA F 63 19.38 2.04 46.84
CA ALA F 63 18.20 1.25 46.52
C ALA F 63 18.32 -0.15 47.11
N SER F 64 17.19 -0.70 47.56
CA SER F 64 17.17 -2.05 48.12
C SER F 64 17.47 -3.08 47.05
N ALA F 65 17.15 -2.75 45.80
CA ALA F 65 17.37 -3.63 44.67
C ALA F 65 17.62 -2.85 43.39
N VAL F 66 18.35 -3.46 42.45
CA VAL F 66 18.69 -2.82 41.18
C VAL F 66 18.54 -3.82 40.04
N VAL F 67 17.86 -3.39 39.00
CA VAL F 67 17.75 -4.17 37.77
C VAL F 67 18.99 -3.91 36.92
N MET F 68 19.66 -4.98 36.52
CA MET F 68 20.88 -4.87 35.72
C MET F 68 21.03 -6.07 34.81
N THR F 69 22.12 -6.12 34.07
CA THR F 69 22.44 -7.28 33.24
C THR F 69 23.47 -8.15 33.94
N GLN F 70 23.72 -9.33 33.37
CA GLN F 70 24.61 -10.30 33.98
C GLN F 70 26.01 -9.73 34.14
N ASP F 71 26.50 -9.05 33.11
CA ASP F 71 27.86 -8.51 33.13
C ASP F 71 28.00 -7.41 34.19
N ASP F 72 26.87 -6.81 34.56
CA ASP F 72 26.85 -5.75 35.57
C ASP F 72 26.92 -6.33 36.99
N LEU F 73 26.52 -7.60 37.10
CA LEU F 73 26.35 -8.25 38.39
C LEU F 73 27.57 -8.22 39.33
N PRO F 74 28.77 -8.48 38.81
CA PRO F 74 29.93 -8.44 39.72
C PRO F 74 30.15 -7.06 40.35
N PHE F 75 29.47 -6.04 39.81
CA PHE F 75 29.59 -4.67 40.31
C PHE F 75 28.44 -4.33 41.27
N ALA F 76 27.47 -5.23 41.37
CA ALA F 76 26.31 -5.02 42.24
C ALA F 76 26.74 -4.74 43.69
N LYS F 77 26.17 -3.69 44.27
CA LYS F 77 26.41 -3.33 45.66
C LYS F 77 25.09 -3.45 46.41
N SER F 78 24.22 -4.32 45.92
CA SER F 78 22.92 -4.55 46.51
C SER F 78 22.28 -5.79 45.91
N ALA F 79 21.03 -6.04 46.29
CA ALA F 79 20.25 -7.09 45.66
C ALA F 79 20.09 -6.75 44.19
N ALA F 80 20.13 -7.76 43.33
CA ALA F 80 20.08 -7.56 41.89
C ALA F 80 18.99 -8.39 41.23
N LEU F 81 18.36 -7.79 40.23
CA LEU F 81 17.47 -8.50 39.32
C LEU F 81 18.11 -8.48 37.94
N VAL F 82 18.51 -9.66 37.47
CA VAL F 82 19.19 -9.77 36.18
C VAL F 82 18.19 -10.05 35.07
N VAL F 83 18.28 -9.24 34.02
CA VAL F 83 17.41 -9.38 32.86
C VAL F 83 18.18 -9.06 31.58
N LYS F 84 17.57 -9.37 30.44
CA LYS F 84 18.19 -9.09 29.15
C LYS F 84 18.01 -7.62 28.79
N ASN F 85 16.85 -7.07 29.15
CA ASN F 85 16.55 -5.67 28.88
C ASN F 85 16.24 -4.96 30.20
N PRO F 86 17.16 -4.10 30.67
CA PRO F 86 16.88 -3.38 31.91
C PRO F 86 15.82 -2.30 31.74
N TYR F 87 15.91 -1.56 30.63
CA TYR F 87 15.04 -0.43 30.39
C TYR F 87 13.58 -0.89 30.18
N LEU F 88 13.41 -2.06 29.57
CA LEU F 88 12.08 -2.62 29.37
C LEU F 88 11.54 -3.13 30.70
N THR F 89 12.42 -3.73 31.50
CA THR F 89 12.03 -4.23 32.81
C THR F 89 11.64 -3.04 33.70
N TYR F 90 12.33 -1.91 33.51
CA TYR F 90 11.99 -0.68 34.22
C TYR F 90 10.54 -0.31 33.93
N ALA F 91 10.17 -0.31 32.65
CA ALA F 91 8.83 0.04 32.23
C ALA F 91 7.78 -0.83 32.91
N ARG F 92 8.04 -2.15 32.93
CA ARG F 92 7.09 -3.12 33.46
C ARG F 92 6.87 -3.00 34.97
N MET F 93 7.92 -2.65 35.71
CA MET F 93 7.80 -2.57 37.15
C MET F 93 7.23 -1.23 37.59
N ALA F 94 7.46 -0.20 36.78
CA ALA F 94 6.84 1.11 37.03
C ALA F 94 5.33 1.01 36.91
N GLN F 95 4.86 0.17 35.98
CA GLN F 95 3.43 -0.09 35.82
C GLN F 95 2.90 -0.87 37.02
N ILE F 96 3.62 -1.92 37.41
CA ILE F 96 3.25 -2.72 38.56
C ILE F 96 3.12 -1.84 39.79
N LEU F 97 4.07 -0.92 39.92
CA LEU F 97 4.14 -0.02 41.07
C LEU F 97 3.75 1.40 40.67
N ASP F 98 2.64 1.53 39.96
CA ASP F 98 2.22 2.84 39.46
C ASP F 98 1.47 3.61 40.54
N THR F 99 1.80 4.89 40.68
CA THR F 99 1.15 5.78 41.67
C THR F 99 0.17 6.72 40.98
N THR F 100 -0.04 6.51 39.68
CA THR F 100 -0.92 7.40 38.92
C THR F 100 -2.37 7.05 39.19
N PRO F 101 -3.19 8.06 39.57
CA PRO F 101 -4.62 7.80 39.77
C PRO F 101 -5.37 7.71 38.44
N GLN F 102 -6.70 7.67 38.51
CA GLN F 102 -7.53 7.68 37.30
C GLN F 102 -8.21 9.05 37.15
N PRO F 103 -8.35 9.53 35.90
CA PRO F 103 -8.99 10.83 35.62
C PRO F 103 -10.34 11.02 36.30
N ALA F 104 -11.09 9.93 36.44
CA ALA F 104 -12.41 10.00 37.07
C ALA F 104 -12.82 8.63 37.58
N GLN F 105 -13.54 8.63 38.71
CA GLN F 105 -14.17 7.42 39.24
C GLN F 105 -15.68 7.64 39.28
N ASN F 106 -16.42 6.66 38.76
CA ASN F 106 -17.87 6.74 38.67
C ASN F 106 -18.31 7.90 37.77
N ILE F 107 -19.62 8.02 37.56
CA ILE F 107 -20.17 9.05 36.67
C ILE F 107 -20.62 10.26 37.47
N ALA F 108 -19.95 11.39 37.23
CA ALA F 108 -20.20 12.61 37.99
C ALA F 108 -21.57 13.21 37.66
N PRO F 109 -22.31 13.67 38.68
CA PRO F 109 -23.59 14.36 38.41
C PRO F 109 -23.41 15.68 37.65
N SER F 110 -22.26 16.29 37.84
CA SER F 110 -21.96 17.60 37.26
C SER F 110 -21.84 17.52 35.74
N ALA F 111 -21.69 16.30 35.24
CA ALA F 111 -21.46 16.07 33.81
C ALA F 111 -22.75 16.16 33.01
N VAL F 112 -22.64 16.67 31.80
CA VAL F 112 -23.77 16.81 30.90
C VAL F 112 -23.69 15.76 29.81
N ILE F 113 -24.52 14.72 29.95
CA ILE F 113 -24.51 13.61 29.00
C ILE F 113 -25.84 13.53 28.27
N ASP F 114 -25.79 13.73 26.96
CA ASP F 114 -26.97 13.61 26.12
C ASP F 114 -27.55 12.22 26.31
N ALA F 115 -28.89 12.13 26.33
CA ALA F 115 -29.58 10.88 26.63
C ALA F 115 -29.31 9.81 25.58
N THR F 116 -29.03 10.23 24.35
CA THR F 116 -28.79 9.29 23.27
C THR F 116 -27.39 8.66 23.36
N ALA F 117 -26.60 9.14 24.31
CA ALA F 117 -25.25 8.61 24.50
C ALA F 117 -25.33 7.18 25.04
N LYS F 118 -24.43 6.32 24.55
CA LYS F 118 -24.42 4.93 24.96
C LYS F 118 -23.13 4.62 25.73
N LEU F 119 -23.30 4.16 26.96
CA LEU F 119 -22.20 3.94 27.89
C LEU F 119 -22.12 2.47 28.29
N GLY F 120 -20.97 1.86 28.04
CA GLY F 120 -20.76 0.47 28.39
C GLY F 120 -20.54 0.28 29.88
N ASN F 121 -19.86 -0.81 30.24
CA ASN F 121 -19.66 -1.17 31.65
C ASN F 121 -18.47 -0.45 32.27
N ASN F 122 -18.60 -0.13 33.56
CA ASN F 122 -17.50 0.42 34.34
C ASN F 122 -16.91 1.66 33.68
N VAL F 123 -17.77 2.44 33.03
CA VAL F 123 -17.36 3.70 32.44
C VAL F 123 -17.36 4.79 33.50
N SER F 124 -16.39 5.69 33.41
CA SER F 124 -16.27 6.80 34.34
C SER F 124 -16.24 8.12 33.58
N ILE F 125 -17.02 9.09 34.06
CA ILE F 125 -17.03 10.44 33.50
C ILE F 125 -16.80 11.45 34.61
N GLY F 126 -15.91 12.40 34.37
CA GLY F 126 -15.52 13.36 35.37
C GLY F 126 -16.46 14.56 35.45
N ALA F 127 -16.21 15.43 36.41
CA ALA F 127 -17.06 16.59 36.66
C ALA F 127 -17.10 17.55 35.47
N ASN F 128 -18.29 18.05 35.15
CA ASN F 128 -18.49 19.07 34.13
C ASN F 128 -17.97 18.65 32.75
N ALA F 129 -17.99 17.35 32.50
CA ALA F 129 -17.69 16.85 31.16
C ALA F 129 -18.95 16.95 30.31
N VAL F 130 -18.77 17.12 29.01
CA VAL F 130 -19.89 17.31 28.09
C VAL F 130 -19.85 16.25 27.00
N ILE F 131 -20.89 15.42 26.98
CA ILE F 131 -21.00 14.33 26.01
C ILE F 131 -22.19 14.59 25.10
N GLU F 132 -21.92 14.76 23.81
CA GLU F 132 -22.95 15.03 22.82
C GLU F 132 -23.75 13.78 22.50
N SER F 133 -24.64 13.91 21.52
CA SER F 133 -25.52 12.83 21.10
C SER F 133 -24.80 11.79 20.24
N GLY F 134 -25.27 10.55 20.32
CA GLY F 134 -24.78 9.48 19.47
C GLY F 134 -23.42 8.95 19.89
N VAL F 135 -22.88 9.53 20.97
CA VAL F 135 -21.57 9.13 21.45
C VAL F 135 -21.61 7.73 22.03
N GLU F 136 -20.56 6.96 21.77
CA GLU F 136 -20.40 5.63 22.33
C GLU F 136 -19.07 5.55 23.10
N LEU F 137 -19.15 5.07 24.34
CA LEU F 137 -17.97 4.88 25.16
C LEU F 137 -17.92 3.42 25.59
N GLY F 138 -16.92 2.72 25.09
CA GLY F 138 -16.78 1.30 25.39
C GLY F 138 -16.49 1.05 26.86
N ASP F 139 -16.38 -0.22 27.22
CA ASP F 139 -16.15 -0.60 28.61
C ASP F 139 -14.85 -0.02 29.15
N ASN F 140 -14.84 0.25 30.45
CA ASN F 140 -13.65 0.69 31.16
C ASN F 140 -13.10 2.01 30.64
N VAL F 141 -13.91 2.72 29.86
CA VAL F 141 -13.50 4.02 29.32
C VAL F 141 -13.64 5.06 30.41
N ILE F 142 -12.71 6.02 30.42
CA ILE F 142 -12.67 7.06 31.43
C ILE F 142 -12.52 8.42 30.77
N ILE F 143 -13.50 9.29 31.01
CA ILE F 143 -13.46 10.65 30.51
C ILE F 143 -13.20 11.61 31.67
N GLY F 144 -12.10 12.34 31.58
CA GLY F 144 -11.71 13.28 32.61
C GLY F 144 -12.61 14.51 32.68
N ALA F 145 -12.30 15.38 33.64
CA ALA F 145 -13.11 16.56 33.91
C ALA F 145 -13.01 17.59 32.80
N GLY F 146 -14.13 18.27 32.53
CA GLY F 146 -14.16 19.36 31.57
C GLY F 146 -13.86 18.95 30.14
N CYS F 147 -14.02 17.66 29.85
CA CYS F 147 -13.77 17.13 28.51
C CYS F 147 -15.00 17.32 27.64
N PHE F 148 -14.79 17.46 26.34
CA PHE F 148 -15.89 17.56 25.38
C PHE F 148 -15.75 16.48 24.30
N VAL F 149 -16.75 15.61 24.19
CA VAL F 149 -16.78 14.62 23.13
C VAL F 149 -17.92 14.96 22.18
N GLY F 150 -17.56 15.24 20.93
CA GLY F 150 -18.51 15.69 19.93
C GLY F 150 -19.55 14.65 19.51
N LYS F 151 -20.39 15.02 18.55
CA LYS F 151 -21.50 14.17 18.13
C LYS F 151 -21.08 12.88 17.41
N ASN F 152 -21.72 11.78 17.81
CA ASN F 152 -21.53 10.48 17.15
C ASN F 152 -20.11 9.92 17.26
N SER F 153 -19.27 10.52 18.10
CA SER F 153 -17.90 10.03 18.24
C SER F 153 -17.88 8.71 19.01
N LYS F 154 -16.96 7.82 18.63
CA LYS F 154 -16.86 6.50 19.25
C LYS F 154 -15.49 6.28 19.87
N ILE F 155 -15.46 6.15 21.19
CA ILE F 155 -14.22 5.87 21.91
C ILE F 155 -14.14 4.42 22.37
N GLY F 156 -13.07 3.74 21.94
CA GLY F 156 -12.91 2.32 22.19
C GLY F 156 -12.64 1.96 23.63
N ALA F 157 -12.92 0.70 23.97
CA ALA F 157 -12.81 0.20 25.33
C ALA F 157 -11.42 0.40 25.92
N GLY F 158 -11.37 0.83 27.18
CA GLY F 158 -10.10 0.96 27.87
C GLY F 158 -9.40 2.29 27.60
N SER F 159 -9.85 3.01 26.59
CA SER F 159 -9.25 4.31 26.28
C SER F 159 -9.59 5.31 27.37
N ARG F 160 -8.66 6.23 27.62
CA ARG F 160 -8.79 7.22 28.69
C ARG F 160 -8.42 8.63 28.26
N LEU F 161 -9.27 9.58 28.63
CA LEU F 161 -8.98 11.00 28.46
C LEU F 161 -8.68 11.60 29.82
N TRP F 162 -7.65 12.43 29.88
CA TRP F 162 -7.40 13.20 31.10
C TRP F 162 -8.33 14.41 31.09
N ALA F 163 -8.12 15.33 32.01
CA ALA F 163 -8.99 16.49 32.13
C ALA F 163 -8.83 17.40 30.91
N ASN F 164 -9.90 18.11 30.57
CA ASN F 164 -9.87 19.12 29.53
C ASN F 164 -9.28 18.62 28.21
N VAL F 165 -9.94 17.62 27.62
CA VAL F 165 -9.61 17.15 26.28
C VAL F 165 -10.83 17.36 25.38
N THR F 166 -10.55 17.73 24.13
CA THR F 166 -11.62 18.01 23.17
C THR F 166 -11.61 17.01 22.02
N ILE F 167 -12.66 16.21 21.96
CA ILE F 167 -12.91 15.34 20.83
C ILE F 167 -14.11 15.90 20.06
N TYR F 168 -13.90 16.20 18.78
CA TYR F 168 -14.95 16.71 17.92
C TYR F 168 -15.93 15.62 17.52
N HIS F 169 -16.81 15.93 16.57
CA HIS F 169 -17.83 15.01 16.09
C HIS F 169 -17.27 13.91 15.18
N GLU F 170 -17.93 12.75 15.15
CA GLU F 170 -17.63 11.70 14.15
C GLU F 170 -16.18 11.22 14.19
N ILE F 171 -15.61 11.17 15.40
CA ILE F 171 -14.24 10.69 15.57
C ILE F 171 -14.27 9.26 16.08
N GLN F 172 -13.29 8.47 15.67
CA GLN F 172 -13.20 7.08 16.10
C GLN F 172 -11.86 6.82 16.75
N ILE F 173 -11.91 6.44 18.03
CA ILE F 173 -10.71 6.12 18.81
C ILE F 173 -10.71 4.64 19.21
N GLY F 174 -9.55 4.01 19.09
CA GLY F 174 -9.42 2.58 19.36
C GLY F 174 -9.45 2.24 20.84
N GLN F 175 -8.95 1.05 21.17
CA GLN F 175 -8.93 0.58 22.54
C GLN F 175 -7.67 0.98 23.29
N ASN F 176 -7.80 1.16 24.61
CA ASN F 176 -6.67 1.45 25.48
C ASN F 176 -5.76 2.54 24.94
N CYS F 177 -6.37 3.63 24.51
CA CYS F 177 -5.63 4.81 24.10
C CYS F 177 -5.53 5.73 25.30
N LEU F 178 -4.62 6.69 25.26
CA LEU F 178 -4.50 7.65 26.34
C LEU F 178 -4.17 9.03 25.78
N ILE F 179 -5.05 9.99 26.05
CA ILE F 179 -4.86 11.36 25.56
C ILE F 179 -4.70 12.33 26.73
N GLN F 180 -3.58 13.04 26.75
CA GLN F 180 -3.31 14.02 27.78
C GLN F 180 -4.16 15.27 27.59
N SER F 181 -4.07 16.19 28.55
CA SER F 181 -4.94 17.36 28.61
C SER F 181 -4.58 18.42 27.57
N GLY F 182 -5.58 19.21 27.20
CA GLY F 182 -5.38 20.36 26.34
C GLY F 182 -5.33 20.00 24.87
N THR F 183 -5.43 18.71 24.58
CA THR F 183 -5.28 18.22 23.22
C THR F 183 -6.62 18.27 22.49
N VAL F 184 -6.56 18.45 21.16
CA VAL F 184 -7.75 18.58 20.34
C VAL F 184 -7.73 17.60 19.16
N VAL F 185 -8.74 16.74 19.09
CA VAL F 185 -8.85 15.75 18.02
C VAL F 185 -10.13 15.98 17.21
N GLY F 186 -9.96 16.40 15.97
CA GLY F 186 -11.07 16.48 15.03
C GLY F 186 -11.49 17.89 14.67
N ALA F 187 -10.59 18.85 14.89
CA ALA F 187 -10.87 20.24 14.53
C ALA F 187 -10.74 20.41 13.02
N ASP F 188 -11.43 21.42 12.48
CA ASP F 188 -11.41 21.71 11.05
C ASP F 188 -9.99 21.77 10.52
N GLY F 189 -9.73 21.06 9.43
CA GLY F 189 -8.47 21.16 8.74
C GLY F 189 -8.36 22.54 8.11
N PHE F 190 -7.16 22.89 7.67
CA PHE F 190 -6.88 24.22 7.18
C PHE F 190 -7.17 24.32 5.68
N GLY F 191 -8.44 24.06 5.31
CA GLY F 191 -8.86 24.04 3.93
C GLY F 191 -9.60 25.30 3.54
N TYR F 192 -9.09 25.99 2.53
CA TYR F 192 -9.68 27.23 2.05
C TYR F 192 -9.45 27.38 0.55
N ALA F 193 -10.48 27.82 -0.17
CA ALA F 193 -10.34 28.19 -1.56
C ALA F 193 -10.22 29.71 -1.64
N ASN F 194 -9.46 30.20 -2.61
CA ASN F 194 -9.25 31.64 -2.77
C ASN F 194 -10.09 32.23 -3.89
N ASP F 195 -10.96 33.17 -3.53
CA ASP F 195 -11.79 33.87 -4.50
C ASP F 195 -11.37 35.33 -4.59
N ARG F 196 -10.39 35.62 -5.45
CA ARG F 196 -9.93 36.98 -5.70
C ARG F 196 -9.45 37.66 -4.40
N GLY F 197 -8.63 36.93 -3.64
CA GLY F 197 -8.03 37.46 -2.43
C GLY F 197 -8.83 37.07 -1.20
N ASN F 198 -10.09 36.70 -1.39
CA ASN F 198 -10.95 36.30 -0.29
C ASN F 198 -10.82 34.79 -0.03
N TRP F 199 -10.72 34.41 1.23
CA TRP F 199 -10.64 33.00 1.59
C TRP F 199 -12.03 32.41 1.81
N VAL F 200 -12.35 31.38 1.04
CA VAL F 200 -13.62 30.68 1.16
C VAL F 200 -13.40 29.36 1.87
N LYS F 201 -14.07 29.18 3.00
CA LYS F 201 -13.91 27.98 3.81
C LYS F 201 -14.31 26.74 3.05
N ILE F 202 -13.43 25.74 3.09
CA ILE F 202 -13.76 24.39 2.62
C ILE F 202 -14.17 23.57 3.84
N PRO F 203 -15.47 23.25 3.95
CA PRO F 203 -15.89 22.36 5.04
C PRO F 203 -15.08 21.07 5.04
N GLN F 204 -14.65 20.66 6.22
CA GLN F 204 -13.86 19.45 6.39
C GLN F 204 -14.77 18.36 6.96
N ILE F 205 -15.28 17.50 6.07
CA ILE F 205 -16.28 16.51 6.46
C ILE F 205 -15.64 15.13 6.63
N GLY F 206 -14.33 15.09 6.41
CA GLY F 206 -13.56 13.89 6.72
C GLY F 206 -13.47 13.80 8.24
N ARG F 207 -12.85 12.74 8.74
CA ARG F 207 -12.82 12.46 10.16
C ARG F 207 -11.42 12.22 10.65
N VAL F 208 -11.32 11.66 11.86
CA VAL F 208 -10.06 11.16 12.38
C VAL F 208 -10.28 9.74 12.87
N ILE F 209 -9.47 8.81 12.38
CA ILE F 209 -9.49 7.44 12.84
C ILE F 209 -8.19 7.18 13.60
N ILE F 210 -8.32 6.98 14.90
CA ILE F 210 -7.17 6.62 15.75
C ILE F 210 -7.21 5.13 16.07
N GLY F 211 -6.08 4.47 15.89
CA GLY F 211 -6.00 3.03 16.10
C GLY F 211 -6.00 2.61 17.55
N ASP F 212 -5.50 1.42 17.82
CA ASP F 212 -5.41 0.90 19.19
C ASP F 212 -4.08 1.24 19.86
N ARG F 213 -4.10 1.34 21.18
CA ARG F 213 -2.89 1.51 21.98
C ARG F 213 -2.13 2.76 21.55
N VAL F 214 -2.86 3.79 21.15
CA VAL F 214 -2.26 5.05 20.73
C VAL F 214 -2.26 6.00 21.91
N GLU F 215 -1.16 6.74 22.07
CA GLU F 215 -1.04 7.69 23.16
C GLU F 215 -0.66 9.06 22.62
N ILE F 216 -1.52 10.06 22.86
CA ILE F 216 -1.25 11.43 22.43
C ILE F 216 -0.96 12.32 23.63
N GLY F 217 0.01 13.21 23.47
CA GLY F 217 0.41 14.11 24.52
C GLY F 217 -0.52 15.30 24.70
N ALA F 218 0.01 16.41 25.22
CA ALA F 218 -0.79 17.56 25.62
C ALA F 218 -0.67 18.74 24.66
N CYS F 219 -1.77 19.49 24.50
CA CYS F 219 -1.84 20.61 23.57
C CYS F 219 -1.37 20.17 22.19
N THR F 220 -1.86 19.01 21.76
CA THR F 220 -1.62 18.54 20.41
C THR F 220 -2.91 18.65 19.61
N THR F 221 -2.77 18.94 18.33
CA THR F 221 -3.93 19.11 17.46
C THR F 221 -3.86 18.15 16.28
N ILE F 222 -4.82 17.23 16.24
CA ILE F 222 -4.99 16.32 15.12
C ILE F 222 -6.30 16.66 14.42
N ASP F 223 -6.20 17.22 13.22
CA ASP F 223 -7.38 17.74 12.55
C ASP F 223 -8.10 16.69 11.73
N ARG F 224 -9.37 16.94 11.45
CA ARG F 224 -10.18 16.03 10.66
C ARG F 224 -9.89 16.26 9.20
N GLY F 225 -10.05 15.21 8.39
CA GLY F 225 -9.79 15.28 6.96
C GLY F 225 -10.86 16.07 6.23
N ALA F 226 -10.55 16.48 5.00
CA ALA F 226 -11.44 17.30 4.20
C ALA F 226 -12.62 16.48 3.68
N LEU F 227 -12.31 15.29 3.19
CA LEU F 227 -13.31 14.37 2.68
C LEU F 227 -12.96 12.98 3.19
N ASP F 228 -11.76 12.53 2.86
CA ASP F 228 -11.21 11.31 3.41
C ASP F 228 -10.69 11.57 4.83
N ASP F 229 -10.23 10.53 5.50
CA ASP F 229 -9.96 10.62 6.92
C ASP F 229 -8.48 10.84 7.27
N THR F 230 -8.27 11.46 8.42
CA THR F 230 -6.96 11.53 9.05
C THR F 230 -6.80 10.25 9.87
N ILE F 231 -5.64 9.63 9.78
CA ILE F 231 -5.47 8.29 10.35
C ILE F 231 -4.21 8.17 11.20
N ILE F 232 -4.43 7.81 12.47
CA ILE F 232 -3.35 7.48 13.40
C ILE F 232 -3.39 5.97 13.67
N GLY F 233 -2.39 5.27 13.17
CA GLY F 233 -2.34 3.81 13.26
C GLY F 233 -2.15 3.30 14.68
N ASN F 234 -2.08 1.99 14.82
CA ASN F 234 -1.95 1.36 16.14
C ASN F 234 -0.56 1.54 16.73
N GLY F 235 -0.51 1.71 18.05
CA GLY F 235 0.75 1.74 18.78
C GLY F 235 1.53 3.02 18.55
N VAL F 236 0.88 4.04 18.00
CA VAL F 236 1.52 5.32 17.75
C VAL F 236 1.61 6.14 19.04
N ILE F 237 2.74 6.81 19.23
CA ILE F 237 2.92 7.71 20.35
C ILE F 237 3.22 9.10 19.83
N ILE F 238 2.47 10.08 20.33
CA ILE F 238 2.64 11.47 19.93
C ILE F 238 2.82 12.35 21.16
N ASP F 239 3.88 13.15 21.11
CA ASP F 239 4.24 14.01 22.22
C ASP F 239 3.34 15.25 22.26
N ASN F 240 3.80 16.30 22.93
CA ASN F 240 3.06 17.54 23.07
C ASN F 240 3.32 18.52 21.93
N GLN F 241 2.41 19.48 21.77
CA GLN F 241 2.61 20.62 20.87
C GLN F 241 2.77 20.21 19.41
N CYS F 242 2.13 19.12 19.01
CA CYS F 242 2.24 18.66 17.62
C CYS F 242 1.03 19.08 16.80
N GLN F 243 1.30 19.48 15.56
CA GLN F 243 0.25 19.77 14.60
C GLN F 243 0.23 18.69 13.53
N ILE F 244 -0.84 17.90 13.54
CA ILE F 244 -1.03 16.86 12.54
C ILE F 244 -2.20 17.23 11.65
N ALA F 245 -1.88 17.75 10.47
CA ALA F 245 -2.85 18.33 9.55
C ALA F 245 -3.86 17.31 9.03
N HIS F 246 -4.88 17.83 8.36
CA HIS F 246 -5.92 16.99 7.77
C HIS F 246 -5.33 16.00 6.75
N ASN F 247 -5.91 14.79 6.73
CA ASN F 247 -5.58 13.76 5.75
C ASN F 247 -4.14 13.26 5.87
N VAL F 248 -3.50 13.58 7.00
CA VAL F 248 -2.21 12.99 7.33
C VAL F 248 -2.42 11.55 7.79
N VAL F 249 -1.50 10.67 7.41
CA VAL F 249 -1.58 9.26 7.77
C VAL F 249 -0.28 8.80 8.42
N ILE F 250 -0.38 8.34 9.65
CA ILE F 250 0.78 7.83 10.38
C ILE F 250 0.68 6.32 10.57
N GLY F 251 1.70 5.60 10.11
CA GLY F 251 1.71 4.15 10.17
C GLY F 251 1.82 3.65 11.59
N ASP F 252 1.59 2.36 11.78
CA ASP F 252 1.60 1.76 13.11
C ASP F 252 2.95 1.91 13.80
N ASN F 253 2.92 2.03 15.13
CA ASN F 253 4.12 2.02 15.98
C ASN F 253 5.13 3.13 15.65
N THR F 254 4.70 4.10 14.87
CA THR F 254 5.52 5.29 14.60
C THR F 254 5.46 6.20 15.83
N ALA F 255 6.52 6.98 16.03
CA ALA F 255 6.62 7.86 17.20
C ALA F 255 6.96 9.28 16.79
N VAL F 256 6.16 10.23 17.26
CA VAL F 256 6.37 11.65 16.97
C VAL F 256 6.69 12.42 18.26
N ALA F 257 7.89 12.98 18.31
CA ALA F 257 8.31 13.76 19.47
C ALA F 257 7.66 15.14 19.46
N GLY F 258 7.97 15.96 20.46
CA GLY F 258 7.30 17.23 20.66
C GLY F 258 7.58 18.32 19.64
N GLY F 259 6.57 19.15 19.39
CA GLY F 259 6.74 20.35 18.58
C GLY F 259 6.76 20.08 17.10
N VAL F 260 6.42 18.84 16.72
CA VAL F 260 6.48 18.43 15.32
C VAL F 260 5.30 18.99 14.55
N ILE F 261 5.61 19.62 13.42
CA ILE F 261 4.60 20.24 12.56
C ILE F 261 4.51 19.48 11.24
N MET F 262 3.36 18.85 10.99
CA MET F 262 3.12 18.09 9.77
C MET F 262 2.14 18.80 8.85
N ALA F 263 2.36 18.71 7.55
CA ALA F 263 1.46 19.30 6.57
C ALA F 263 0.42 18.30 6.10
N GLY F 264 -0.58 18.80 5.38
CA GLY F 264 -1.70 18.00 4.94
C GLY F 264 -1.34 16.91 3.95
N SER F 265 -2.08 15.80 4.02
CA SER F 265 -1.93 14.70 3.07
C SER F 265 -0.51 14.12 3.07
N LEU F 266 0.14 14.21 4.24
CA LEU F 266 1.43 13.57 4.42
C LEU F 266 1.23 12.13 4.89
N LYS F 267 1.92 11.19 4.27
CA LYS F 267 1.87 9.80 4.72
C LYS F 267 3.20 9.37 5.32
N ILE F 268 3.13 8.84 6.54
CA ILE F 268 4.29 8.26 7.20
C ILE F 268 4.08 6.77 7.37
N GLY F 269 5.13 5.99 7.14
CA GLY F 269 5.04 4.55 7.25
C GLY F 269 5.05 4.07 8.69
N ARG F 270 5.31 2.79 8.88
CA ARG F 270 5.42 2.19 10.20
C ARG F 270 6.82 2.38 10.79
N TYR F 271 6.90 2.31 12.12
CA TYR F 271 8.18 2.24 12.82
C TYR F 271 9.10 3.43 12.56
N CYS F 272 8.53 4.53 12.05
CA CYS F 272 9.30 5.74 11.88
C CYS F 272 9.47 6.43 13.22
N MET F 273 10.40 7.38 13.29
CA MET F 273 10.60 8.15 14.51
C MET F 273 10.90 9.59 14.13
N ILE F 274 9.93 10.47 14.32
CA ILE F 274 10.10 11.87 13.98
C ILE F 274 10.60 12.66 15.19
N GLY F 275 11.81 13.19 15.08
CA GLY F 275 12.41 13.97 16.15
C GLY F 275 11.65 15.25 16.39
N GLY F 276 11.81 15.81 17.59
CA GLY F 276 11.07 17.00 17.98
C GLY F 276 11.36 18.24 17.16
N ALA F 277 10.36 19.12 17.09
CA ALA F 277 10.45 20.37 16.35
C ALA F 277 10.69 20.16 14.85
N SER F 278 10.52 18.92 14.38
CA SER F 278 10.69 18.64 12.96
C SER F 278 9.56 19.26 12.18
N VAL F 279 9.83 19.58 10.93
CA VAL F 279 8.84 20.22 10.07
C VAL F 279 8.77 19.49 8.74
N ILE F 280 7.59 18.95 8.44
CA ILE F 280 7.42 18.08 7.29
C ILE F 280 6.36 18.62 6.32
N ASN F 281 6.74 18.74 5.05
CA ASN F 281 5.81 19.14 4.01
C ASN F 281 4.80 18.04 3.77
N GLY F 282 3.82 18.29 2.91
CA GLY F 282 2.73 17.36 2.68
C GLY F 282 2.58 16.90 1.24
N HIS F 283 1.57 16.07 1.00
CA HIS F 283 1.30 15.54 -0.33
C HIS F 283 2.47 14.69 -0.81
N MET F 284 3.08 13.99 0.14
CA MET F 284 4.21 13.13 -0.15
C MET F 284 4.25 12.01 0.88
N GLU F 285 5.18 11.08 0.68
CA GLU F 285 5.24 9.87 1.49
C GLU F 285 6.57 9.76 2.24
N ILE F 286 6.53 9.07 3.37
CA ILE F 286 7.73 8.70 4.14
C ILE F 286 7.66 7.20 4.40
N CYS F 287 8.62 6.46 3.85
CA CYS F 287 8.58 5.00 3.90
C CYS F 287 8.76 4.48 5.33
N ASP F 288 8.59 3.17 5.49
CA ASP F 288 8.70 2.54 6.81
C ASP F 288 10.12 2.60 7.36
N LYS F 289 10.24 2.56 8.68
CA LYS F 289 11.53 2.50 9.37
C LYS F 289 12.40 3.68 8.95
N VAL F 290 11.93 4.88 9.25
CA VAL F 290 12.68 6.10 8.94
C VAL F 290 12.82 6.94 10.20
N THR F 291 14.04 7.41 10.44
CA THR F 291 14.31 8.27 11.58
C THR F 291 14.71 9.64 11.07
N VAL F 292 14.03 10.66 11.60
CA VAL F 292 14.35 12.05 11.30
C VAL F 292 14.80 12.73 12.57
N THR F 293 15.96 13.36 12.52
CA THR F 293 16.50 14.03 13.70
C THR F 293 15.82 15.38 13.94
N GLY F 294 15.87 15.83 15.20
CA GLY F 294 15.16 17.03 15.62
C GLY F 294 15.43 18.25 14.75
N MET F 295 14.43 19.14 14.71
CA MET F 295 14.47 20.34 13.87
C MET F 295 14.72 19.96 12.40
N GLY F 296 14.25 18.77 12.04
CA GLY F 296 14.33 18.30 10.67
C GLY F 296 13.50 19.17 9.73
N MET F 297 14.05 19.37 8.54
CA MET F 297 13.39 20.16 7.50
C MET F 297 13.03 19.21 6.37
N VAL F 298 11.95 18.45 6.57
CA VAL F 298 11.57 17.39 5.66
C VAL F 298 10.81 17.95 4.47
N MET F 299 11.56 18.47 3.51
CA MET F 299 10.98 19.06 2.32
C MET F 299 10.53 17.99 1.34
N ARG F 300 11.46 17.12 0.96
CA ARG F 300 11.22 16.09 -0.03
C ARG F 300 10.84 14.78 0.64
N PRO F 301 10.20 13.87 -0.11
CA PRO F 301 9.83 12.58 0.49
C PRO F 301 11.03 11.69 0.80
N ILE F 302 10.78 10.64 1.57
CA ILE F 302 11.82 9.69 1.97
C ILE F 302 11.45 8.30 1.43
N THR F 303 12.26 7.81 0.49
CA THR F 303 11.97 6.58 -0.23
C THR F 303 12.77 5.38 0.29
N GLU F 304 13.80 5.64 1.10
CA GLU F 304 14.65 4.59 1.63
C GLU F 304 14.86 4.75 3.14
N PRO F 305 14.78 3.65 3.90
CA PRO F 305 14.99 3.70 5.36
C PRO F 305 16.32 4.32 5.78
N GLY F 306 16.44 4.60 7.07
CA GLY F 306 17.66 5.15 7.64
C GLY F 306 17.44 6.48 8.33
N VAL F 307 18.51 7.01 8.92
CA VAL F 307 18.45 8.28 9.62
C VAL F 307 18.75 9.43 8.65
N TYR F 308 17.98 10.51 8.78
CA TYR F 308 18.20 11.72 7.99
C TYR F 308 18.23 12.92 8.92
N SER F 309 18.84 14.01 8.47
CA SER F 309 19.06 15.15 9.33
C SER F 309 19.17 16.47 8.58
N SER F 310 19.09 17.57 9.31
CA SER F 310 19.33 18.90 8.77
C SER F 310 19.53 19.89 9.89
N GLY F 311 20.04 21.07 9.54
CA GLY F 311 20.22 22.14 10.52
C GLY F 311 21.66 22.35 10.90
N ILE F 312 21.95 23.56 11.38
CA ILE F 312 23.29 23.93 11.81
C ILE F 312 23.30 24.16 13.32
N PRO F 313 24.18 23.46 14.05
CA PRO F 313 24.25 23.63 15.51
C PRO F 313 24.49 25.07 15.94
N LEU F 314 24.40 25.29 17.24
CA LEU F 314 24.60 26.62 17.83
C LEU F 314 26.07 26.99 17.85
N GLN F 315 26.33 28.27 17.63
CA GLN F 315 27.68 28.83 17.75
C GLN F 315 27.60 30.12 18.56
N PRO F 316 28.74 30.57 19.10
CA PRO F 316 28.75 31.90 19.71
C PRO F 316 28.27 32.95 18.72
N ASN F 317 27.69 34.04 19.24
CA ASN F 317 27.04 35.05 18.41
C ASN F 317 27.96 35.61 17.33
N LYS F 318 29.14 36.07 17.73
CA LYS F 318 30.08 36.70 16.79
C LYS F 318 30.49 35.75 15.68
N VAL F 319 30.48 34.45 15.98
CA VAL F 319 30.87 33.45 14.99
C VAL F 319 29.71 33.17 14.04
N TRP F 320 28.51 33.09 14.62
CA TRP F 320 27.30 32.82 13.84
C TRP F 320 27.03 33.92 12.82
N ARG F 321 27.23 35.17 13.25
CA ARG F 321 27.08 36.32 12.37
C ARG F 321 27.86 36.11 11.08
N LYS F 322 29.12 35.70 11.25
CA LYS F 322 30.02 35.50 10.11
C LYS F 322 29.63 34.25 9.36
N THR F 323 29.36 33.18 10.10
CA THR F 323 28.91 31.91 9.52
C THR F 323 27.68 32.14 8.64
N ALA F 324 26.65 32.75 9.23
CA ALA F 324 25.39 33.01 8.53
C ALA F 324 25.57 33.94 7.34
N ALA F 325 26.24 35.07 7.56
CA ALA F 325 26.44 36.06 6.51
C ALA F 325 27.26 35.49 5.35
N LEU F 326 28.10 34.50 5.64
CA LEU F 326 28.94 33.88 4.61
C LEU F 326 28.15 32.94 3.72
N VAL F 327 27.49 31.97 4.34
CA VAL F 327 26.66 31.01 3.60
C VAL F 327 25.60 31.75 2.80
N MET F 328 25.08 32.84 3.36
CA MET F 328 24.12 33.67 2.65
C MET F 328 24.69 34.09 1.31
N ASN F 329 26.00 34.34 1.29
CA ASN F 329 26.71 34.67 0.07
C ASN F 329 27.60 33.50 -0.38
N ILE F 330 26.95 32.39 -0.74
CA ILE F 330 27.68 31.17 -1.12
C ILE F 330 27.74 31.04 -2.63
N ASP F 331 26.77 31.65 -3.32
CA ASP F 331 26.77 31.67 -4.78
C ASP F 331 28.04 32.31 -5.27
N ASP F 332 28.29 33.54 -4.79
CA ASP F 332 29.51 34.26 -5.14
C ASP F 332 30.75 33.45 -4.79
N MET F 333 30.73 32.86 -3.59
CA MET F 333 31.84 32.03 -3.14
C MET F 333 32.08 30.85 -4.08
N SER F 334 31.00 30.36 -4.70
CA SER F 334 31.10 29.25 -5.64
C SER F 334 31.65 29.73 -6.99
N LYS F 335 31.26 30.95 -7.37
CA LYS F 335 31.67 31.52 -8.64
C LYS F 335 33.18 31.71 -8.72
N ARG F 336 33.74 32.45 -7.75
CA ARG F 336 35.16 32.75 -7.76
C ARG F 336 35.98 31.50 -7.48
N LEU F 337 35.36 30.48 -6.90
CA LEU F 337 36.01 29.19 -6.71
C LEU F 337 36.15 28.49 -8.06
N LYS F 338 35.08 28.52 -8.84
CA LYS F 338 35.06 27.87 -10.14
C LYS F 338 36.03 28.57 -11.10
N SER F 339 35.90 29.89 -11.19
CA SER F 339 36.77 30.70 -12.05
C SER F 339 38.24 30.47 -11.73
N LEU F 340 38.53 30.22 -10.47
CA LEU F 340 39.90 29.98 -10.01
C LEU F 340 40.47 28.72 -10.65
N MET G 3 42.84 -35.45 -44.32
CA MET G 3 41.82 -34.76 -43.47
C MET G 3 40.65 -35.70 -43.15
N SER G 4 39.44 -35.35 -43.57
CA SER G 4 38.23 -36.10 -43.23
C SER G 4 37.41 -36.34 -44.49
N THR G 5 36.80 -37.52 -44.64
CA THR G 5 36.03 -37.78 -45.84
C THR G 5 34.64 -37.17 -45.72
N ILE G 6 33.92 -37.05 -46.83
CA ILE G 6 32.53 -36.59 -46.79
C ILE G 6 31.59 -37.45 -45.94
N GLU G 7 31.69 -38.76 -46.16
CA GLU G 7 30.88 -39.76 -45.46
C GLU G 7 31.05 -39.65 -43.95
N GLU G 8 32.30 -39.60 -43.53
CA GLU G 8 32.64 -39.52 -42.11
C GLU G 8 32.08 -38.24 -41.52
N ARG G 9 32.20 -37.15 -42.27
CA ARG G 9 31.73 -35.87 -41.76
C ARG G 9 30.20 -35.87 -41.62
N VAL G 10 29.50 -36.46 -42.59
CA VAL G 10 28.05 -36.57 -42.50
C VAL G 10 27.61 -37.41 -41.30
N LYS G 11 28.25 -38.58 -41.14
CA LYS G 11 27.94 -39.50 -40.05
C LYS G 11 28.22 -38.90 -38.67
N LYS G 12 29.29 -38.14 -38.57
CA LYS G 12 29.65 -37.47 -37.32
C LYS G 12 28.60 -36.44 -36.91
N ILE G 13 28.16 -35.63 -37.86
CA ILE G 13 27.10 -34.66 -37.62
C ILE G 13 25.81 -35.34 -37.12
N ILE G 14 25.41 -36.41 -37.80
CA ILE G 14 24.18 -37.15 -37.45
C ILE G 14 24.23 -37.68 -36.03
N GLY G 15 25.34 -38.30 -35.68
CA GLY G 15 25.54 -38.90 -34.37
C GLY G 15 25.47 -37.86 -33.26
N GLU G 16 26.08 -36.71 -33.51
CA GLU G 16 26.07 -35.62 -32.54
C GLU G 16 24.67 -35.05 -32.32
N GLN G 17 23.94 -34.84 -33.41
CA GLN G 17 22.60 -34.25 -33.31
C GLN G 17 21.64 -35.17 -32.56
N LEU G 18 21.64 -36.45 -32.89
CA LEU G 18 20.70 -37.40 -32.29
C LEU G 18 21.24 -37.96 -30.98
N SER G 30 16.76 -44.75 -41.23
CA SER G 30 15.87 -43.59 -41.19
C SER G 30 15.96 -42.86 -39.86
N PHE G 31 16.09 -41.54 -39.96
CA PHE G 31 16.15 -40.64 -38.82
C PHE G 31 14.95 -40.81 -37.87
N VAL G 32 13.74 -40.84 -38.42
CA VAL G 32 12.54 -40.92 -37.57
C VAL G 32 12.36 -42.35 -37.04
N GLU G 33 12.43 -43.35 -37.91
CA GLU G 33 12.04 -44.71 -37.51
C GLU G 33 13.13 -45.44 -36.72
N ASP G 34 14.25 -45.74 -37.37
CA ASP G 34 15.35 -46.48 -36.74
C ASP G 34 16.03 -45.75 -35.59
N LEU G 35 16.14 -44.43 -35.67
CA LEU G 35 16.91 -43.66 -34.68
C LEU G 35 16.03 -42.93 -33.67
N GLY G 36 15.09 -42.13 -34.15
CA GLY G 36 14.07 -41.54 -33.29
C GLY G 36 14.05 -40.02 -33.38
N ALA G 37 13.88 -39.53 -34.60
CA ALA G 37 13.94 -38.09 -34.87
C ALA G 37 12.76 -37.35 -34.26
N ASP G 38 13.02 -36.11 -33.87
CA ASP G 38 11.98 -35.14 -33.55
C ASP G 38 11.70 -34.23 -34.75
N SER G 39 10.64 -33.44 -34.62
CA SER G 39 10.13 -32.59 -35.69
C SER G 39 11.10 -31.43 -35.94
N LEU G 40 11.98 -31.24 -34.96
CA LEU G 40 13.10 -30.31 -34.99
C LEU G 40 14.45 -30.89 -35.39
N ASP G 41 14.74 -32.11 -34.92
CA ASP G 41 16.03 -32.73 -35.20
C ASP G 41 16.30 -32.88 -36.68
N THR G 42 15.31 -33.25 -37.49
CA THR G 42 15.62 -33.46 -38.90
C THR G 42 15.94 -32.10 -39.52
N VAL G 43 15.23 -31.06 -39.10
CA VAL G 43 15.53 -29.70 -39.51
C VAL G 43 16.90 -29.21 -39.05
N GLU G 44 17.20 -29.44 -37.78
CA GLU G 44 18.50 -29.05 -37.21
C GLU G 44 19.65 -29.79 -37.86
N LEU G 45 19.40 -31.03 -38.26
CA LEU G 45 20.39 -31.82 -38.97
C LEU G 45 20.71 -31.24 -40.32
N VAL G 46 19.67 -30.85 -41.06
CA VAL G 46 19.86 -30.19 -42.35
C VAL G 46 20.64 -28.89 -42.21
N MET G 47 20.29 -28.08 -41.22
CA MET G 47 21.01 -26.85 -40.96
C MET G 47 22.48 -27.08 -40.63
N ALA G 48 22.75 -28.12 -39.84
CA ALA G 48 24.12 -28.43 -39.46
C ALA G 48 24.92 -28.92 -40.67
N LEU G 49 24.27 -29.68 -41.53
CA LEU G 49 24.87 -30.15 -42.78
C LEU G 49 25.18 -28.98 -43.72
N GLU G 50 24.27 -28.02 -43.78
CA GLU G 50 24.46 -26.81 -44.57
C GLU G 50 25.71 -26.06 -44.12
N GLU G 51 25.88 -25.99 -42.81
CA GLU G 51 27.02 -25.31 -42.23
C GLU G 51 28.34 -26.03 -42.48
N GLU G 52 28.35 -27.35 -42.25
CA GLU G 52 29.59 -28.12 -42.32
C GLU G 52 30.14 -28.09 -43.74
N PHE G 53 29.23 -28.07 -44.73
CA PHE G 53 29.62 -28.22 -46.13
C PHE G 53 29.39 -26.91 -46.86
N ASP G 54 29.04 -25.86 -46.11
CA ASP G 54 28.87 -24.52 -46.66
C ASP G 54 27.95 -24.55 -47.89
N THR G 55 26.73 -25.04 -47.70
CA THR G 55 25.81 -25.25 -48.81
C THR G 55 24.38 -24.98 -48.38
N GLU G 56 23.59 -24.49 -49.31
CA GLU G 56 22.18 -24.24 -49.10
C GLU G 56 21.31 -25.35 -49.69
N ILE G 57 20.49 -25.95 -48.83
CA ILE G 57 19.66 -27.10 -49.18
C ILE G 57 18.20 -26.66 -49.39
N PRO G 58 17.71 -26.73 -50.64
CA PRO G 58 16.31 -26.31 -50.83
C PRO G 58 15.40 -27.27 -50.08
N ASP G 59 14.29 -26.76 -49.53
CA ASP G 59 13.41 -27.61 -48.72
C ASP G 59 12.78 -28.74 -49.51
N GLU G 60 12.67 -28.58 -50.83
CA GLU G 60 12.21 -29.65 -51.70
C GLU G 60 13.19 -30.82 -51.60
N GLU G 61 14.48 -30.48 -51.48
CA GLU G 61 15.51 -31.49 -51.32
C GLU G 61 15.69 -31.85 -49.85
N ALA G 62 15.54 -30.89 -48.94
CA ALA G 62 15.68 -31.19 -47.52
C ALA G 62 14.64 -32.26 -47.19
N GLU G 63 13.48 -32.09 -47.84
CA GLU G 63 12.33 -32.95 -47.65
C GLU G 63 12.63 -34.38 -48.10
N LYS G 64 13.62 -34.50 -48.98
CA LYS G 64 13.99 -35.82 -49.50
C LYS G 64 15.08 -36.48 -48.66
N ILE G 65 15.57 -35.77 -47.65
CA ILE G 65 16.60 -36.31 -46.77
C ILE G 65 15.94 -37.02 -45.59
N THR G 66 15.72 -38.33 -45.70
CA THR G 66 15.00 -39.05 -44.65
C THR G 66 15.83 -40.22 -44.14
N THR G 67 16.94 -40.48 -44.81
CA THR G 67 17.85 -41.55 -44.43
C THR G 67 19.29 -41.04 -44.34
N VAL G 68 20.14 -41.81 -43.67
CA VAL G 68 21.57 -41.53 -43.60
C VAL G 68 22.15 -41.40 -45.01
N GLN G 69 21.84 -42.38 -45.84
CA GLN G 69 22.36 -42.46 -47.22
C GLN G 69 21.95 -41.25 -48.06
N ALA G 70 20.72 -40.80 -47.88
CA ALA G 70 20.20 -39.65 -48.62
C ALA G 70 21.02 -38.41 -48.34
N ALA G 71 21.46 -38.27 -47.08
CA ALA G 71 22.30 -37.15 -46.68
C ALA G 71 23.66 -37.25 -47.37
N ILE G 72 24.24 -38.44 -47.34
CA ILE G 72 25.51 -38.71 -48.01
C ILE G 72 25.38 -38.38 -49.50
N ASP G 73 24.29 -38.86 -50.09
CA ASP G 73 23.97 -38.70 -51.52
C ASP G 73 23.83 -37.24 -51.97
N TYR G 74 23.18 -36.41 -51.18
CA TYR G 74 23.00 -35.00 -51.54
C TYR G 74 24.34 -34.31 -51.74
N ILE G 75 25.24 -34.48 -50.77
CA ILE G 75 26.51 -33.79 -50.78
C ILE G 75 27.31 -34.32 -51.97
N ASN G 76 27.24 -35.63 -52.15
CA ASN G 76 27.88 -36.32 -53.26
C ASN G 76 27.34 -35.83 -54.61
N ILE H 6 36.74 3.29 -14.66
CA ILE H 6 36.14 2.05 -15.14
C ILE H 6 35.40 1.31 -14.02
N GLU H 7 36.02 1.23 -12.84
CA GLU H 7 35.40 0.57 -11.70
C GLU H 7 34.04 1.18 -11.45
N GLU H 8 34.02 2.50 -11.42
CA GLU H 8 32.81 3.28 -11.16
C GLU H 8 31.79 3.03 -12.27
N ARG H 9 32.25 2.99 -13.51
CA ARG H 9 31.35 2.81 -14.65
C ARG H 9 30.68 1.43 -14.69
N VAL H 10 31.43 0.39 -14.38
CA VAL H 10 30.88 -0.98 -14.31
C VAL H 10 29.82 -1.04 -13.23
N LYS H 11 30.18 -0.47 -12.09
CA LYS H 11 29.34 -0.40 -10.90
C LYS H 11 28.06 0.39 -11.17
N LYS H 12 28.17 1.46 -11.98
CA LYS H 12 27.00 2.25 -12.36
C LYS H 12 26.02 1.40 -13.18
N ILE H 13 26.55 0.62 -14.13
CA ILE H 13 25.77 -0.31 -14.93
C ILE H 13 25.02 -1.32 -14.06
N ILE H 14 25.71 -1.89 -13.06
CA ILE H 14 25.09 -2.88 -12.19
C ILE H 14 23.87 -2.24 -11.52
N GLY H 15 24.05 -1.03 -10.99
CA GLY H 15 22.96 -0.36 -10.33
C GLY H 15 21.81 -0.12 -11.29
N GLU H 16 22.09 0.28 -12.53
CA GLU H 16 21.01 0.48 -13.49
C GLU H 16 20.33 -0.83 -13.86
N GLN H 17 21.13 -1.83 -14.18
CA GLN H 17 20.60 -3.13 -14.58
C GLN H 17 19.87 -3.85 -13.47
N LEU H 18 20.50 -3.85 -12.30
CA LEU H 18 20.00 -4.57 -11.16
C LEU H 18 19.00 -3.75 -10.32
N GLY H 19 18.94 -2.46 -10.62
CA GLY H 19 18.04 -1.53 -9.96
C GLY H 19 18.33 -1.16 -8.51
N VAL H 20 19.62 -1.02 -8.16
CA VAL H 20 20.02 -0.71 -6.78
C VAL H 20 20.79 0.60 -6.72
N LYS H 21 20.71 1.30 -5.61
CA LYS H 21 21.44 2.55 -5.45
C LYS H 21 22.92 2.18 -5.31
N GLN H 22 23.81 3.11 -5.68
CA GLN H 22 25.25 2.86 -5.72
C GLN H 22 25.81 2.41 -4.38
N GLU H 23 25.34 2.99 -3.30
CA GLU H 23 25.81 2.61 -1.98
C GLU H 23 25.66 1.11 -1.68
N GLU H 24 24.68 0.45 -2.31
CA GLU H 24 24.45 -0.98 -2.04
C GLU H 24 25.38 -1.92 -2.85
N VAL H 25 25.94 -1.40 -3.94
CA VAL H 25 26.73 -2.18 -4.91
C VAL H 25 28.19 -2.17 -4.44
N THR H 26 28.47 -2.83 -3.32
CA THR H 26 29.83 -2.93 -2.83
C THR H 26 30.62 -4.03 -3.54
N ASN H 27 31.94 -3.91 -3.47
CA ASN H 27 32.86 -4.76 -4.21
C ASN H 27 32.73 -6.23 -3.88
N ASN H 28 32.40 -6.52 -2.62
CA ASN H 28 32.27 -7.90 -2.18
C ASN H 28 30.84 -8.43 -2.33
N ALA H 29 29.93 -7.59 -2.82
CA ALA H 29 28.53 -8.00 -2.97
C ALA H 29 28.33 -9.04 -4.08
N SER H 30 27.51 -10.04 -3.77
CA SER H 30 27.05 -11.03 -4.75
C SER H 30 25.81 -10.54 -5.50
N PHE H 31 25.82 -10.65 -6.84
CA PHE H 31 24.65 -10.27 -7.63
C PHE H 31 23.37 -10.97 -7.16
N VAL H 32 23.44 -12.30 -7.00
CA VAL H 32 22.25 -13.07 -6.63
C VAL H 32 21.91 -12.98 -5.14
N GLU H 33 22.91 -13.22 -4.30
CA GLU H 33 22.71 -13.42 -2.87
C GLU H 33 22.53 -12.14 -2.05
N ASP H 34 23.15 -11.05 -2.50
CA ASP H 34 23.09 -9.79 -1.78
C ASP H 34 22.19 -8.79 -2.52
N LEU H 35 22.24 -8.84 -3.84
CA LEU H 35 21.56 -7.87 -4.69
C LEU H 35 20.24 -8.37 -5.35
N GLY H 36 19.71 -9.53 -4.99
CA GLY H 36 18.38 -9.81 -5.49
C GLY H 36 18.15 -10.19 -6.96
N ALA H 37 19.23 -10.47 -7.67
CA ALA H 37 19.17 -10.63 -9.11
C ALA H 37 18.52 -11.94 -9.49
N ASP H 38 17.86 -11.95 -10.64
CA ASP H 38 17.09 -13.11 -11.05
C ASP H 38 17.66 -13.80 -12.28
N SER H 39 17.14 -14.98 -12.53
CA SER H 39 17.56 -15.86 -13.62
C SER H 39 18.03 -15.20 -14.93
N LEU H 40 17.72 -13.93 -15.19
CA LEU H 40 18.03 -13.34 -16.49
C LEU H 40 18.88 -12.08 -16.43
N ASP H 41 18.77 -11.36 -15.33
CA ASP H 41 19.61 -10.19 -15.03
C ASP H 41 21.10 -10.41 -15.12
N THR H 42 21.63 -11.54 -14.65
CA THR H 42 23.08 -11.66 -14.68
C THR H 42 23.50 -11.74 -16.15
N VAL H 43 22.70 -12.44 -16.96
CA VAL H 43 22.94 -12.49 -18.41
C VAL H 43 22.82 -11.13 -19.08
N GLU H 44 21.74 -10.41 -18.75
CA GLU H 44 21.51 -9.07 -19.29
C GLU H 44 22.60 -8.10 -18.86
N LEU H 45 23.12 -8.30 -17.66
CA LEU H 45 24.22 -7.48 -17.17
C LEU H 45 25.49 -7.69 -17.99
N VAL H 46 25.80 -8.96 -18.25
CA VAL H 46 26.94 -9.28 -19.11
C VAL H 46 26.75 -8.65 -20.47
N MET H 47 25.55 -8.74 -21.02
CA MET H 47 25.27 -8.12 -22.30
C MET H 47 25.49 -6.61 -22.24
N ALA H 48 25.09 -5.98 -21.13
CA ALA H 48 25.27 -4.54 -21.02
C ALA H 48 26.74 -4.17 -20.93
N LEU H 49 27.53 -4.99 -20.22
CA LEU H 49 28.97 -4.78 -20.15
C LEU H 49 29.67 -4.99 -21.48
N GLU H 50 29.23 -6.01 -22.23
CA GLU H 50 29.76 -6.28 -23.56
C GLU H 50 29.56 -5.08 -24.48
N GLU H 51 28.37 -4.49 -24.40
CA GLU H 51 28.07 -3.33 -25.24
C GLU H 51 28.86 -2.10 -24.80
N GLU H 52 28.85 -1.82 -23.50
CA GLU H 52 29.47 -0.59 -22.99
C GLU H 52 30.98 -0.54 -23.22
N PHE H 53 31.63 -1.70 -23.11
CA PHE H 53 33.08 -1.77 -23.12
C PHE H 53 33.56 -2.46 -24.40
N ASP H 54 32.61 -2.70 -25.30
CA ASP H 54 32.90 -3.25 -26.62
C ASP H 54 33.77 -4.51 -26.58
N THR H 55 33.32 -5.54 -25.87
CA THR H 55 34.12 -6.76 -25.66
C THR H 55 33.25 -8.02 -25.59
N GLU H 56 33.81 -9.14 -26.05
CA GLU H 56 33.14 -10.43 -25.96
C GLU H 56 33.66 -11.30 -24.80
N ILE H 57 32.73 -11.70 -23.95
CA ILE H 57 33.01 -12.44 -22.72
C ILE H 57 32.70 -13.94 -22.88
N PRO H 58 33.72 -14.81 -22.88
CA PRO H 58 33.41 -16.24 -23.02
C PRO H 58 32.59 -16.75 -21.84
N ASP H 59 31.68 -17.68 -22.12
CA ASP H 59 30.76 -18.18 -21.10
C ASP H 59 31.41 -18.92 -19.93
N GLU H 60 32.59 -19.50 -20.12
CA GLU H 60 33.31 -20.11 -19.01
C GLU H 60 33.65 -19.06 -17.95
N GLU H 61 33.99 -17.86 -18.42
CA GLU H 61 34.28 -16.73 -17.54
C GLU H 61 33.05 -15.95 -17.12
N ALA H 62 32.06 -15.81 -17.99
CA ALA H 62 30.88 -15.05 -17.61
C ALA H 62 30.27 -15.73 -16.40
N GLU H 63 30.32 -17.06 -16.41
CA GLU H 63 29.76 -17.87 -15.34
C GLU H 63 30.47 -17.67 -14.01
N LYS H 64 31.73 -17.23 -14.04
CA LYS H 64 32.46 -17.03 -12.80
C LYS H 64 32.33 -15.60 -12.25
N ILE H 65 31.67 -14.73 -12.99
CA ILE H 65 31.47 -13.34 -12.59
C ILE H 65 30.15 -13.31 -11.81
N THR H 66 30.22 -13.40 -10.48
CA THR H 66 29.01 -13.50 -9.68
C THR H 66 29.04 -12.34 -8.71
N THR H 67 30.14 -11.61 -8.69
CA THR H 67 30.26 -10.44 -7.85
C THR H 67 30.74 -9.28 -8.74
N VAL H 68 30.55 -8.05 -8.28
CA VAL H 68 31.05 -6.85 -8.93
C VAL H 68 32.58 -6.87 -9.15
N GLN H 69 33.32 -7.20 -8.09
CA GLN H 69 34.78 -7.21 -8.13
C GLN H 69 35.27 -8.15 -9.22
N ALA H 70 34.61 -9.30 -9.35
CA ALA H 70 34.97 -10.28 -10.37
C ALA H 70 34.79 -9.65 -11.75
N ALA H 71 33.73 -8.84 -11.87
CA ALA H 71 33.41 -8.10 -13.09
C ALA H 71 34.43 -7.00 -13.42
N ILE H 72 34.82 -6.24 -12.42
CA ILE H 72 35.82 -5.18 -12.58
C ILE H 72 37.13 -5.74 -13.14
N ASP H 73 37.58 -6.84 -12.55
CA ASP H 73 38.83 -7.48 -12.94
C ASP H 73 38.84 -7.95 -14.40
N TYR H 74 37.75 -8.56 -14.86
CA TYR H 74 37.67 -9.03 -16.24
C TYR H 74 37.83 -7.85 -17.20
N ILE H 75 37.07 -6.80 -16.93
CA ILE H 75 36.97 -5.61 -17.77
C ILE H 75 38.29 -4.87 -17.85
N ASN H 76 38.98 -4.74 -16.72
CA ASN H 76 40.29 -4.11 -16.72
C ASN H 76 41.22 -4.88 -17.66
N GLY H 77 41.06 -6.20 -17.72
CA GLY H 77 41.93 -7.05 -18.51
C GLY H 77 41.48 -7.10 -19.97
N ARG I 9 -1.44 0.40 -55.29
CA ARG I 9 -0.44 -0.67 -55.31
C ARG I 9 -0.14 -1.08 -53.89
N VAL I 10 0.00 -0.05 -53.06
CA VAL I 10 0.18 -0.13 -51.62
C VAL I 10 -1.05 -0.75 -50.96
N LYS I 11 -2.20 -0.28 -51.43
CA LYS I 11 -3.53 -0.68 -50.97
C LYS I 11 -3.85 -2.16 -51.18
N LYS I 12 -3.39 -2.73 -52.28
CA LYS I 12 -3.57 -4.16 -52.55
C LYS I 12 -2.83 -4.99 -51.51
N ILE I 13 -1.61 -4.57 -51.18
CA ILE I 13 -0.77 -5.18 -50.13
C ILE I 13 -1.50 -5.16 -48.77
N ILE I 14 -2.10 -4.03 -48.44
CA ILE I 14 -2.83 -3.85 -47.18
C ILE I 14 -3.93 -4.91 -47.10
N GLY I 15 -4.65 -5.05 -48.20
CA GLY I 15 -5.76 -5.98 -48.34
C GLY I 15 -5.28 -7.41 -48.14
N GLU I 16 -4.10 -7.71 -48.69
CA GLU I 16 -3.49 -9.04 -48.58
C GLU I 16 -3.11 -9.37 -47.14
N GLN I 17 -2.50 -8.42 -46.44
CA GLN I 17 -2.07 -8.63 -45.06
C GLN I 17 -3.28 -8.83 -44.15
N LEU I 18 -4.30 -8.00 -44.36
CA LEU I 18 -5.49 -7.99 -43.52
C LEU I 18 -6.52 -9.03 -43.97
N SER I 30 -9.07 3.36 -41.31
CA SER I 30 -8.17 2.88 -40.27
C SER I 30 -8.04 1.35 -40.33
N PHE I 31 -6.81 0.87 -40.28
CA PHE I 31 -6.48 -0.56 -40.27
C PHE I 31 -7.22 -1.29 -39.14
N VAL I 32 -7.15 -0.73 -37.95
CA VAL I 32 -7.75 -1.36 -36.78
C VAL I 32 -9.28 -1.19 -36.73
N GLU I 33 -9.79 0.03 -36.93
CA GLU I 33 -11.20 0.30 -36.65
C GLU I 33 -12.20 -0.17 -37.72
N ASP I 34 -11.78 -0.15 -38.98
CA ASP I 34 -12.66 -0.52 -40.10
C ASP I 34 -12.29 -1.85 -40.76
N LEU I 35 -10.99 -2.13 -40.82
CA LEU I 35 -10.44 -3.28 -41.53
C LEU I 35 -10.02 -4.44 -40.62
N GLY I 36 -10.39 -4.39 -39.34
CA GLY I 36 -10.21 -5.58 -38.52
C GLY I 36 -8.84 -6.01 -38.01
N ALA I 37 -7.83 -5.14 -38.08
CA ALA I 37 -6.48 -5.58 -37.74
C ALA I 37 -6.35 -5.94 -36.25
N ASP I 38 -5.46 -6.90 -36.02
CA ASP I 38 -4.89 -7.31 -34.74
C ASP I 38 -3.55 -6.63 -34.48
N SER I 39 -3.00 -6.85 -33.29
CA SER I 39 -1.82 -6.13 -32.84
C SER I 39 -0.56 -6.47 -33.63
N LEU I 40 -0.38 -7.73 -33.97
CA LEU I 40 0.69 -8.16 -34.87
C LEU I 40 0.64 -7.60 -36.31
N ASP I 41 -0.54 -7.51 -36.92
CA ASP I 41 -0.68 -7.03 -38.31
C ASP I 41 -0.17 -5.63 -38.63
N THR I 42 -0.38 -4.64 -37.78
CA THR I 42 0.03 -3.30 -38.18
C THR I 42 1.56 -3.26 -38.25
N VAL I 43 2.23 -3.94 -37.32
CA VAL I 43 3.68 -4.08 -37.38
C VAL I 43 4.14 -4.84 -38.63
N GLU I 44 3.50 -5.98 -38.89
CA GLU I 44 3.77 -6.80 -40.06
C GLU I 44 3.49 -6.11 -41.38
N LEU I 45 2.47 -5.26 -41.38
CA LEU I 45 2.13 -4.49 -42.56
C LEU I 45 3.26 -3.51 -42.91
N VAL I 46 3.79 -2.83 -41.92
CA VAL I 46 4.93 -1.95 -42.14
C VAL I 46 6.12 -2.72 -42.70
N MET I 47 6.39 -3.88 -42.12
CA MET I 47 7.46 -4.76 -42.59
C MET I 47 7.28 -5.22 -44.04
N ALA I 48 6.06 -5.55 -44.42
CA ALA I 48 5.80 -6.02 -45.79
C ALA I 48 6.02 -4.92 -46.82
N LEU I 49 5.65 -3.69 -46.48
CA LEU I 49 5.90 -2.54 -47.34
C LEU I 49 7.38 -2.26 -47.48
N GLU I 50 8.12 -2.45 -46.40
CA GLU I 50 9.56 -2.28 -46.46
C GLU I 50 10.16 -3.22 -47.49
N GLU I 51 9.70 -4.47 -47.56
CA GLU I 51 10.25 -5.40 -48.56
C GLU I 51 9.81 -5.07 -50.00
N GLU I 52 8.52 -4.82 -50.21
CA GLU I 52 7.97 -4.62 -51.56
C GLU I 52 8.58 -3.37 -52.18
N PHE I 53 8.84 -2.38 -51.34
CA PHE I 53 9.27 -1.05 -51.78
C PHE I 53 10.72 -0.93 -51.33
N ASP I 54 11.25 -2.05 -50.84
CA ASP I 54 12.66 -2.22 -50.44
C ASP I 54 13.20 -1.12 -49.49
N THR I 55 12.32 -0.25 -48.97
CA THR I 55 12.77 0.88 -48.18
C THR I 55 12.84 0.47 -46.70
N GLU I 56 13.77 1.07 -45.96
CA GLU I 56 13.88 0.83 -44.53
C GLU I 56 13.25 2.01 -43.78
N ILE I 65 1.47 5.73 -39.04
CA ILE I 65 0.75 5.10 -40.13
C ILE I 65 -0.34 4.17 -39.59
N THR I 66 -1.56 4.69 -39.46
CA THR I 66 -2.64 3.94 -38.83
C THR I 66 -3.84 3.84 -39.77
N THR I 67 -3.76 4.57 -40.88
CA THR I 67 -4.81 4.54 -41.89
C THR I 67 -4.23 4.30 -43.27
N VAL I 68 -5.10 3.91 -44.20
CA VAL I 68 -4.74 3.73 -45.61
C VAL I 68 -4.12 5.00 -46.17
N GLN I 69 -4.78 6.13 -45.93
CA GLN I 69 -4.36 7.42 -46.46
C GLN I 69 -2.97 7.83 -45.98
N ALA I 70 -2.67 7.58 -44.70
CA ALA I 70 -1.37 7.93 -44.15
C ALA I 70 -0.27 7.15 -44.82
N ALA I 71 -0.55 5.87 -45.12
CA ALA I 71 0.41 5.04 -45.82
C ALA I 71 0.63 5.48 -47.26
N ILE I 72 -0.45 5.74 -47.98
CA ILE I 72 -0.34 6.21 -49.36
C ILE I 72 0.45 7.52 -49.51
N ASP I 73 0.09 8.55 -48.73
CA ASP I 73 0.77 9.84 -48.84
C ASP I 73 2.27 9.86 -48.53
N TYR I 74 2.66 9.23 -47.43
CA TYR I 74 4.07 9.17 -47.03
C TYR I 74 4.92 8.46 -48.07
N ILE I 75 4.43 7.29 -48.48
CA ILE I 75 5.15 6.39 -49.36
C ILE I 75 5.32 7.07 -50.71
N ASN I 76 4.28 7.75 -51.19
CA ASN I 76 4.37 8.50 -52.43
C ASN I 76 5.44 9.58 -52.35
N MET J 3 37.68 64.15 -8.60
CA MET J 3 37.57 62.66 -8.60
C MET J 3 36.76 62.24 -7.39
N SER J 4 36.22 61.01 -7.38
CA SER J 4 35.52 60.57 -6.18
C SER J 4 36.57 60.31 -5.12
N THR J 5 36.30 60.72 -3.88
CA THR J 5 37.28 60.49 -2.83
C THR J 5 37.18 59.08 -2.25
N ILE J 6 38.19 58.67 -1.51
CA ILE J 6 38.15 57.40 -0.79
C ILE J 6 37.02 57.38 0.25
N GLU J 7 36.94 58.47 1.01
CA GLU J 7 35.95 58.67 2.07
C GLU J 7 34.49 58.52 1.63
N GLU J 8 34.14 59.20 0.55
CA GLU J 8 32.79 59.20 0.03
C GLU J 8 32.43 57.77 -0.40
N ARG J 9 33.39 57.07 -1.00
CA ARG J 9 33.15 55.72 -1.48
C ARG J 9 32.88 54.82 -0.27
N VAL J 10 33.63 55.01 0.82
CA VAL J 10 33.38 54.26 2.04
C VAL J 10 31.97 54.57 2.55
N LYS J 11 31.64 55.87 2.56
CA LYS J 11 30.32 56.35 3.00
C LYS J 11 29.19 55.82 2.11
N LYS J 12 29.47 55.72 0.81
CA LYS J 12 28.51 55.18 -0.14
C LYS J 12 28.16 53.71 0.11
N ILE J 13 29.18 52.90 0.37
CA ILE J 13 28.97 51.49 0.72
C ILE J 13 28.09 51.37 1.95
N ILE J 14 28.40 52.17 2.97
CA ILE J 14 27.67 52.18 4.22
C ILE J 14 26.19 52.52 4.04
N GLY J 15 25.93 53.58 3.28
CA GLY J 15 24.58 54.05 3.05
C GLY J 15 23.72 53.04 2.32
N GLU J 16 24.29 52.37 1.32
CA GLU J 16 23.55 51.35 0.59
C GLU J 16 23.25 50.14 1.48
N GLN J 17 24.27 49.70 2.23
CA GLN J 17 24.10 48.53 3.09
C GLN J 17 23.10 48.77 4.23
N LEU J 18 23.23 49.90 4.90
CA LEU J 18 22.39 50.19 6.07
C LEU J 18 21.07 50.82 5.62
N GLY J 19 20.99 51.20 4.35
CA GLY J 19 19.79 51.78 3.80
C GLY J 19 19.55 53.18 4.35
N VAL J 20 20.62 53.95 4.52
CA VAL J 20 20.51 55.28 5.11
C VAL J 20 21.00 56.39 4.19
N LYS J 21 20.38 57.56 4.35
CA LYS J 21 20.72 58.75 3.57
C LYS J 21 22.07 59.35 3.96
N GLN J 22 22.69 60.04 3.02
CA GLN J 22 24.04 60.58 3.21
C GLN J 22 24.17 61.56 4.37
N GLU J 23 23.18 62.43 4.58
CA GLU J 23 23.27 63.37 5.68
C GLU J 23 23.48 62.74 7.07
N GLU J 24 22.97 61.53 7.27
CA GLU J 24 23.12 60.90 8.59
C GLU J 24 24.47 60.20 8.76
N VAL J 25 25.15 59.90 7.64
CA VAL J 25 26.36 59.08 7.70
C VAL J 25 27.47 60.09 7.97
N THR J 26 27.39 60.66 9.16
CA THR J 26 28.39 61.58 9.65
C THR J 26 29.53 60.77 10.20
N ASN J 27 30.69 61.41 10.28
CA ASN J 27 31.93 60.73 10.63
C ASN J 27 31.92 60.07 12.00
N ASN J 28 31.22 60.66 12.96
CA ASN J 28 31.20 60.10 14.31
C ASN J 28 30.07 59.12 14.56
N ALA J 29 29.15 58.95 13.61
CA ALA J 29 28.04 58.03 13.84
C ALA J 29 28.48 56.56 13.85
N SER J 30 27.95 55.83 14.83
CA SER J 30 28.05 54.38 14.98
C SER J 30 26.96 53.67 14.17
N PHE J 31 27.35 52.63 13.43
CA PHE J 31 26.43 51.81 12.64
C PHE J 31 25.24 51.34 13.45
N VAL J 32 25.48 50.82 14.65
CA VAL J 32 24.39 50.27 15.45
C VAL J 32 23.53 51.36 16.14
N GLU J 33 24.13 52.34 16.79
CA GLU J 33 23.35 53.25 17.65
C GLU J 33 22.61 54.35 16.87
N ASP J 34 23.17 54.78 15.75
CA ASP J 34 22.61 55.87 14.94
C ASP J 34 21.98 55.46 13.60
N LEU J 35 22.57 54.44 12.97
CA LEU J 35 22.07 53.96 11.68
C LEU J 35 21.22 52.71 11.86
N GLY J 36 20.93 52.37 13.11
CA GLY J 36 20.12 51.20 13.42
C GLY J 36 20.51 50.00 12.58
N ALA J 37 21.69 49.44 12.89
CA ALA J 37 22.19 48.28 12.15
C ALA J 37 21.85 47.00 12.90
N ASP J 38 21.32 46.02 12.17
CA ASP J 38 20.95 44.73 12.75
C ASP J 38 22.19 43.96 13.20
N SER J 39 22.00 42.71 13.58
CA SER J 39 23.09 41.86 14.04
C SER J 39 23.99 41.47 12.86
N LEU J 40 23.41 41.45 11.67
CA LEU J 40 24.16 41.08 10.47
C LEU J 40 24.32 42.29 9.55
N ASP J 41 24.27 43.48 10.14
CA ASP J 41 24.41 44.72 9.38
C ASP J 41 25.87 45.20 9.41
N THR J 42 26.60 44.79 10.43
CA THR J 42 28.01 45.17 10.57
C THR J 42 28.90 44.23 9.76
N VAL J 43 28.62 42.93 9.84
CA VAL J 43 29.41 41.93 9.13
C VAL J 43 29.30 42.10 7.62
N GLU J 44 28.07 42.28 7.13
CA GLU J 44 27.83 42.49 5.70
C GLU J 44 28.50 43.77 5.21
N LEU J 45 28.55 44.77 6.07
CA LEU J 45 29.22 46.00 5.73
C LEU J 45 30.73 45.82 5.56
N VAL J 46 31.36 45.12 6.50
CA VAL J 46 32.79 44.79 6.40
C VAL J 46 33.09 43.99 5.13
N MET J 47 32.22 43.02 4.87
CA MET J 47 32.31 42.21 3.68
C MET J 47 32.24 43.07 2.42
N ALA J 48 31.36 44.07 2.43
CA ALA J 48 31.19 44.95 1.28
C ALA J 48 32.43 45.83 1.01
N LEU J 49 33.10 46.28 2.07
CA LEU J 49 34.34 47.05 1.93
C LEU J 49 35.48 46.22 1.34
N GLU J 50 35.55 44.95 1.72
CA GLU J 50 36.56 44.04 1.18
C GLU J 50 36.49 43.92 -0.34
N GLU J 51 35.29 43.84 -0.89
CA GLU J 51 35.12 43.72 -2.33
C GLU J 51 35.49 45.03 -3.03
N GLU J 52 34.99 46.15 -2.52
CA GLU J 52 35.16 47.43 -3.17
C GLU J 52 36.63 47.85 -3.28
N PHE J 53 37.43 47.53 -2.27
CA PHE J 53 38.80 48.02 -2.19
C PHE J 53 39.80 46.88 -2.41
N ASP J 54 39.28 45.71 -2.76
CA ASP J 54 40.07 44.53 -3.10
C ASP J 54 41.12 44.23 -2.03
N THR J 55 40.64 44.06 -0.80
CA THR J 55 41.49 43.86 0.37
C THR J 55 40.81 42.95 1.37
N GLU J 56 41.62 42.18 2.09
CA GLU J 56 41.13 41.30 3.14
C GLU J 56 41.34 41.93 4.52
N ILE J 57 40.24 42.03 5.26
CA ILE J 57 40.22 42.70 6.55
C ILE J 57 40.25 41.70 7.69
N PRO J 58 41.37 41.65 8.44
CA PRO J 58 41.42 40.70 9.56
C PRO J 58 40.38 41.06 10.61
N ASP J 59 39.83 40.03 11.24
CA ASP J 59 38.76 40.17 12.21
C ASP J 59 39.13 40.94 13.47
N GLU J 60 40.43 41.02 13.78
CA GLU J 60 40.92 41.82 14.89
C GLU J 60 40.62 43.32 14.79
N GLU J 61 40.70 43.86 13.59
CA GLU J 61 40.37 45.27 13.36
C GLU J 61 38.88 45.49 13.10
N ALA J 62 38.24 44.53 12.44
CA ALA J 62 36.82 44.65 12.11
C ALA J 62 36.00 44.87 13.37
N GLU J 63 36.36 44.22 14.47
CA GLU J 63 35.57 44.37 15.69
C GLU J 63 35.65 45.82 16.14
N LYS J 64 36.71 46.52 15.71
CA LYS J 64 36.84 47.93 16.08
C LYS J 64 36.22 48.80 15.01
N ILE J 65 35.72 48.21 13.93
CA ILE J 65 35.11 49.03 12.90
C ILE J 65 33.64 49.10 13.31
N THR J 66 33.28 50.09 14.11
CA THR J 66 31.93 50.16 14.63
C THR J 66 31.29 51.51 14.32
N THR J 67 32.12 52.42 13.80
CA THR J 67 31.67 53.74 13.42
C THR J 67 32.15 54.01 11.99
N VAL J 68 31.56 55.00 11.34
CA VAL J 68 32.02 55.42 10.01
C VAL J 68 33.50 55.79 9.97
N GLN J 69 33.95 56.64 10.89
CA GLN J 69 35.34 57.11 10.91
C GLN J 69 36.34 55.97 11.08
N ALA J 70 36.00 55.01 11.93
CA ALA J 70 36.86 53.88 12.20
C ALA J 70 37.07 53.08 10.92
N ALA J 71 36.02 52.97 10.10
CA ALA J 71 36.12 52.29 8.82
C ALA J 71 37.02 53.04 7.84
N ILE J 72 36.82 54.36 7.73
CA ILE J 72 37.64 55.23 6.89
C ILE J 72 39.12 55.15 7.27
N ASP J 73 39.40 55.24 8.57
CA ASP J 73 40.77 55.22 9.09
C ASP J 73 41.45 53.91 8.72
N TYR J 74 40.72 52.81 8.84
CA TYR J 74 41.26 51.49 8.50
C TYR J 74 41.70 51.38 7.05
N ILE J 75 40.84 51.79 6.14
CA ILE J 75 41.06 51.64 4.71
C ILE J 75 42.25 52.50 4.31
N ASN J 76 42.27 53.70 4.85
CA ASN J 76 43.35 54.65 4.64
C ASN J 76 44.69 54.08 5.11
N GLY J 77 44.65 53.31 6.19
CA GLY J 77 45.87 52.76 6.78
C GLY J 77 46.29 51.49 6.06
N ILE K 6 25.10 13.66 -27.28
CA ILE K 6 25.03 15.09 -27.53
C ILE K 6 23.73 15.43 -26.77
N GLU K 7 22.67 15.67 -27.53
CA GLU K 7 21.32 15.98 -27.05
C GLU K 7 20.91 14.84 -26.12
N GLU K 8 21.20 13.64 -26.59
CA GLU K 8 20.85 12.39 -25.94
C GLU K 8 21.48 12.31 -24.54
N ARG K 9 22.73 12.72 -24.37
CA ARG K 9 23.32 12.64 -23.02
C ARG K 9 22.55 13.63 -22.16
N VAL K 10 22.26 14.79 -22.75
CA VAL K 10 21.45 15.84 -22.11
C VAL K 10 20.05 15.33 -21.80
N LYS K 11 19.40 14.63 -22.73
CA LYS K 11 18.06 14.14 -22.47
C LYS K 11 18.01 13.14 -21.30
N LYS K 12 19.02 12.29 -21.19
CA LYS K 12 19.13 11.33 -20.10
C LYS K 12 19.34 11.94 -18.69
N ILE K 13 20.25 12.90 -18.61
CA ILE K 13 20.53 13.65 -17.38
C ILE K 13 19.30 14.36 -16.82
N ILE K 14 18.51 15.02 -17.67
CA ILE K 14 17.33 15.75 -17.24
C ILE K 14 16.42 14.73 -16.53
N GLY K 15 16.25 13.59 -17.20
CA GLY K 15 15.43 12.49 -16.73
C GLY K 15 15.92 11.89 -15.42
N GLU K 16 17.24 11.77 -15.29
CA GLU K 16 17.90 11.24 -14.11
C GLU K 16 17.69 12.10 -12.86
N GLN K 17 17.85 13.42 -13.02
CA GLN K 17 17.71 14.35 -11.92
C GLN K 17 16.28 14.33 -11.40
N LEU K 18 15.31 14.32 -12.31
CA LEU K 18 13.90 14.40 -11.94
C LEU K 18 13.24 13.08 -11.56
N GLY K 19 13.91 11.95 -11.77
CA GLY K 19 13.32 10.67 -11.37
C GLY K 19 12.14 10.24 -12.22
N VAL K 20 12.23 10.49 -13.52
CA VAL K 20 11.15 10.22 -14.47
C VAL K 20 11.66 9.20 -15.48
N LYS K 21 10.76 8.41 -16.05
CA LYS K 21 11.19 7.42 -17.02
C LYS K 21 11.64 8.15 -18.28
N GLN K 22 12.57 7.54 -19.02
CA GLN K 22 13.16 8.21 -20.17
C GLN K 22 12.12 8.60 -21.23
N GLU K 23 11.19 7.67 -21.46
CA GLU K 23 10.08 7.82 -22.42
C GLU K 23 9.20 9.04 -22.21
N GLU K 24 9.13 9.50 -20.96
CA GLU K 24 8.30 10.64 -20.56
C GLU K 24 8.98 11.97 -20.88
N VAL K 25 10.29 11.89 -21.12
CA VAL K 25 11.17 13.04 -21.28
C VAL K 25 11.11 13.46 -22.75
N THR K 26 9.95 13.97 -23.15
CA THR K 26 9.77 14.48 -24.51
C THR K 26 10.31 15.90 -24.65
N ASN K 27 10.60 16.29 -25.88
CA ASN K 27 11.28 17.54 -26.18
C ASN K 27 10.54 18.81 -25.70
N ASN K 28 9.21 18.81 -25.73
CA ASN K 28 8.47 20.01 -25.31
C ASN K 28 8.07 19.96 -23.81
N ALA K 29 8.56 18.96 -23.09
CA ALA K 29 8.17 18.85 -21.68
C ALA K 29 8.78 19.97 -20.83
N SER K 30 7.96 20.52 -19.94
CA SER K 30 8.35 21.49 -18.91
C SER K 30 8.87 20.76 -17.66
N PHE K 31 10.01 21.17 -17.11
CA PHE K 31 10.50 20.53 -15.89
C PHE K 31 9.46 20.56 -14.76
N VAL K 32 8.87 21.72 -14.50
CA VAL K 32 7.93 21.83 -13.38
C VAL K 32 6.56 21.26 -13.71
N GLU K 33 6.00 21.65 -14.86
CA GLU K 33 4.61 21.36 -15.16
C GLU K 33 4.36 19.93 -15.69
N ASP K 34 5.35 19.37 -16.37
CA ASP K 34 5.23 18.04 -16.97
C ASP K 34 6.05 16.96 -16.25
N LEU K 35 7.21 17.35 -15.75
CA LEU K 35 8.19 16.44 -15.17
C LEU K 35 8.26 16.40 -13.62
N GLY K 36 7.32 17.04 -12.93
CA GLY K 36 7.26 16.83 -11.48
C GLY K 36 8.27 17.48 -10.54
N ALA K 37 9.02 18.47 -10.99
CA ALA K 37 10.10 19.06 -10.20
C ALA K 37 9.60 19.80 -8.95
N ASP K 38 10.45 19.78 -7.92
CA ASP K 38 10.39 20.62 -6.71
C ASP K 38 11.29 21.84 -6.90
N SER K 39 11.27 22.79 -5.97
CA SER K 39 11.98 24.03 -6.23
C SER K 39 13.52 23.90 -6.25
N LEU K 40 14.05 22.96 -5.50
CA LEU K 40 15.46 22.55 -5.55
C LEU K 40 15.96 21.85 -6.84
N ASP K 41 15.14 20.95 -7.40
CA ASP K 41 15.49 20.17 -8.60
C ASP K 41 15.85 20.96 -9.84
N THR K 42 15.15 22.04 -10.15
CA THR K 42 15.45 22.71 -11.39
C THR K 42 16.84 23.34 -11.24
N VAL K 43 17.15 23.84 -10.05
CA VAL K 43 18.49 24.33 -9.73
C VAL K 43 19.58 23.24 -9.78
N GLU K 44 19.30 22.10 -9.15
CA GLU K 44 20.22 20.96 -9.13
C GLU K 44 20.50 20.36 -10.50
N LEU K 45 19.50 20.40 -11.36
CA LEU K 45 19.65 19.92 -12.72
C LEU K 45 20.64 20.73 -13.54
N VAL K 46 20.58 22.06 -13.46
CA VAL K 46 21.56 22.91 -14.15
C VAL K 46 22.95 22.56 -13.66
N MET K 47 23.09 22.38 -12.36
CA MET K 47 24.33 21.98 -11.74
C MET K 47 24.82 20.64 -12.31
N ALA K 48 23.92 19.69 -12.57
CA ALA K 48 24.34 18.40 -13.11
C ALA K 48 24.90 18.55 -14.52
N LEU K 49 24.33 19.44 -15.33
CA LEU K 49 24.88 19.72 -16.67
C LEU K 49 26.25 20.38 -16.52
N GLU K 50 26.39 21.24 -15.52
CA GLU K 50 27.69 21.87 -15.25
C GLU K 50 28.76 20.82 -14.98
N GLU K 51 28.42 19.80 -14.20
CA GLU K 51 29.39 18.77 -13.89
C GLU K 51 29.72 17.89 -15.10
N GLU K 52 28.70 17.41 -15.81
CA GLU K 52 28.92 16.48 -16.90
C GLU K 52 29.71 17.15 -18.03
N PHE K 53 29.45 18.44 -18.26
CA PHE K 53 29.99 19.15 -19.43
C PHE K 53 31.02 20.21 -19.04
N ASP K 54 31.39 20.26 -17.76
CA ASP K 54 32.44 21.16 -17.28
C ASP K 54 32.28 22.62 -17.74
N THR K 55 31.15 23.25 -17.43
CA THR K 55 30.87 24.61 -17.95
C THR K 55 30.07 25.49 -16.99
N GLU K 56 30.34 26.80 -17.04
CA GLU K 56 29.62 27.80 -16.25
C GLU K 56 28.52 28.58 -17.02
N ILE K 57 27.32 28.50 -16.45
CA ILE K 57 26.05 29.04 -16.99
C ILE K 57 25.62 30.34 -16.31
N PRO K 58 25.60 31.47 -17.05
CA PRO K 58 25.18 32.70 -16.35
C PRO K 58 23.73 32.59 -15.87
N ASP K 59 23.47 33.21 -14.73
CA ASP K 59 22.16 33.11 -14.08
C ASP K 59 20.98 33.68 -14.86
N GLU K 60 21.24 34.60 -15.78
CA GLU K 60 20.19 35.11 -16.66
C GLU K 60 19.61 34.00 -17.53
N GLU K 61 20.48 33.08 -17.96
CA GLU K 61 20.08 31.94 -18.77
C GLU K 61 19.57 30.75 -17.97
N ALA K 62 20.12 30.49 -16.78
CA ALA K 62 19.63 29.34 -16.03
C ALA K 62 18.13 29.59 -15.81
N GLU K 63 17.79 30.85 -15.59
CA GLU K 63 16.42 31.28 -15.33
C GLU K 63 15.47 31.06 -16.52
N LYS K 64 16.02 31.00 -17.73
CA LYS K 64 15.19 30.80 -18.92
C LYS K 64 15.02 29.33 -19.29
N ILE K 65 15.68 28.46 -18.54
CA ILE K 65 15.63 27.01 -18.76
C ILE K 65 14.49 26.35 -17.99
N THR K 66 13.32 26.19 -18.61
CA THR K 66 12.17 25.66 -17.88
C THR K 66 11.65 24.41 -18.59
N THR K 67 12.19 24.13 -19.77
CA THR K 67 11.80 22.94 -20.52
C THR K 67 13.07 22.19 -20.93
N VAL K 68 12.93 20.92 -21.29
CA VAL K 68 14.02 20.10 -21.81
C VAL K 68 14.70 20.73 -23.05
N GLN K 69 13.88 21.16 -24.01
CA GLN K 69 14.38 21.73 -25.27
C GLN K 69 15.26 22.95 -25.06
N ALA K 70 14.89 23.82 -24.12
CA ALA K 70 15.66 25.02 -23.83
C ALA K 70 17.07 24.63 -23.37
N ALA K 71 17.15 23.56 -22.59
CA ALA K 71 18.44 23.04 -22.12
C ALA K 71 19.29 22.48 -23.26
N ILE K 72 18.64 21.69 -24.13
CA ILE K 72 19.27 21.12 -25.32
C ILE K 72 19.89 22.17 -26.23
N ASP K 73 19.12 23.22 -26.52
CA ASP K 73 19.60 24.27 -27.42
C ASP K 73 20.87 24.90 -26.87
N TYR K 74 20.88 25.17 -25.56
CA TYR K 74 22.05 25.75 -24.93
C TYR K 74 23.26 24.83 -25.08
N ASP L 38 29.77 13.08 20.46
CA ASP L 38 28.39 13.06 19.97
C ASP L 38 28.41 12.89 18.44
N SER L 39 27.32 13.29 17.78
CA SER L 39 27.17 13.08 16.34
C SER L 39 28.25 13.79 15.52
N LEU L 40 28.57 15.02 15.89
CA LEU L 40 29.51 15.82 15.09
C LEU L 40 30.95 15.77 15.60
N ASP L 41 31.17 15.20 16.77
CA ASP L 41 32.52 15.16 17.36
C ASP L 41 33.52 14.42 16.49
N THR L 42 33.16 13.21 16.08
CA THR L 42 34.04 12.34 15.30
C THR L 42 34.51 13.03 14.01
N VAL L 43 33.57 13.68 13.33
CA VAL L 43 33.87 14.32 12.05
C VAL L 43 34.72 15.57 12.27
N GLU L 44 34.66 16.13 13.48
CA GLU L 44 35.28 17.42 13.78
C GLU L 44 36.75 17.32 14.22
N LEU L 45 37.44 16.25 13.85
CA LEU L 45 38.88 16.12 14.09
C LEU L 45 39.63 15.68 12.84
N VAL L 46 38.90 15.08 11.90
CA VAL L 46 39.43 14.88 10.56
C VAL L 46 39.73 16.26 9.98
N MET L 47 38.97 17.25 10.46
CA MET L 47 39.17 18.66 10.09
C MET L 47 40.59 19.11 10.39
#